data_1E6V
#
_entry.id   1E6V
#
_cell.length_a   80.519
_cell.length_b   115.740
_cell.length_c   268.510
_cell.angle_alpha   90.00
_cell.angle_beta   90.00
_cell.angle_gamma   90.00
#
_symmetry.space_group_name_H-M   'P 21 21 21'
#
loop_
_entity.id
_entity.type
_entity.pdbx_description
1 polymer 'METHYL-COENZYME M REDUCTASE I ALPHA SUBUNIT'
2 polymer 'METHYL-COENZYME M REDUCTASE I BETA SUBUNIT'
3 polymer 'METHYL-COENZYME M REDUCTASE I GAMMA SUBUNIT'
4 non-polymer 'FACTOR 430'
5 non-polymer 'Coenzyme B'
6 non-polymer '1-THIOETHANESULFONIC ACID'
#
loop_
_entity_poly.entity_id
_entity_poly.type
_entity_poly.pdbx_seq_one_letter_code
_entity_poly.pdbx_strand_id
1 'polypeptide(L)'
;MSSAEEKLFMKALKEKFEESPEEKYTKFYIFGGWKQSERKKEFKEWADKIVEERGVPHYNPDIGVPLGQRKLMSYQVSGT
DVFVEGDDLTFVNNAAMQQMWDDIRRTVIVGMDTAHRVLERRLGKEVTPETINEYMETLNHALPGGAVVQEHMVEIHPGL
TWDCYAKIITGDLELADEIDDKFLIDIEKLFPEEQAEQLIKAIGNRTYQVCRMPTIVGHVCDGATMYRWAAMQIAMSFIC
AYKIAAGEAAVSDFAFASKHAEVINMGEMLPARRARGENEPGGVPFGVLADCVQTMRKYPDDPAKVALEVIAAGAMLYDQ
IWLGSYMSGGVGFTQYATAVYPDNILDDYVYYGLEYVEDKYGIAEAEPSMDVVKDVATEVTLYGLEQYERYPAAMETHFG
GSQRAAVCAAAAGCSTAFATGHAQAGLNGWYLSQILHKEGQGRLGFYGYALQDQCGAANSLSVRSDEGLPLELRGPNYPN
YAMNVGHLGEYAGIVQAAHAARGDAFCVHPVIKVAFADENLVFDFTEPRKEFAKGALREFEPAGERDLIVPAE
;
A,D
2 'polypeptide(L)'
;MAREAKDTVDLYDDRGNCVAEEVPIEVLSPMRNEAIQSIVNDIKRTVAVDLEGIENALQNATVGGKGMKIPGREMDVDIV
DNAEAIADEIEKMIRVYQDDDTNVEPMYDGKRLLVQLPSERVKVMADPYSGTLQAGMAVVHAIIDVCEVDMWDANMVKAA
VFGRYPQTIDYFGGNVASMLDVPMKQEGVGYALRNIMVNHIVAATRKNTMQAVCLAATLQQTAMFEMGDALGPFERLHLL
GYAYQGLNADNMVYDIVKKHGKEGTVGTVVREVVERALEDGVIEVKEELPSFKVYKANDMDLWNAYAAAGLVAAVMVNQG
AARAAQGVSATILYYNDLLEYETGLPGVDFGRAEGTAVGFSFFSHSIYGGGGPGIFHGNHIVTRHSKGFAIPPVAAAMAL
DAGTQMFSPEVTSKLIGDVFGEIDEFREPMKYITEAAAEEAKR
;
B,E
3 'polypeptide(L)'
;MAEKAQFYYPGETDVAENRRKYMNPNYELKKLREIPDEDIVRLMGHREPGEEYPSVHPPLEEMEEPECPIRELVEPTEGA
KAGDRIRYIQFTDSVYFAPIHPYIRARMYMWRYRGVDTGSLSGRQIIEVRERDLEKIAKELLETEIFDPARSGVRGATVH
GHALRLDENGLMLHALRRYRLNEETGEVEYVKDQVGIELDEPIPVGAPADEDDLKERTTIYRIDGTPYREDEELLQVVQR
IHELRTLAGYRPEEAEGK
;
C,F
#
# COMPACT_ATOMS: atom_id res chain seq x y z
N LEU A 8 -19.10 -20.05 -36.52
CA LEU A 8 -18.72 -20.41 -35.12
C LEU A 8 -19.73 -19.90 -34.10
N PHE A 9 -20.26 -18.71 -34.34
CA PHE A 9 -21.27 -18.17 -33.45
C PHE A 9 -22.72 -18.39 -33.86
N MET A 10 -22.92 -19.15 -34.94
CA MET A 10 -24.26 -19.36 -35.47
C MET A 10 -25.10 -20.30 -34.60
N LYS A 11 -24.51 -21.42 -34.18
CA LYS A 11 -25.20 -22.42 -33.37
C LYS A 11 -25.77 -21.81 -32.09
N ALA A 12 -24.97 -20.99 -31.43
CA ALA A 12 -25.39 -20.30 -30.21
C ALA A 12 -26.41 -19.20 -30.50
N LEU A 13 -26.23 -18.50 -31.63
CA LEU A 13 -27.15 -17.43 -32.02
C LEU A 13 -28.54 -17.96 -32.37
N LYS A 14 -28.61 -19.21 -32.82
CA LYS A 14 -29.89 -19.82 -33.14
C LYS A 14 -30.53 -20.51 -31.93
N GLU A 15 -29.74 -20.78 -30.90
CA GLU A 15 -30.27 -21.32 -29.66
C GLU A 15 -30.83 -20.23 -28.74
N LYS A 16 -30.18 -19.07 -28.75
CA LYS A 16 -30.59 -17.94 -27.93
C LYS A 16 -31.80 -17.21 -28.50
N PHE A 17 -31.92 -17.24 -29.83
CA PHE A 17 -32.92 -16.44 -30.53
C PHE A 17 -33.85 -17.29 -31.41
N GLU A 18 -35.15 -17.10 -31.21
CA GLU A 18 -36.18 -17.79 -31.99
C GLU A 18 -36.01 -17.49 -33.48
N GLU A 19 -35.88 -16.21 -33.81
CA GLU A 19 -35.79 -15.73 -35.18
C GLU A 19 -34.49 -16.18 -35.86
N SER A 20 -34.42 -15.97 -37.17
CA SER A 20 -33.17 -16.09 -37.91
C SER A 20 -32.19 -15.03 -37.37
N PRO A 21 -30.89 -15.35 -37.33
CA PRO A 21 -29.88 -14.37 -36.87
C PRO A 21 -29.89 -13.10 -37.73
N GLU A 22 -30.47 -13.22 -38.92
CA GLU A 22 -30.45 -12.17 -39.94
C GLU A 22 -31.52 -11.11 -39.71
N GLU A 23 -32.64 -11.52 -39.12
CA GLU A 23 -33.80 -10.66 -38.94
C GLU A 23 -33.53 -9.46 -38.03
N LYS A 24 -34.16 -8.33 -38.37
CA LYS A 24 -33.97 -7.08 -37.63
C LYS A 24 -35.10 -6.80 -36.66
N TYR A 25 -36.12 -7.66 -36.63
CA TYR A 25 -37.33 -7.42 -35.84
C TYR A 25 -37.69 -8.58 -34.92
N THR A 26 -38.33 -8.24 -33.80
CA THR A 26 -38.79 -9.21 -32.81
C THR A 26 -39.81 -8.59 -31.87
N LYS A 27 -40.33 -9.42 -30.97
CA LYS A 27 -41.27 -8.95 -29.97
C LYS A 27 -40.63 -8.73 -28.59
N PHE A 28 -41.10 -7.70 -27.90
CA PHE A 28 -40.66 -7.43 -26.53
C PHE A 28 -41.87 -7.37 -25.60
N TYR A 29 -41.61 -7.13 -24.31
CA TYR A 29 -42.65 -6.85 -23.32
C TYR A 29 -43.61 -8.02 -23.11
N ILE A 30 -43.15 -9.22 -23.49
CA ILE A 30 -44.01 -10.40 -23.53
C ILE A 30 -43.16 -11.62 -23.12
N PHE A 31 -42.70 -11.59 -21.88
CA PHE A 31 -41.88 -12.66 -21.32
C PHE A 31 -42.22 -12.88 -19.85
N GLY A 32 -43.03 -11.99 -19.30
CA GLY A 32 -43.41 -12.10 -17.90
C GLY A 32 -42.54 -11.26 -16.98
N GLY A 33 -41.74 -10.37 -17.58
CA GLY A 33 -40.85 -9.52 -16.80
C GLY A 33 -39.76 -10.30 -16.09
N TRP A 34 -39.48 -9.89 -14.86
CA TRP A 34 -38.45 -10.51 -14.00
C TRP A 34 -38.54 -12.04 -14.01
N LYS A 35 -39.76 -12.55 -13.93
CA LYS A 35 -39.96 -13.94 -13.51
C LYS A 35 -39.91 -14.97 -14.64
N GLN A 36 -39.22 -14.63 -15.72
CA GLN A 36 -39.02 -15.55 -16.83
C GLN A 36 -37.84 -16.47 -16.55
N SER A 37 -37.00 -16.09 -15.59
CA SER A 37 -35.71 -16.74 -15.40
C SER A 37 -35.64 -17.61 -14.14
N GLU A 38 -35.15 -18.84 -14.34
CA GLU A 38 -34.99 -19.82 -13.27
C GLU A 38 -34.18 -19.28 -12.10
N ARG A 39 -33.07 -18.62 -12.40
CA ARG A 39 -32.16 -18.10 -11.39
C ARG A 39 -32.80 -17.00 -10.55
N LYS A 40 -33.34 -15.99 -11.24
CA LYS A 40 -33.88 -14.82 -10.57
C LYS A 40 -35.07 -15.15 -9.68
N LYS A 41 -35.80 -16.20 -10.04
CA LYS A 41 -36.83 -16.76 -9.16
C LYS A 41 -36.21 -17.35 -7.90
N GLU A 42 -35.16 -18.14 -8.07
CA GLU A 42 -34.45 -18.74 -6.94
C GLU A 42 -34.02 -17.67 -5.95
N PHE A 43 -33.52 -16.56 -6.48
CA PHE A 43 -33.00 -15.48 -5.67
C PHE A 43 -34.07 -14.84 -4.78
N LYS A 44 -35.28 -14.70 -5.29
CA LYS A 44 -36.37 -14.12 -4.50
C LYS A 44 -36.80 -15.06 -3.38
N GLU A 45 -36.87 -16.35 -3.69
CA GLU A 45 -37.16 -17.37 -2.69
C GLU A 45 -36.24 -17.23 -1.49
N TRP A 46 -34.95 -17.18 -1.76
CA TRP A 46 -33.94 -17.06 -0.72
C TRP A 46 -34.01 -15.71 -0.01
N ALA A 47 -34.30 -14.66 -0.77
CA ALA A 47 -34.50 -13.33 -0.21
C ALA A 47 -35.66 -13.34 0.80
N ASP A 48 -36.77 -13.97 0.40
CA ASP A 48 -37.95 -14.08 1.26
C ASP A 48 -37.64 -14.78 2.58
N LYS A 49 -36.94 -15.91 2.50
CA LYS A 49 -36.56 -16.67 3.69
C LYS A 49 -35.60 -15.86 4.56
N ILE A 50 -34.75 -15.07 3.91
CA ILE A 50 -33.78 -14.25 4.62
C ILE A 50 -34.47 -13.13 5.40
N VAL A 51 -35.33 -12.38 4.73
CA VAL A 51 -36.05 -11.26 5.35
C VAL A 51 -36.96 -11.73 6.49
N GLU A 52 -37.55 -12.92 6.31
CA GLU A 52 -38.40 -13.55 7.32
C GLU A 52 -37.63 -13.78 8.61
N GLU A 53 -36.53 -14.52 8.51
CA GLU A 53 -35.62 -14.75 9.64
C GLU A 53 -34.94 -13.49 10.16
N ARG A 54 -34.73 -12.52 9.29
CA ARG A 54 -33.86 -11.37 9.54
C ARG A 54 -34.65 -10.18 10.09
N GLY A 55 -35.45 -9.57 9.21
CA GLY A 55 -36.26 -8.44 9.61
C GLY A 55 -35.85 -7.17 8.88
N VAL A 56 -34.91 -7.29 7.96
CA VAL A 56 -34.49 -6.14 7.16
C VAL A 56 -34.65 -6.51 5.69
N PRO A 57 -35.36 -5.69 4.91
CA PRO A 57 -35.57 -6.11 3.50
C PRO A 57 -34.28 -6.33 2.72
N HIS A 58 -34.33 -7.25 1.77
CA HIS A 58 -33.15 -7.67 1.00
C HIS A 58 -33.53 -7.52 -0.46
N TYR A 59 -33.20 -8.54 -1.24
CA TYR A 59 -33.37 -8.52 -2.67
C TYR A 59 -34.86 -8.37 -3.03
N ASN A 60 -35.15 -7.50 -3.98
CA ASN A 60 -36.53 -7.20 -4.31
C ASN A 60 -36.65 -6.78 -5.76
N PRO A 61 -37.10 -7.70 -6.63
CA PRO A 61 -37.40 -7.45 -8.04
C PRO A 61 -38.11 -6.13 -8.32
N ASP A 62 -39.09 -5.78 -7.50
CA ASP A 62 -39.98 -4.66 -7.77
C ASP A 62 -39.37 -3.28 -7.49
N ILE A 63 -38.09 -3.25 -7.13
CA ILE A 63 -37.44 -1.97 -6.86
C ILE A 63 -36.73 -1.44 -8.11
N GLY A 64 -37.03 -0.19 -8.43
CA GLY A 64 -36.49 0.42 -9.63
C GLY A 64 -36.94 -0.30 -10.90
N VAL A 65 -35.95 -0.86 -11.59
CA VAL A 65 -36.14 -1.37 -12.94
C VAL A 65 -36.68 -2.79 -13.01
N PRO A 66 -37.71 -3.01 -13.84
CA PRO A 66 -38.22 -4.34 -14.13
C PRO A 66 -37.38 -5.06 -15.17
N LEU A 67 -36.48 -5.92 -14.71
CA LEU A 67 -35.62 -6.71 -15.59
C LEU A 67 -36.45 -7.66 -16.44
N GLY A 68 -36.03 -7.85 -17.69
CA GLY A 68 -36.69 -8.80 -18.56
C GLY A 68 -37.90 -8.27 -19.29
N GLN A 69 -37.81 -7.05 -19.81
CA GLN A 69 -38.78 -6.57 -20.79
C GLN A 69 -38.35 -7.03 -22.18
N ARG A 70 -37.05 -7.31 -22.31
CA ARG A 70 -36.54 -8.16 -23.38
C ARG A 70 -36.33 -9.55 -22.81
N LYS A 71 -36.21 -10.55 -23.68
CA LYS A 71 -35.80 -11.87 -23.26
C LYS A 71 -34.39 -11.80 -22.67
N LEU A 72 -34.23 -12.35 -21.48
CA LEU A 72 -32.92 -12.39 -20.83
C LEU A 72 -32.15 -13.61 -21.31
N MET A 73 -30.94 -13.37 -21.83
CA MET A 73 -30.21 -14.37 -22.57
C MET A 73 -29.62 -15.49 -21.72
N SER A 74 -29.49 -16.66 -22.34
CA SER A 74 -28.55 -17.68 -21.88
C SER A 74 -27.25 -17.49 -22.65
N TYR A 75 -26.17 -18.08 -22.14
CA TYR A 75 -24.87 -17.97 -22.78
C TYR A 75 -24.18 -19.32 -22.87
N GLN A 76 -23.86 -19.74 -24.09
CA GLN A 76 -22.94 -20.86 -24.27
C GLN A 76 -21.53 -20.38 -23.98
N VAL A 77 -20.92 -20.92 -22.94
CA VAL A 77 -19.50 -20.67 -22.68
C VAL A 77 -18.75 -21.15 -23.92
N SER A 78 -18.01 -20.25 -24.57
CA SER A 78 -17.38 -20.58 -25.85
C SER A 78 -16.50 -21.81 -25.72
N GLY A 79 -16.50 -22.63 -26.77
CA GLY A 79 -15.70 -23.83 -26.77
C GLY A 79 -16.39 -24.99 -26.10
N THR A 80 -17.54 -24.74 -25.48
CA THR A 80 -18.31 -25.80 -24.83
C THR A 80 -19.72 -25.90 -25.40
N ASP A 81 -20.51 -26.83 -24.85
CA ASP A 81 -21.89 -27.01 -25.26
C ASP A 81 -22.81 -26.83 -24.05
N VAL A 82 -22.34 -26.01 -23.10
CA VAL A 82 -23.09 -25.68 -21.90
C VAL A 82 -23.70 -24.28 -22.04
N PHE A 83 -25.02 -24.22 -21.91
CA PHE A 83 -25.76 -22.97 -21.93
C PHE A 83 -26.29 -22.64 -20.54
N VAL A 84 -25.97 -21.46 -20.04
CA VAL A 84 -26.36 -21.05 -18.70
C VAL A 84 -26.82 -19.59 -18.66
N GLU A 85 -27.59 -19.24 -17.65
CA GLU A 85 -28.00 -17.85 -17.43
C GLU A 85 -26.80 -16.99 -17.08
N GLY A 86 -26.89 -15.70 -17.38
CA GLY A 86 -25.80 -14.79 -17.06
C GLY A 86 -25.44 -14.77 -15.60
N ASP A 87 -26.44 -15.02 -14.76
CA ASP A 87 -26.30 -14.94 -13.31
C ASP A 87 -25.37 -16.02 -12.73
N ASP A 88 -25.09 -17.04 -13.53
CA ASP A 88 -24.22 -18.13 -13.11
C ASP A 88 -22.76 -17.92 -13.51
N LEU A 89 -22.44 -16.71 -13.96
CA LEU A 89 -21.08 -16.40 -14.39
C LEU A 89 -20.53 -15.17 -13.67
N THR A 90 -21.31 -14.63 -12.74
CA THR A 90 -20.79 -13.69 -11.74
C THR A 90 -19.81 -14.46 -10.87
N PHE A 91 -18.65 -13.87 -10.60
CA PHE A 91 -17.63 -14.56 -9.83
C PHE A 91 -18.10 -14.96 -8.43
N VAL A 92 -18.96 -14.12 -7.83
CA VAL A 92 -19.52 -14.41 -6.51
C VAL A 92 -20.48 -15.60 -6.52
N ASN A 93 -21.11 -15.84 -7.68
CA ASN A 93 -22.04 -16.96 -7.84
C ASN A 93 -21.35 -18.22 -8.35
N ASN A 94 -20.08 -18.11 -8.71
CA ASN A 94 -19.35 -19.15 -9.41
C ASN A 94 -18.10 -19.53 -8.61
N ALA A 95 -18.02 -20.79 -8.21
CA ALA A 95 -16.95 -21.25 -7.32
C ALA A 95 -15.63 -21.44 -8.07
N ALA A 96 -15.70 -21.87 -9.32
CA ALA A 96 -14.52 -22.06 -10.15
C ALA A 96 -13.79 -20.76 -10.39
N MET A 97 -14.55 -19.69 -10.63
CA MET A 97 -14.01 -18.36 -10.82
C MET A 97 -13.28 -17.86 -9.58
N GLN A 98 -13.86 -18.13 -8.42
CA GLN A 98 -13.24 -17.80 -7.15
C GLN A 98 -11.99 -18.65 -6.91
N GLN A 99 -12.06 -19.91 -7.30
CA GLN A 99 -10.93 -20.82 -7.09
C GLN A 99 -9.76 -20.57 -8.03
N MET A 100 -10.02 -20.00 -9.20
CA MET A 100 -8.93 -19.63 -10.10
C MET A 100 -8.09 -18.54 -9.46
N TRP A 101 -8.75 -17.49 -8.98
CA TRP A 101 -8.07 -16.42 -8.29
C TRP A 101 -7.36 -16.93 -7.05
N ASP A 102 -8.03 -17.82 -6.31
CA ASP A 102 -7.48 -18.38 -5.08
C ASP A 102 -6.16 -19.07 -5.32
N ASP A 103 -6.10 -19.90 -6.36
CA ASP A 103 -4.89 -20.66 -6.69
C ASP A 103 -3.72 -19.77 -7.10
N ILE A 104 -4.01 -18.63 -7.72
CA ILE A 104 -2.97 -17.69 -8.12
C ILE A 104 -2.48 -16.90 -6.92
N ARG A 105 -3.43 -16.39 -6.13
CA ARG A 105 -3.10 -15.58 -4.96
C ARG A 105 -2.28 -16.37 -3.92
N ARG A 106 -2.60 -17.65 -3.76
CA ARG A 106 -1.95 -18.47 -2.74
C ARG A 106 -0.65 -19.12 -3.21
N THR A 107 -0.17 -18.71 -4.38
CA THR A 107 1.07 -19.25 -4.93
C THR A 107 2.26 -18.30 -4.72
N VAL A 108 3.27 -18.80 -4.03
CA VAL A 108 4.57 -18.13 -3.94
C VAL A 108 5.70 -19.11 -4.27
N ILE A 109 6.66 -18.65 -5.06
CA ILE A 109 7.81 -19.47 -5.45
C ILE A 109 9.10 -18.85 -4.90
N VAL A 110 9.90 -19.67 -4.23
CA VAL A 110 11.09 -19.20 -3.54
C VAL A 110 12.36 -19.93 -4.00
N GLY A 111 13.40 -19.16 -4.27
CA GLY A 111 14.69 -19.75 -4.64
C GLY A 111 15.32 -20.53 -3.49
N MET A 112 15.93 -21.66 -3.81
CA MET A 112 16.51 -22.53 -2.79
C MET A 112 18.05 -22.45 -2.75
N ASP A 113 18.63 -21.78 -3.74
CA ASP A 113 20.07 -21.81 -3.94
C ASP A 113 20.89 -21.15 -2.83
N THR A 114 20.64 -19.87 -2.55
CA THR A 114 21.41 -19.19 -1.50
C THR A 114 21.10 -19.71 -0.10
N ALA A 115 19.87 -20.19 0.09
CA ALA A 115 19.49 -20.86 1.33
C ALA A 115 20.40 -22.05 1.60
N HIS A 116 20.52 -22.92 0.60
CA HIS A 116 21.38 -24.10 0.69
C HIS A 116 22.86 -23.72 0.84
N ARG A 117 23.24 -22.61 0.22
CA ARG A 117 24.59 -22.07 0.37
C ARG A 117 24.87 -21.66 1.81
N VAL A 118 23.88 -21.06 2.46
CA VAL A 118 23.98 -20.63 3.85
C VAL A 118 24.26 -21.83 4.77
N LEU A 119 23.47 -22.88 4.60
CA LEU A 119 23.59 -24.09 5.40
C LEU A 119 25.02 -24.63 5.39
N GLU A 120 25.66 -24.56 4.24
CA GLU A 120 27.02 -25.08 4.08
C GLU A 120 28.07 -24.05 4.50
N ARG A 121 28.05 -22.87 3.87
CA ARG A 121 29.08 -21.85 4.10
C ARG A 121 29.05 -21.25 5.50
N ARG A 122 27.87 -21.20 6.12
CA ARG A 122 27.73 -20.54 7.42
C ARG A 122 27.34 -21.47 8.57
N LEU A 123 26.49 -22.46 8.29
CA LEU A 123 25.99 -23.35 9.33
C LEU A 123 26.70 -24.70 9.34
N GLY A 124 27.45 -24.98 8.27
CA GLY A 124 28.29 -26.16 8.20
C GLY A 124 27.55 -27.47 8.11
N LYS A 125 26.51 -27.51 7.28
CA LYS A 125 25.70 -28.71 7.10
C LYS A 125 25.61 -29.06 5.62
N GLU A 126 25.74 -30.34 5.30
CA GLU A 126 25.74 -30.78 3.90
C GLU A 126 24.34 -30.82 3.31
N VAL A 127 24.23 -30.33 2.08
CA VAL A 127 22.96 -30.34 1.35
C VAL A 127 23.05 -31.33 0.20
N THR A 128 22.23 -32.38 0.28
CA THR A 128 22.22 -33.47 -0.70
C THR A 128 20.77 -33.80 -1.04
N PRO A 129 20.53 -34.58 -2.10
CA PRO A 129 19.15 -34.93 -2.46
C PRO A 129 18.41 -35.66 -1.34
N GLU A 130 19.16 -36.47 -0.59
CA GLU A 130 18.59 -37.22 0.52
C GLU A 130 18.01 -36.28 1.58
N THR A 131 18.76 -35.24 1.93
CA THR A 131 18.31 -34.24 2.89
C THR A 131 17.24 -33.31 2.32
N ILE A 132 17.29 -33.08 1.02
CA ILE A 132 16.34 -32.21 0.34
C ILE A 132 14.94 -32.83 0.32
N ASN A 133 14.89 -34.15 0.13
CA ASN A 133 13.64 -34.90 0.20
C ASN A 133 13.07 -34.92 1.63
N GLU A 134 13.93 -35.23 2.59
CA GLU A 134 13.58 -35.14 4.00
C GLU A 134 12.97 -33.78 4.32
N TYR A 135 13.61 -32.73 3.78
CA TYR A 135 13.14 -31.36 3.94
C TYR A 135 11.73 -31.14 3.42
N MET A 136 11.40 -31.77 2.28
CA MET A 136 10.10 -31.58 1.65
C MET A 136 8.99 -32.36 2.37
N GLU A 137 9.32 -33.51 2.93
CA GLU A 137 8.40 -34.23 3.82
C GLU A 137 8.01 -33.33 4.98
N THR A 138 9.01 -32.59 5.46
CA THR A 138 8.85 -31.66 6.58
C THR A 138 8.02 -30.44 6.19
N LEU A 139 8.37 -29.82 5.06
CA LEU A 139 7.69 -28.63 4.57
C LEU A 139 6.20 -28.90 4.32
N ASN A 140 5.90 -30.12 3.88
CA ASN A 140 4.52 -30.50 3.61
C ASN A 140 3.75 -30.90 4.87
N HIS A 141 4.49 -31.06 5.98
CA HIS A 141 3.88 -31.14 7.30
C HIS A 141 3.71 -29.73 7.86
N ALA A 142 4.68 -28.87 7.58
CA ALA A 142 4.78 -27.55 8.21
C ALA A 142 3.93 -26.46 7.53
N LEU A 143 3.85 -26.50 6.21
CA LEU A 143 3.10 -25.50 5.45
C LEU A 143 1.63 -25.40 5.87
N PRO A 144 0.92 -26.54 6.00
CA PRO A 144 -0.51 -26.49 6.36
C PRO A 144 -0.76 -26.16 7.84
N GLY A 145 0.32 -26.03 8.61
CA GLY A 145 0.20 -25.62 9.99
C GLY A 145 0.62 -26.68 10.99
N GLY A 146 1.58 -27.52 10.60
CA GLY A 146 2.06 -28.56 11.50
C GLY A 146 3.32 -28.16 12.25
N ALA A 147 3.52 -28.75 13.43
CA ALA A 147 4.61 -28.36 14.33
C ALA A 147 5.85 -29.24 14.17
N VAL A 148 7.01 -28.61 14.13
CA VAL A 148 8.26 -29.34 13.93
C VAL A 148 9.32 -29.15 15.02
N VAL A 149 9.21 -28.08 15.81
CA VAL A 149 10.25 -27.78 16.81
C VAL A 149 9.80 -27.58 18.26
N GLN A 150 8.78 -26.76 18.49
CA GLN A 150 8.38 -26.44 19.86
C GLN A 150 7.38 -27.43 20.46
N GLU A 151 7.58 -27.75 21.74
CA GLU A 151 6.60 -28.55 22.47
C GLU A 151 5.39 -27.70 22.84
N HIS A 152 4.24 -28.37 22.97
CA HIS A 152 2.95 -27.75 23.27
C HIS A 152 2.46 -26.77 22.20
N MET A 153 2.60 -27.18 20.94
CA MET A 153 2.10 -26.37 19.84
C MET A 153 0.71 -26.82 19.39
N VAL A 154 -0.18 -25.85 19.26
CA VAL A 154 -1.49 -26.08 18.65
C VAL A 154 -1.34 -26.06 17.14
N GLU A 155 -2.25 -26.70 16.43
CA GLU A 155 -2.09 -26.89 14.99
C GLU A 155 -3.38 -26.64 14.23
N ILE A 156 -3.26 -26.57 12.91
CA ILE A 156 -4.38 -26.24 12.04
C ILE A 156 -4.99 -27.52 11.46
N HIS A 157 -6.32 -27.53 11.35
CA HIS A 157 -7.06 -28.69 10.84
C HIS A 157 -6.72 -28.94 9.37
N PRO A 158 -6.09 -30.09 9.07
CA PRO A 158 -5.77 -30.51 7.70
C PRO A 158 -6.99 -30.59 6.79
N GLY A 159 -8.16 -30.79 7.38
CA GLY A 159 -9.39 -30.85 6.61
C GLY A 159 -9.75 -29.51 5.97
N LEU A 160 -9.23 -28.43 6.54
CA LEU A 160 -9.48 -27.09 6.02
C LEU A 160 -8.42 -26.70 4.99
N THR A 161 -7.30 -27.43 4.99
CA THR A 161 -6.11 -27.05 4.24
C THR A 161 -5.66 -28.10 3.23
N TRP A 162 -6.55 -29.02 2.87
CA TRP A 162 -6.20 -30.15 2.01
C TRP A 162 -5.64 -29.77 0.65
N ASP A 163 -5.53 -28.47 0.39
CA ASP A 163 -5.09 -27.96 -0.90
C ASP A 163 -3.71 -27.31 -0.80
N CYS A 164 -3.18 -27.25 0.41
CA CYS A 164 -1.87 -26.67 0.65
C CYS A 164 -0.78 -27.72 0.49
N TYR A 165 0.34 -27.31 -0.12
CA TYR A 165 1.48 -28.20 -0.34
C TYR A 165 2.64 -27.46 -0.97
N ALA A 166 3.77 -28.15 -1.12
CA ALA A 166 4.93 -27.61 -1.82
C ALA A 166 5.58 -28.64 -2.73
N LYS A 167 6.22 -28.14 -3.79
CA LYS A 167 6.93 -28.97 -4.75
C LYS A 167 8.20 -28.24 -5.19
N ILE A 168 9.09 -28.94 -5.87
CA ILE A 168 10.33 -28.36 -6.35
C ILE A 168 10.30 -28.17 -7.86
N ILE A 169 10.70 -27.00 -8.32
CA ILE A 169 11.05 -26.79 -9.72
C ILE A 169 12.56 -26.61 -9.81
N THR A 170 13.19 -27.30 -10.75
CA THR A 170 14.63 -27.20 -10.94
C THR A 170 15.03 -27.50 -12.38
N GLY A 171 15.82 -26.61 -12.97
CA GLY A 171 16.39 -26.82 -14.28
C GLY A 171 17.65 -27.68 -14.23
N ASP A 172 18.16 -27.92 -13.02
CA ASP A 172 19.24 -28.87 -12.81
C ASP A 172 18.67 -30.28 -12.91
N LEU A 173 18.69 -30.83 -14.12
CA LEU A 173 18.04 -32.11 -14.41
C LEU A 173 18.65 -33.28 -13.65
N GLU A 174 19.88 -33.09 -13.17
CA GLU A 174 20.57 -34.12 -12.41
C GLU A 174 20.05 -34.22 -10.98
N LEU A 175 19.61 -33.08 -10.43
CA LEU A 175 18.95 -33.06 -9.13
C LEU A 175 17.47 -33.45 -9.27
N ALA A 176 16.90 -33.17 -10.44
CA ALA A 176 15.47 -33.34 -10.68
C ALA A 176 15.02 -34.79 -10.54
N ASP A 177 15.81 -35.71 -11.10
CA ASP A 177 15.55 -37.12 -10.93
C ASP A 177 16.48 -37.68 -9.85
N GLU A 178 16.46 -37.01 -8.71
CA GLU A 178 16.94 -37.54 -7.44
C GLU A 178 15.92 -37.15 -6.38
N ILE A 179 15.03 -36.22 -6.74
CA ILE A 179 13.93 -35.79 -5.90
C ILE A 179 12.74 -36.73 -6.09
N ASP A 180 12.13 -37.14 -4.97
CA ASP A 180 10.86 -37.87 -4.97
C ASP A 180 9.91 -37.28 -5.99
N ASP A 181 9.34 -38.14 -6.83
CA ASP A 181 8.43 -37.70 -7.88
C ASP A 181 7.24 -36.91 -7.33
N LYS A 182 6.83 -37.26 -6.11
CA LYS A 182 5.69 -36.61 -5.47
C LYS A 182 6.03 -35.20 -4.97
N PHE A 183 7.31 -34.86 -4.98
CA PHE A 183 7.76 -33.52 -4.58
C PHE A 183 8.26 -32.71 -5.78
N LEU A 184 8.07 -33.25 -6.98
CA LEU A 184 8.68 -32.67 -8.18
C LEU A 184 7.64 -32.28 -9.22
N ILE A 185 7.67 -31.01 -9.62
CA ILE A 185 6.94 -30.57 -10.80
C ILE A 185 7.83 -30.82 -12.02
N ASP A 186 7.66 -32.00 -12.63
CA ASP A 186 8.56 -32.48 -13.67
C ASP A 186 8.31 -31.76 -14.99
N ILE A 187 9.30 -30.99 -15.43
CA ILE A 187 9.20 -30.22 -16.66
C ILE A 187 9.10 -31.12 -17.89
N GLU A 188 9.78 -32.25 -17.86
CA GLU A 188 9.82 -33.16 -19.00
C GLU A 188 8.55 -34.01 -19.12
N LYS A 189 7.90 -34.27 -17.98
CA LYS A 189 6.64 -35.00 -17.97
C LYS A 189 5.47 -34.11 -18.38
N LEU A 190 5.46 -32.89 -17.85
CA LEU A 190 4.32 -31.99 -17.98
C LEU A 190 4.24 -31.28 -19.33
N PHE A 191 5.39 -31.14 -19.99
CA PHE A 191 5.48 -30.31 -21.19
C PHE A 191 5.83 -31.08 -22.46
N PRO A 192 5.41 -30.58 -23.62
CA PRO A 192 5.90 -31.07 -24.92
C PRO A 192 7.41 -30.85 -25.05
N GLU A 193 8.06 -31.78 -25.74
CA GLU A 193 9.51 -31.86 -25.83
C GLU A 193 10.24 -30.53 -26.01
N GLU A 194 9.79 -29.74 -26.99
CA GLU A 194 10.47 -28.47 -27.32
C GLU A 194 10.18 -27.34 -26.35
N GLN A 195 8.97 -27.32 -25.80
CA GLN A 195 8.64 -26.38 -24.75
C GLN A 195 9.43 -26.70 -23.49
N ALA A 196 9.57 -28.00 -23.22
CA ALA A 196 10.38 -28.48 -22.11
C ALA A 196 11.82 -27.98 -22.18
N GLU A 197 12.45 -28.14 -23.33
CA GLU A 197 13.86 -27.71 -23.49
C GLU A 197 14.03 -26.19 -23.42
N GLN A 198 13.06 -25.46 -23.98
CA GLN A 198 13.06 -24.00 -23.93
C GLN A 198 12.97 -23.52 -22.48
N LEU A 199 12.23 -24.27 -21.67
CA LEU A 199 12.07 -23.93 -20.25
C LEU A 199 13.31 -24.26 -19.42
N ILE A 200 13.89 -25.44 -19.64
CA ILE A 200 15.11 -25.84 -18.94
C ILE A 200 16.23 -24.85 -19.20
N LYS A 201 16.35 -24.42 -20.47
CA LYS A 201 17.36 -23.46 -20.86
C LYS A 201 17.14 -22.11 -20.18
N ALA A 202 15.89 -21.67 -20.13
CA ALA A 202 15.54 -20.39 -19.54
C ALA A 202 15.70 -20.38 -18.02
N ILE A 203 15.47 -21.54 -17.39
CA ILE A 203 15.57 -21.65 -15.94
C ILE A 203 17.02 -21.85 -15.48
N GLY A 204 17.78 -22.64 -16.23
CA GLY A 204 19.16 -22.93 -15.84
C GLY A 204 19.22 -23.89 -14.68
N ASN A 205 20.43 -24.11 -14.15
CA ASN A 205 20.60 -24.99 -12.99
C ASN A 205 20.27 -24.29 -11.67
N ARG A 206 19.16 -23.57 -11.68
CA ARG A 206 18.65 -22.93 -10.47
C ARG A 206 17.42 -23.70 -10.00
N THR A 207 17.31 -23.90 -8.69
CA THR A 207 16.28 -24.77 -8.12
C THR A 207 15.35 -24.00 -7.18
N TYR A 208 14.06 -24.30 -7.27
CA TYR A 208 13.02 -23.47 -6.66
C TYR A 208 12.05 -24.25 -5.78
N GLN A 209 11.39 -23.52 -4.90
CA GLN A 209 10.45 -24.06 -3.94
C GLN A 209 9.08 -23.43 -4.22
N VAL A 210 8.19 -24.21 -4.82
CA VAL A 210 6.84 -23.72 -5.09
C VAL A 210 5.90 -24.02 -3.93
N CYS A 211 5.50 -22.97 -3.22
CA CYS A 211 4.59 -23.10 -2.09
C CYS A 211 3.18 -22.65 -2.46
N ARG A 212 2.21 -23.49 -2.14
CA ARG A 212 0.81 -23.16 -2.33
C ARG A 212 0.11 -23.19 -0.97
N MET A 213 -0.19 -21.99 -0.47
CA MET A 213 -0.83 -21.81 0.83
C MET A 213 -2.27 -22.30 0.80
N PRO A 214 -2.88 -22.52 1.98
CA PRO A 214 -4.31 -22.82 2.07
C PRO A 214 -5.22 -21.69 1.57
N THR A 215 -6.22 -22.05 0.79
CA THR A 215 -7.21 -21.11 0.25
C THR A 215 -7.95 -20.38 1.36
N ILE A 216 -8.21 -21.08 2.46
CA ILE A 216 -8.92 -20.51 3.59
C ILE A 216 -8.17 -19.31 4.20
N VAL A 217 -6.85 -19.34 4.08
CA VAL A 217 -6.01 -18.27 4.59
C VAL A 217 -6.10 -17.01 3.71
N GLY A 218 -6.30 -17.21 2.41
CA GLY A 218 -6.57 -16.09 1.52
C GLY A 218 -7.96 -15.52 1.75
N HIS A 219 -8.87 -16.36 2.24
CA HIS A 219 -10.25 -15.97 2.52
C HIS A 219 -10.35 -15.04 3.72
N VAL A 220 -9.56 -15.34 4.76
CA VAL A 220 -9.57 -14.57 6.00
C VAL A 220 -8.62 -13.38 5.93
N CYS A 221 -7.53 -13.55 5.17
CA CYS A 221 -6.46 -12.55 5.14
C CYS A 221 -6.35 -11.85 3.79
N ASP A 222 -5.16 -11.82 3.22
CA ASP A 222 -4.96 -11.30 1.86
C ASP A 222 -3.75 -11.89 1.14
N GLY A 223 -3.35 -11.28 0.04
CA GLY A 223 -2.28 -11.81 -0.79
C GLY A 223 -0.89 -11.65 -0.20
N ALA A 224 -0.65 -10.53 0.49
CA ALA A 224 0.67 -10.27 1.08
C ALA A 224 0.92 -11.14 2.30
N THR A 225 -0.13 -11.82 2.77
CA THR A 225 0.03 -12.91 3.72
C THR A 225 0.83 -14.04 3.10
N MET A 226 0.50 -14.35 1.85
CA MET A 226 1.00 -15.53 1.18
C MET A 226 2.50 -15.78 1.28
N TYR A 227 3.32 -14.80 0.95
CA TYR A 227 4.77 -15.02 1.04
C TYR A 227 5.35 -15.03 2.47
N ARG A 228 4.71 -14.27 3.37
CA ARG A 228 5.16 -14.23 4.76
C ARG A 228 4.98 -15.64 5.34
N TRP A 229 3.84 -16.23 5.00
CA TRP A 229 3.50 -17.59 5.39
C TRP A 229 4.47 -18.63 4.79
N ALA A 230 4.80 -18.45 3.51
CA ALA A 230 5.75 -19.33 2.84
C ALA A 230 7.12 -19.25 3.51
N ALA A 231 7.57 -18.03 3.75
CA ALA A 231 8.89 -17.79 4.32
C ALA A 231 9.05 -18.38 5.72
N MET A 232 7.99 -18.32 6.51
CA MET A 232 8.04 -18.76 7.89
C MET A 232 8.21 -20.27 8.01
N GLN A 233 7.40 -21.01 7.26
CA GLN A 233 7.41 -22.46 7.33
C GLN A 233 8.60 -23.09 6.60
N ILE A 234 9.15 -22.36 5.63
CA ILE A 234 10.38 -22.76 4.96
C ILE A 234 11.55 -22.73 5.96
N ALA A 235 11.61 -21.66 6.75
CA ALA A 235 12.64 -21.50 7.77
C ALA A 235 12.48 -22.50 8.92
N MET A 236 11.24 -22.82 9.27
CA MET A 236 10.96 -23.82 10.29
C MET A 236 11.44 -25.20 9.86
N SER A 237 11.29 -25.50 8.57
CA SER A 237 11.62 -26.81 8.02
C SER A 237 13.13 -27.00 7.86
N PHE A 238 13.82 -25.93 7.46
CA PHE A 238 15.28 -25.93 7.42
C PHE A 238 15.86 -26.23 8.80
N ILE A 239 15.36 -25.52 9.80
CA ILE A 239 15.75 -25.71 11.19
C ILE A 239 15.61 -27.18 11.60
N CYS A 240 14.45 -27.75 11.30
CA CYS A 240 14.14 -29.12 11.67
C CYS A 240 15.05 -30.13 10.94
N ALA A 241 15.17 -29.98 9.63
CA ALA A 241 15.81 -30.99 8.79
C ALA A 241 17.34 -30.98 8.85
N TYR A 242 17.93 -29.83 9.19
CA TYR A 242 19.38 -29.71 9.17
C TYR A 242 19.98 -29.48 10.56
N LYS A 243 19.13 -29.57 11.58
CA LYS A 243 19.57 -29.68 12.97
C LYS A 243 20.51 -28.57 13.43
N ILE A 244 20.23 -27.34 13.01
CA ILE A 244 20.90 -26.16 13.54
C ILE A 244 20.16 -25.69 14.79
N ALA A 245 20.61 -24.60 15.39
CA ALA A 245 19.88 -23.97 16.49
C ALA A 245 18.56 -23.44 15.97
N ALA A 246 17.48 -23.72 16.68
CA ALA A 246 16.16 -23.22 16.32
C ALA A 246 16.04 -21.74 16.65
N GLY A 247 16.87 -20.93 16.00
CA GLY A 247 16.99 -19.52 16.37
C GLY A 247 18.44 -19.14 16.54
N GLU A 248 19.07 -18.75 15.44
CA GLU A 248 20.51 -18.50 15.38
C GLU A 248 20.77 -17.50 14.26
N ALA A 249 21.93 -16.86 14.27
CA ALA A 249 22.24 -15.76 13.36
C ALA A 249 21.90 -16.02 11.90
N ALA A 250 22.38 -17.15 11.37
CA ALA A 250 22.24 -17.44 9.96
C ALA A 250 20.80 -17.73 9.53
N VAL A 251 19.92 -17.92 10.51
CA VAL A 251 18.50 -18.11 10.23
C VAL A 251 17.92 -16.84 9.59
N SER A 252 18.50 -15.70 9.94
CA SER A 252 18.03 -14.42 9.39
C SER A 252 18.33 -14.31 7.89
N ASP A 253 19.27 -15.13 7.42
CA ASP A 253 19.54 -15.25 5.99
C ASP A 253 18.37 -15.94 5.28
N PHE A 254 17.76 -16.91 5.97
CA PHE A 254 16.61 -17.64 5.43
C PHE A 254 15.41 -16.70 5.30
N ALA A 255 15.20 -15.90 6.33
CA ALA A 255 14.12 -14.91 6.34
C ALA A 255 14.29 -13.94 5.17
N PHE A 256 15.52 -13.49 4.94
CA PHE A 256 15.77 -12.48 3.92
C PHE A 256 15.85 -13.02 2.50
N ALA A 257 16.30 -14.27 2.35
CA ALA A 257 16.34 -14.92 1.04
C ALA A 257 14.93 -15.20 0.57
N SER A 258 14.12 -15.73 1.48
CA SER A 258 12.74 -16.15 1.17
C SER A 258 11.79 -14.98 0.97
N LYS A 259 12.06 -13.87 1.65
CA LYS A 259 11.14 -12.74 1.65
C LYS A 259 11.50 -11.65 0.66
N HIS A 260 12.76 -11.62 0.22
CA HIS A 260 13.22 -10.54 -0.65
C HIS A 260 14.19 -10.96 -1.76
N ALA A 261 15.31 -11.58 -1.39
CA ALA A 261 16.42 -11.76 -2.30
C ALA A 261 16.19 -12.84 -3.37
N GLU A 262 15.48 -13.90 -3.01
CA GLU A 262 15.21 -15.01 -3.93
C GLU A 262 13.72 -15.34 -4.07
N VAL A 263 12.87 -14.36 -3.76
CA VAL A 263 11.41 -14.59 -3.76
C VAL A 263 10.74 -14.26 -5.11
N ILE A 264 9.59 -14.89 -5.35
CA ILE A 264 8.77 -14.61 -6.52
C ILE A 264 7.30 -14.63 -6.14
N ASN A 265 6.60 -13.55 -6.44
CA ASN A 265 5.16 -13.47 -6.18
C ASN A 265 4.42 -13.17 -7.48
N MET A 266 3.18 -13.61 -7.54
CA MET A 266 2.37 -13.44 -8.74
C MET A 266 2.07 -11.96 -9.01
N GLY A 267 2.09 -11.17 -7.95
CA GLY A 267 1.89 -9.74 -8.09
C GLY A 267 2.76 -8.94 -7.14
N GLU A 268 3.07 -7.72 -7.54
CA GLU A 268 3.79 -6.79 -6.68
C GLU A 268 2.82 -5.75 -6.15
N MET A 269 3.26 -4.97 -5.16
CA MET A 269 2.39 -4.03 -4.45
C MET A 269 1.96 -2.87 -5.33
N LEU A 270 0.92 -2.15 -4.88
CA LEU A 270 0.35 -1.05 -5.64
C LEU A 270 0.42 0.25 -4.85
N PRO A 271 0.41 1.40 -5.57
CA PRO A 271 0.59 2.73 -4.96
C PRO A 271 -0.59 3.17 -4.11
N ALA A 272 -0.47 4.35 -3.51
CA ALA A 272 -1.30 4.74 -2.37
C ALA A 272 -2.81 4.79 -2.62
N ARG A 273 -3.22 5.23 -3.80
CA ARG A 273 -4.65 5.38 -4.09
C ARG A 273 -5.36 4.03 -4.25
N ARG A 274 -4.67 3.06 -4.84
CA ARG A 274 -5.14 1.68 -4.85
C ARG A 274 -4.24 0.81 -3.98
N ALA A 275 -4.01 1.27 -2.76
CA ALA A 275 -3.07 0.65 -1.83
C ALA A 275 -3.36 -0.82 -1.60
N ARG A 276 -2.38 -1.66 -1.89
CA ARG A 276 -2.50 -3.10 -1.77
C ARG A 276 -1.12 -3.73 -1.66
N GLY A 277 -1.01 -4.80 -0.88
CA GLY A 277 0.22 -5.56 -0.83
C GLY A 277 0.40 -6.47 -2.03
N GLU A 278 1.22 -7.50 -1.86
CA GLU A 278 1.57 -8.40 -2.95
C GLU A 278 0.48 -9.46 -3.22
N ASN A 279 0.67 -10.22 -4.29
CA ASN A 279 -0.28 -11.24 -4.74
C ASN A 279 -1.73 -10.78 -4.76
N GLU A 280 -1.94 -9.57 -5.28
CA GLU A 280 -3.27 -9.04 -5.53
C GLU A 280 -3.42 -8.80 -7.03
N PRO A 281 -4.67 -8.79 -7.54
CA PRO A 281 -4.88 -8.94 -8.98
C PRO A 281 -4.27 -7.81 -9.82
N GLY A 282 -4.23 -6.61 -9.23
CA GLY A 282 -3.71 -5.46 -9.95
C GLY A 282 -2.20 -5.43 -10.10
N GLY A 283 -1.52 -6.23 -9.28
CA GLY A 283 -0.07 -6.31 -9.37
C GLY A 283 0.43 -7.40 -10.30
N VAL A 284 -0.51 -8.12 -10.90
CA VAL A 284 -0.18 -9.24 -11.78
C VAL A 284 -0.12 -8.81 -13.25
N PRO A 285 1.07 -8.91 -13.88
CA PRO A 285 1.31 -8.46 -15.25
C PRO A 285 0.68 -9.39 -16.28
N PHE A 286 0.38 -8.84 -17.46
CA PHE A 286 -0.30 -9.57 -18.52
C PHE A 286 0.45 -10.84 -18.92
N GLY A 287 1.76 -10.71 -19.11
CA GLY A 287 2.58 -11.85 -19.47
C GLY A 287 2.57 -12.94 -18.42
N VAL A 288 2.43 -12.54 -17.15
CA VAL A 288 2.44 -13.48 -16.03
C VAL A 288 1.11 -14.21 -15.88
N LEU A 289 0.01 -13.47 -16.02
CA LEU A 289 -1.32 -14.08 -16.02
C LEU A 289 -1.42 -15.06 -17.18
N ALA A 290 -0.80 -14.70 -18.30
CA ALA A 290 -0.81 -15.54 -19.50
C ALA A 290 -0.04 -16.85 -19.28
N ASP A 291 1.05 -16.76 -18.51
CA ASP A 291 1.88 -17.93 -18.23
C ASP A 291 1.32 -18.78 -17.10
N CYS A 292 0.30 -18.28 -16.42
CA CYS A 292 -0.45 -19.06 -15.44
C CYS A 292 -1.35 -20.06 -16.16
N VAL A 293 -2.10 -19.56 -17.14
CA VAL A 293 -2.90 -20.39 -18.03
C VAL A 293 -1.99 -21.38 -18.76
N GLN A 294 -2.44 -22.63 -18.86
CA GLN A 294 -1.61 -23.73 -19.34
C GLN A 294 -2.07 -24.31 -20.67
N THR A 295 -2.76 -23.50 -21.47
CA THR A 295 -3.30 -23.96 -22.75
C THR A 295 -2.22 -24.08 -23.82
N MET A 296 -1.12 -23.35 -23.64
CA MET A 296 0.05 -23.48 -24.52
C MET A 296 0.65 -24.88 -24.42
N ARG A 297 0.38 -25.56 -23.31
CA ARG A 297 0.85 -26.92 -23.06
C ARG A 297 0.11 -27.94 -23.90
N LYS A 298 -1.21 -27.78 -23.99
CA LYS A 298 -2.07 -28.80 -24.56
C LYS A 298 -2.34 -28.59 -26.05
N TYR A 299 -2.34 -27.32 -26.46
CA TYR A 299 -2.64 -26.97 -27.85
C TYR A 299 -1.53 -26.12 -28.48
N PRO A 300 -0.31 -26.66 -28.59
CA PRO A 300 0.84 -25.91 -29.12
C PRO A 300 0.67 -25.44 -30.56
N ASP A 301 -0.19 -26.13 -31.30
CA ASP A 301 -0.32 -25.89 -32.73
C ASP A 301 -1.60 -25.12 -33.10
N ASP A 302 -2.26 -24.57 -32.09
CA ASP A 302 -3.41 -23.70 -32.30
C ASP A 302 -3.19 -22.39 -31.54
N PRO A 303 -2.56 -21.40 -32.19
CA PRO A 303 -2.26 -20.12 -31.53
C PRO A 303 -3.51 -19.38 -31.05
N ALA A 304 -4.66 -19.68 -31.66
CA ALA A 304 -5.91 -18.98 -31.37
C ALA A 304 -6.53 -19.51 -30.09
N LYS A 305 -6.61 -20.83 -29.95
CA LYS A 305 -7.16 -21.39 -28.71
C LYS A 305 -6.40 -20.94 -27.46
N VAL A 306 -5.08 -20.93 -27.57
CA VAL A 306 -4.19 -20.57 -26.47
C VAL A 306 -4.41 -19.11 -26.06
N ALA A 307 -4.56 -18.24 -27.05
CA ALA A 307 -4.85 -16.83 -26.82
C ALA A 307 -6.29 -16.62 -26.31
N LEU A 308 -7.26 -17.23 -26.97
CA LEU A 308 -8.67 -17.12 -26.57
C LEU A 308 -8.86 -17.53 -25.11
N GLU A 309 -8.18 -18.59 -24.72
CA GLU A 309 -8.24 -19.15 -23.37
C GLU A 309 -7.61 -18.20 -22.35
N VAL A 310 -6.58 -17.47 -22.77
CA VAL A 310 -5.95 -16.46 -21.94
C VAL A 310 -6.84 -15.23 -21.76
N ILE A 311 -7.59 -14.86 -22.81
CA ILE A 311 -8.55 -13.76 -22.74
C ILE A 311 -9.64 -14.09 -21.73
N ALA A 312 -10.13 -15.32 -21.76
CA ALA A 312 -11.23 -15.74 -20.90
C ALA A 312 -10.94 -15.56 -19.41
N ALA A 313 -9.75 -15.99 -18.99
CA ALA A 313 -9.35 -15.91 -17.59
C ALA A 313 -8.68 -14.57 -17.26
N GLY A 314 -8.43 -13.76 -18.29
CA GLY A 314 -7.94 -12.41 -18.09
C GLY A 314 -9.10 -11.48 -17.82
N ALA A 315 -10.06 -11.46 -18.73
CA ALA A 315 -11.27 -10.65 -18.59
C ALA A 315 -12.00 -10.97 -17.28
N MET A 316 -12.12 -12.26 -16.98
CA MET A 316 -12.75 -12.72 -15.74
C MET A 316 -12.02 -12.15 -14.52
N LEU A 317 -10.72 -12.41 -14.45
CA LEU A 317 -9.91 -11.98 -13.32
C LEU A 317 -9.81 -10.46 -13.19
N TYR A 318 -9.60 -9.79 -14.31
CA TYR A 318 -9.30 -8.37 -14.30
C TYR A 318 -10.53 -7.47 -14.34
N ASP A 319 -11.61 -7.95 -14.96
CA ASP A 319 -12.84 -7.16 -15.05
C ASP A 319 -13.86 -7.54 -13.97
N GLN A 320 -14.12 -8.83 -13.84
CA GLN A 320 -15.15 -9.32 -12.93
C GLN A 320 -14.70 -9.27 -11.47
N ILE A 321 -13.53 -9.83 -11.19
CA ILE A 321 -13.00 -9.87 -9.83
C ILE A 321 -12.24 -8.60 -9.46
N TRP A 322 -11.30 -8.18 -10.31
CA TRP A 322 -10.45 -7.03 -10.01
C TRP A 322 -11.21 -5.70 -10.12
N LEU A 323 -11.56 -5.30 -11.33
CA LEU A 323 -12.22 -4.01 -11.55
C LEU A 323 -13.65 -4.01 -11.03
N GLY A 324 -14.31 -5.15 -11.11
CA GLY A 324 -15.72 -5.24 -10.76
C GLY A 324 -16.02 -5.48 -9.29
N SER A 325 -14.97 -5.57 -8.47
CA SER A 325 -15.14 -5.80 -7.04
C SER A 325 -14.11 -5.03 -6.22
N TYR A 326 -12.84 -5.41 -6.36
CA TYR A 326 -11.74 -4.75 -5.67
C TYR A 326 -11.77 -3.24 -5.90
N MET A 327 -11.97 -2.86 -7.15
CA MET A 327 -11.86 -1.46 -7.57
C MET A 327 -13.20 -0.74 -7.63
N SER A 328 -14.30 -1.49 -7.53
CA SER A 328 -15.63 -0.89 -7.56
C SER A 328 -16.62 -1.66 -6.68
N GLY A 329 -17.21 -2.71 -7.23
CA GLY A 329 -18.13 -3.53 -6.46
C GLY A 329 -19.59 -3.38 -6.86
N GLY A 330 -20.43 -4.18 -6.22
CA GLY A 330 -21.85 -4.20 -6.55
C GLY A 330 -22.21 -5.34 -7.47
N VAL A 331 -23.23 -5.12 -8.29
CA VAL A 331 -23.64 -6.07 -9.33
C VAL A 331 -22.42 -6.45 -10.19
N GLY A 332 -21.66 -5.46 -10.61
CA GLY A 332 -20.35 -5.71 -11.17
C GLY A 332 -20.27 -5.71 -12.68
N PHE A 333 -19.27 -6.44 -13.20
CA PHE A 333 -18.90 -6.38 -14.61
C PHE A 333 -18.84 -7.78 -15.22
N THR A 334 -19.90 -8.57 -15.02
CA THR A 334 -19.98 -9.92 -15.55
C THR A 334 -19.88 -9.93 -17.08
N GLN A 335 -20.81 -9.21 -17.71
CA GLN A 335 -20.99 -9.26 -19.15
C GLN A 335 -20.00 -8.39 -19.93
N TYR A 336 -19.32 -7.48 -19.22
CA TYR A 336 -18.14 -6.81 -19.76
C TYR A 336 -17.06 -7.85 -20.06
N ALA A 337 -17.00 -8.90 -19.24
CA ALA A 337 -16.01 -9.95 -19.38
C ALA A 337 -16.60 -11.01 -20.29
N THR A 338 -17.84 -11.41 -20.05
CA THR A 338 -18.44 -12.47 -20.85
C THR A 338 -18.47 -12.23 -22.37
N ALA A 339 -18.47 -10.94 -22.77
CA ALA A 339 -18.51 -10.55 -24.20
C ALA A 339 -17.34 -11.22 -24.93
N VAL A 340 -16.32 -11.64 -24.16
CA VAL A 340 -15.14 -12.26 -24.75
C VAL A 340 -14.86 -13.72 -24.37
N TYR A 341 -15.84 -14.41 -23.79
CA TYR A 341 -15.76 -15.87 -23.68
C TYR A 341 -17.03 -16.72 -23.88
N PRO A 342 -18.23 -16.11 -23.75
CA PRO A 342 -19.40 -16.71 -24.42
C PRO A 342 -19.67 -16.52 -25.94
N ASP A 343 -20.40 -17.51 -26.45
CA ASP A 343 -21.10 -17.46 -27.74
C ASP A 343 -20.20 -17.53 -28.97
N ASN A 344 -18.94 -17.90 -28.76
CA ASN A 344 -17.98 -18.11 -29.86
C ASN A 344 -17.96 -16.95 -30.87
N ILE A 345 -18.29 -15.75 -30.40
CA ILE A 345 -18.36 -14.57 -31.26
C ILE A 345 -16.96 -14.03 -31.53
N LEU A 346 -16.22 -13.75 -30.47
CA LEU A 346 -14.82 -13.36 -30.58
C LEU A 346 -14.00 -14.50 -31.20
N ASP A 347 -14.39 -15.73 -30.89
CA ASP A 347 -13.71 -16.92 -31.42
C ASP A 347 -13.70 -16.94 -32.94
N ASP A 348 -14.86 -16.64 -33.53
CA ASP A 348 -14.99 -16.56 -34.99
C ASP A 348 -14.09 -15.48 -35.57
N TYR A 349 -14.08 -14.31 -34.92
CA TYR A 349 -13.31 -13.16 -35.38
C TYR A 349 -11.81 -13.44 -35.34
N VAL A 350 -11.39 -14.12 -34.27
CA VAL A 350 -9.97 -14.42 -34.04
C VAL A 350 -9.46 -15.46 -35.02
N TYR A 351 -10.21 -16.55 -35.17
CA TYR A 351 -9.81 -17.64 -36.07
C TYR A 351 -9.67 -17.19 -37.52
N TYR A 352 -10.65 -16.43 -37.98
CA TYR A 352 -10.64 -15.86 -39.33
C TYR A 352 -9.44 -14.93 -39.53
N GLY A 353 -9.13 -14.14 -38.50
CA GLY A 353 -7.99 -13.26 -38.55
C GLY A 353 -6.69 -14.02 -38.67
N LEU A 354 -6.64 -15.20 -38.04
CA LEU A 354 -5.50 -16.09 -38.14
C LEU A 354 -5.41 -16.74 -39.53
N GLU A 355 -6.56 -17.08 -40.11
CA GLU A 355 -6.61 -17.60 -41.47
C GLU A 355 -6.12 -16.55 -42.46
N TYR A 356 -6.42 -15.29 -42.17
CA TYR A 356 -5.95 -14.17 -42.98
C TYR A 356 -4.43 -14.06 -42.90
N VAL A 357 -3.90 -13.96 -41.69
CA VAL A 357 -2.47 -13.88 -41.47
C VAL A 357 -1.76 -15.09 -42.07
N GLU A 358 -2.30 -16.28 -41.81
CA GLU A 358 -1.74 -17.53 -42.35
C GLU A 358 -1.58 -17.46 -43.87
N ASP A 359 -2.46 -16.72 -44.53
CA ASP A 359 -2.42 -16.55 -45.97
C ASP A 359 -1.49 -15.43 -46.44
N LYS A 360 -1.82 -14.20 -46.09
CA LYS A 360 -1.10 -13.01 -46.57
C LYS A 360 0.36 -13.06 -46.15
N TYR A 361 0.59 -13.23 -44.85
CA TYR A 361 1.93 -13.40 -44.30
C TYR A 361 2.09 -14.86 -43.87
N GLY A 362 3.18 -15.16 -43.20
CA GLY A 362 3.26 -16.40 -42.48
C GLY A 362 2.92 -16.16 -41.01
N ILE A 363 2.65 -17.26 -40.30
CA ILE A 363 2.50 -17.21 -38.84
C ILE A 363 3.83 -16.76 -38.24
N ALA A 364 3.84 -15.56 -37.66
CA ALA A 364 5.02 -15.01 -36.98
C ALA A 364 6.17 -14.68 -37.93
N GLU A 365 5.85 -14.47 -39.20
CA GLU A 365 6.87 -14.28 -40.22
C GLU A 365 7.03 -12.83 -40.66
N ALA A 366 6.06 -11.99 -40.30
CA ALA A 366 6.08 -10.59 -40.70
C ALA A 366 6.99 -9.74 -39.81
N GLU A 367 7.90 -9.03 -40.48
CA GLU A 367 8.59 -7.88 -39.90
C GLU A 367 7.60 -6.94 -39.19
N PRO A 368 7.85 -6.63 -37.91
CA PRO A 368 7.03 -5.61 -37.25
C PRO A 368 7.18 -4.23 -37.91
N SER A 369 6.09 -3.74 -38.49
CA SER A 369 6.07 -2.47 -39.18
C SER A 369 4.66 -1.87 -39.16
N MET A 370 4.60 -0.57 -39.41
CA MET A 370 3.32 0.15 -39.48
C MET A 370 2.43 -0.43 -40.59
N ASP A 371 3.06 -0.93 -41.64
CA ASP A 371 2.35 -1.51 -42.78
C ASP A 371 1.52 -2.73 -42.41
N VAL A 372 2.11 -3.64 -41.64
CA VAL A 372 1.45 -4.88 -41.26
C VAL A 372 0.29 -4.58 -40.31
N VAL A 373 0.52 -3.70 -39.34
CA VAL A 373 -0.53 -3.24 -38.44
C VAL A 373 -1.66 -2.62 -39.24
N LYS A 374 -1.34 -1.61 -40.05
CA LYS A 374 -2.31 -0.95 -40.90
C LYS A 374 -3.15 -1.92 -41.73
N ASP A 375 -2.53 -3.00 -42.21
CA ASP A 375 -3.25 -4.02 -42.97
C ASP A 375 -4.09 -4.94 -42.08
N VAL A 376 -3.42 -5.69 -41.22
CA VAL A 376 -4.08 -6.75 -40.45
C VAL A 376 -5.12 -6.19 -39.50
N ALA A 377 -4.79 -5.08 -38.85
CA ALA A 377 -5.70 -4.45 -37.90
C ALA A 377 -6.99 -3.98 -38.57
N THR A 378 -6.86 -3.26 -39.67
CA THR A 378 -8.01 -2.71 -40.39
C THR A 378 -8.91 -3.79 -40.98
N GLU A 379 -8.29 -4.84 -41.53
CA GLU A 379 -9.04 -5.93 -42.14
C GLU A 379 -9.95 -6.65 -41.15
N VAL A 380 -9.39 -6.98 -39.99
CA VAL A 380 -10.10 -7.75 -38.98
C VAL A 380 -11.13 -6.93 -38.20
N THR A 381 -10.86 -5.63 -38.06
CA THR A 381 -11.81 -4.73 -37.40
C THR A 381 -13.03 -4.49 -38.28
N LEU A 382 -12.81 -4.32 -39.58
CA LEU A 382 -13.91 -4.19 -40.54
C LEU A 382 -14.73 -5.48 -40.60
N TYR A 383 -14.03 -6.62 -40.58
CA TYR A 383 -14.68 -7.92 -40.54
C TYR A 383 -15.61 -8.01 -39.33
N GLY A 384 -15.04 -7.78 -38.15
CA GLY A 384 -15.79 -7.90 -36.90
C GLY A 384 -16.94 -6.92 -36.78
N LEU A 385 -16.72 -5.68 -37.22
CA LEU A 385 -17.78 -4.68 -37.28
C LEU A 385 -18.89 -5.14 -38.21
N GLU A 386 -18.50 -5.76 -39.32
CA GLU A 386 -19.45 -6.18 -40.35
C GLU A 386 -20.26 -7.41 -39.96
N GLN A 387 -19.74 -8.20 -39.02
CA GLN A 387 -20.47 -9.33 -38.49
C GLN A 387 -21.61 -8.90 -37.56
N TYR A 388 -21.41 -7.80 -36.83
CA TYR A 388 -22.41 -7.27 -35.92
C TYR A 388 -23.57 -6.59 -36.63
N GLU A 389 -23.31 -6.04 -37.81
CA GLU A 389 -24.34 -5.37 -38.59
C GLU A 389 -24.98 -6.30 -39.62
N ARG A 390 -24.35 -7.46 -39.84
CA ARG A 390 -24.96 -8.53 -40.62
C ARG A 390 -25.91 -9.35 -39.78
N TYR A 391 -25.53 -9.57 -38.52
CA TYR A 391 -26.30 -10.39 -37.61
C TYR A 391 -26.79 -9.55 -36.43
N PRO A 392 -27.94 -8.87 -36.60
CA PRO A 392 -28.59 -8.09 -35.54
C PRO A 392 -28.78 -8.88 -34.23
N ALA A 393 -28.74 -10.20 -34.35
CA ALA A 393 -28.81 -11.09 -33.19
C ALA A 393 -27.55 -10.98 -32.34
N ALA A 394 -26.39 -10.99 -32.98
CA ALA A 394 -25.10 -10.83 -32.30
C ALA A 394 -24.94 -9.42 -31.74
N MET A 395 -25.57 -8.45 -32.40
CA MET A 395 -25.58 -7.07 -31.95
C MET A 395 -26.40 -6.92 -30.66
N GLU A 396 -27.50 -7.67 -30.60
CA GLU A 396 -28.38 -7.68 -29.43
C GLU A 396 -27.76 -8.49 -28.27
N THR A 397 -26.90 -9.44 -28.62
CA THR A 397 -26.14 -10.20 -27.63
C THR A 397 -25.11 -9.31 -26.94
N HIS A 398 -24.27 -8.68 -27.76
CA HIS A 398 -23.26 -7.75 -27.27
C HIS A 398 -23.79 -6.32 -27.33
N PHE A 399 -24.68 -6.00 -26.41
CA PHE A 399 -25.48 -4.78 -26.47
C PHE A 399 -24.70 -3.51 -26.10
N GLY A 400 -23.68 -3.66 -25.27
CA GLY A 400 -22.79 -2.55 -24.99
C GLY A 400 -21.72 -2.40 -26.06
N GLY A 401 -21.33 -1.16 -26.32
CA GLY A 401 -20.27 -0.89 -27.29
C GLY A 401 -18.89 -1.23 -26.78
N SER A 402 -18.72 -1.13 -25.46
CA SER A 402 -17.46 -1.45 -24.80
C SER A 402 -17.01 -2.86 -25.13
N GLN A 403 -17.91 -3.82 -24.95
CA GLN A 403 -17.64 -5.21 -25.21
C GLN A 403 -17.56 -5.51 -26.71
N ARG A 404 -18.22 -4.67 -27.50
CA ARG A 404 -18.13 -4.71 -28.96
C ARG A 404 -16.74 -4.27 -29.40
N ALA A 405 -16.30 -3.13 -28.86
CA ALA A 405 -14.95 -2.61 -29.12
C ALA A 405 -13.89 -3.61 -28.68
N ALA A 406 -14.10 -4.23 -27.53
CA ALA A 406 -13.16 -5.19 -26.96
C ALA A 406 -13.04 -6.45 -27.81
N VAL A 407 -14.17 -6.95 -28.31
CA VAL A 407 -14.18 -8.18 -29.13
C VAL A 407 -13.45 -7.96 -30.45
N CYS A 408 -13.66 -6.80 -31.06
CA CYS A 408 -13.06 -6.47 -32.36
C CYS A 408 -11.59 -6.08 -32.25
N ALA A 409 -11.27 -5.37 -31.17
CA ALA A 409 -9.89 -4.93 -30.93
C ALA A 409 -9.01 -6.10 -30.51
N ALA A 410 -9.58 -7.03 -29.75
CA ALA A 410 -8.89 -8.25 -29.35
C ALA A 410 -8.53 -9.07 -30.58
N ALA A 411 -9.53 -9.31 -31.43
CA ALA A 411 -9.33 -10.04 -32.69
C ALA A 411 -8.27 -9.36 -33.54
N ALA A 412 -8.41 -8.05 -33.71
CA ALA A 412 -7.43 -7.26 -34.45
C ALA A 412 -6.05 -7.34 -33.82
N GLY A 413 -5.99 -7.10 -32.51
CA GLY A 413 -4.72 -7.08 -31.80
C GLY A 413 -3.97 -8.40 -31.84
N CYS A 414 -4.67 -9.49 -31.54
CA CYS A 414 -4.06 -10.82 -31.56
C CYS A 414 -3.65 -11.24 -32.96
N SER A 415 -4.46 -10.87 -33.95
CA SER A 415 -4.16 -11.15 -35.35
C SER A 415 -2.85 -10.49 -35.77
N THR A 416 -2.68 -9.22 -35.43
CA THR A 416 -1.45 -8.49 -35.74
C THR A 416 -0.26 -9.11 -35.00
N ALA A 417 -0.55 -9.72 -33.85
CA ALA A 417 0.45 -10.45 -33.09
C ALA A 417 0.77 -11.79 -33.77
N PHE A 418 -0.23 -12.42 -34.35
CA PHE A 418 -0.05 -13.69 -35.08
C PHE A 418 0.93 -13.54 -36.24
N ALA A 419 0.89 -12.37 -36.89
CA ALA A 419 1.73 -12.11 -38.06
C ALA A 419 3.17 -11.81 -37.66
N THR A 420 3.33 -10.84 -36.75
CA THR A 420 4.65 -10.40 -36.31
C THR A 420 5.26 -11.33 -35.27
N GLY A 421 4.45 -11.79 -34.32
CA GLY A 421 4.94 -12.53 -33.17
C GLY A 421 5.56 -11.60 -32.15
N HIS A 422 5.05 -10.37 -32.10
CA HIS A 422 5.64 -9.32 -31.26
C HIS A 422 4.53 -8.52 -30.57
N ALA A 423 4.43 -8.68 -29.25
CA ALA A 423 3.36 -8.10 -28.44
C ALA A 423 3.10 -6.61 -28.67
N GLN A 424 4.16 -5.82 -28.77
CA GLN A 424 4.04 -4.37 -28.95
C GLN A 424 3.39 -3.98 -30.27
N ALA A 425 3.78 -4.69 -31.33
CA ALA A 425 3.12 -4.54 -32.63
C ALA A 425 1.65 -4.89 -32.48
N GLY A 426 1.39 -6.06 -31.91
CA GLY A 426 0.02 -6.49 -31.65
C GLY A 426 -0.79 -5.44 -30.90
N LEU A 427 -0.18 -4.87 -29.86
CA LEU A 427 -0.80 -3.82 -29.06
C LEU A 427 -1.12 -2.58 -29.90
N ASN A 428 -0.17 -2.20 -30.76
CA ASN A 428 -0.36 -1.05 -31.64
C ASN A 428 -1.55 -1.27 -32.57
N GLY A 429 -1.80 -2.53 -32.94
CA GLY A 429 -2.94 -2.86 -33.75
C GLY A 429 -4.26 -2.75 -33.00
N TRP A 430 -4.21 -2.99 -31.69
CA TRP A 430 -5.37 -2.79 -30.81
C TRP A 430 -5.80 -1.33 -30.86
N TYR A 431 -4.82 -0.44 -30.78
CA TYR A 431 -5.10 1.00 -30.71
C TYR A 431 -5.48 1.60 -32.06
N LEU A 432 -5.13 0.93 -33.14
CA LEU A 432 -5.63 1.29 -34.46
C LEU A 432 -7.08 0.82 -34.61
N SER A 433 -7.34 -0.40 -34.18
CA SER A 433 -8.67 -0.99 -34.24
C SER A 433 -9.72 -0.12 -33.55
N GLN A 434 -9.39 0.35 -32.37
CA GLN A 434 -10.33 1.11 -31.54
C GLN A 434 -10.72 2.42 -32.21
N ILE A 435 -9.72 3.15 -32.69
CA ILE A 435 -9.93 4.44 -33.33
C ILE A 435 -10.63 4.29 -34.69
N LEU A 436 -10.67 3.05 -35.19
CA LEU A 436 -11.47 2.68 -36.36
C LEU A 436 -12.93 2.46 -35.98
N HIS A 437 -13.15 1.69 -34.92
CA HIS A 437 -14.49 1.41 -34.37
C HIS A 437 -15.22 2.73 -34.10
N LYS A 438 -14.49 3.69 -33.54
CA LYS A 438 -15.02 5.02 -33.21
C LYS A 438 -15.80 5.65 -34.36
N GLU A 439 -15.13 5.86 -35.49
CA GLU A 439 -15.73 6.52 -36.65
C GLU A 439 -16.70 5.61 -37.41
N GLY A 440 -16.63 4.31 -37.13
CA GLY A 440 -17.49 3.35 -37.82
C GLY A 440 -18.93 3.37 -37.34
N GLN A 441 -19.12 3.31 -36.03
CA GLN A 441 -20.46 3.25 -35.45
C GLN A 441 -20.86 4.57 -34.78
N GLY A 442 -19.95 5.55 -34.82
CA GLY A 442 -20.20 6.82 -34.16
C GLY A 442 -20.21 6.69 -32.64
N ARG A 443 -19.40 5.76 -32.14
CA ARG A 443 -19.33 5.45 -30.71
C ARG A 443 -18.12 4.54 -30.50
N LEU A 444 -17.77 4.29 -29.24
CA LEU A 444 -16.70 3.35 -28.93
C LEU A 444 -17.09 2.45 -27.76
N GLY A 445 -17.19 3.03 -26.58
CA GLY A 445 -17.64 2.28 -25.42
C GLY A 445 -18.41 3.15 -24.45
N PHE A 446 -18.32 2.83 -23.17
CA PHE A 446 -18.86 3.71 -22.13
C PHE A 446 -18.04 5.00 -22.07
N TYR A 447 -18.39 5.86 -21.12
CA TYR A 447 -17.84 7.23 -21.06
C TYR A 447 -16.32 7.31 -21.11
N GLY A 448 -15.65 6.65 -20.17
CA GLY A 448 -14.20 6.75 -20.09
C GLY A 448 -13.48 5.56 -20.68
N TYR A 449 -14.13 4.90 -21.63
CA TYR A 449 -13.61 3.68 -22.23
C TYR A 449 -12.29 3.89 -22.97
N ALA A 450 -12.18 5.01 -23.68
CA ALA A 450 -11.08 5.22 -24.61
C ALA A 450 -9.95 6.11 -24.08
N LEU A 451 -9.85 6.27 -22.76
CA LEU A 451 -8.72 6.98 -22.16
C LEU A 451 -7.42 6.33 -22.62
N GLN A 452 -7.31 5.03 -22.35
CA GLN A 452 -6.22 4.18 -22.83
C GLN A 452 -5.98 4.33 -24.31
N ASP A 453 -7.04 4.09 -25.08
CA ASP A 453 -6.94 3.88 -26.52
C ASP A 453 -6.60 5.16 -27.27
N GLN A 454 -6.86 6.30 -26.66
CA GLN A 454 -6.49 7.59 -27.24
C GLN A 454 -5.06 7.99 -26.84
N CYS A 455 -4.63 7.58 -25.65
CA CYS A 455 -3.22 7.64 -25.27
C CYS A 455 -2.44 6.54 -25.96
N GLY A 456 -3.17 5.55 -26.50
CA GLY A 456 -2.58 4.27 -26.84
C GLY A 456 -1.48 4.30 -27.88
N ALA A 457 -1.72 5.02 -28.97
CA ALA A 457 -0.79 5.05 -30.09
C ALA A 457 0.56 5.63 -29.71
N ALA A 458 0.56 6.68 -28.89
CA ALA A 458 1.78 7.39 -28.55
C ALA A 458 2.60 6.69 -27.45
N ASN A 459 1.90 5.99 -26.56
CA ASN A 459 2.54 5.32 -25.43
C ASN A 459 3.01 3.91 -25.77
N SER A 460 2.47 3.36 -26.86
CA SER A 460 2.76 1.98 -27.28
C SER A 460 4.24 1.74 -27.55
N LEU A 461 4.88 2.66 -28.28
CA LEU A 461 6.27 2.52 -28.66
C LEU A 461 7.19 3.48 -27.92
N SER A 462 6.59 4.42 -27.19
CA SER A 462 7.32 5.38 -26.38
C SER A 462 8.29 4.69 -25.41
N VAL A 463 9.28 5.43 -24.94
CA VAL A 463 10.32 4.89 -24.08
C VAL A 463 10.51 5.74 -22.82
N ARG A 464 9.60 6.69 -22.60
CA ARG A 464 9.73 7.63 -21.50
C ARG A 464 9.26 7.06 -20.16
N SER A 465 9.69 7.73 -19.09
CA SER A 465 9.38 7.39 -17.69
C SER A 465 8.22 6.42 -17.42
N ASP A 466 7.02 6.97 -17.25
CA ASP A 466 5.84 6.15 -17.01
C ASP A 466 5.02 5.99 -18.28
N GLU A 467 5.72 5.75 -19.40
CA GLU A 467 5.10 5.58 -20.70
C GLU A 467 5.58 4.33 -21.40
N GLY A 468 6.89 4.11 -21.42
CA GLY A 468 7.45 2.99 -22.16
C GLY A 468 7.59 1.71 -21.35
N LEU A 469 7.22 0.60 -21.97
CA LEU A 469 7.32 -0.73 -21.36
C LEU A 469 6.68 -1.75 -22.30
N PRO A 470 7.39 -2.86 -22.59
CA PRO A 470 6.76 -3.93 -23.37
C PRO A 470 5.48 -4.45 -22.72
N LEU A 471 4.55 -4.91 -23.55
CA LEU A 471 3.21 -5.28 -23.07
C LEU A 471 3.26 -6.44 -22.08
N GLU A 472 4.19 -7.36 -22.29
CA GLU A 472 4.43 -8.48 -21.37
C GLU A 472 4.55 -7.97 -19.93
N LEU A 473 5.25 -6.86 -19.79
CA LEU A 473 5.62 -6.31 -18.49
C LEU A 473 4.57 -5.36 -17.93
N ARG A 474 3.54 -5.06 -18.73
CA ARG A 474 2.49 -4.14 -18.32
C ARG A 474 1.40 -4.85 -17.52
N GLY A 475 0.58 -4.05 -16.83
CA GLY A 475 -0.49 -4.60 -16.03
C GLY A 475 -1.48 -3.54 -15.59
N PRO A 476 -2.35 -3.85 -14.61
CA PRO A 476 -3.37 -2.91 -14.12
C PRO A 476 -2.81 -1.70 -13.36
N ASN A 477 -1.48 -1.63 -13.24
CA ASN A 477 -0.82 -0.52 -12.58
C ASN A 477 -0.12 0.41 -13.57
N TYR A 478 -0.02 -0.03 -14.83
CA TYR A 478 0.40 0.85 -15.91
C TYR A 478 -0.65 1.97 -16.03
N PRO A 479 -0.21 3.24 -15.91
CA PRO A 479 -1.08 4.37 -15.60
C PRO A 479 -2.37 4.44 -16.41
N ASN A 480 -2.26 4.24 -17.72
CA ASN A 480 -3.43 4.29 -18.61
C ASN A 480 -4.41 3.16 -18.30
N TYR A 481 -3.90 2.04 -17.81
CA TYR A 481 -4.65 0.79 -17.74
C TYR A 481 -5.39 0.55 -16.41
N ALA A 482 -5.23 1.47 -15.46
CA ALA A 482 -5.60 1.21 -14.06
C ALA A 482 -7.09 1.35 -13.72
N MET A 483 -7.90 1.78 -14.67
CA MET A 483 -9.26 2.21 -14.36
C MET A 483 -10.40 1.43 -15.05
N ASN A 484 -10.24 1.13 -16.33
CA ASN A 484 -11.39 0.84 -17.17
C ASN A 484 -11.46 -0.60 -17.71
N VAL A 485 -12.69 -1.06 -17.91
CA VAL A 485 -12.95 -2.44 -18.33
C VAL A 485 -12.76 -2.63 -19.84
N GLY A 486 -12.71 -3.89 -20.26
CA GLY A 486 -12.66 -4.22 -21.67
C GLY A 486 -11.30 -3.98 -22.31
N HIS A 487 -10.23 -4.17 -21.52
CA HIS A 487 -8.87 -3.93 -21.99
C HIS A 487 -7.88 -4.96 -21.45
N LEU A 488 -7.87 -5.13 -20.12
CA LEU A 488 -6.78 -5.79 -19.42
C LEU A 488 -6.55 -7.24 -19.83
N GLY A 489 -7.60 -8.06 -19.74
CA GLY A 489 -7.46 -9.47 -20.08
C GLY A 489 -7.19 -9.67 -21.56
N GLU A 490 -7.71 -8.78 -22.39
CA GLU A 490 -7.51 -8.81 -23.82
C GLU A 490 -6.05 -8.56 -24.18
N TYR A 491 -5.37 -7.72 -23.38
CA TYR A 491 -3.94 -7.45 -23.55
C TYR A 491 -3.11 -8.70 -23.28
N ALA A 492 -3.49 -9.43 -22.23
CA ALA A 492 -2.84 -10.70 -21.91
C ALA A 492 -2.98 -11.66 -23.09
N GLY A 493 -4.15 -11.61 -23.73
CA GLY A 493 -4.39 -12.41 -24.92
C GLY A 493 -3.44 -12.07 -26.06
N ILE A 494 -3.09 -10.79 -26.18
CA ILE A 494 -2.16 -10.32 -27.20
C ILE A 494 -0.73 -10.76 -26.89
N VAL A 495 -0.39 -10.80 -25.61
CA VAL A 495 0.91 -11.31 -25.16
C VAL A 495 1.02 -12.80 -25.46
N GLN A 496 -0.06 -13.53 -25.17
CA GLN A 496 -0.10 -14.96 -25.44
C GLN A 496 -0.13 -15.25 -26.95
N ALA A 497 -0.84 -14.40 -27.70
CA ALA A 497 -0.96 -14.56 -29.14
C ALA A 497 0.39 -14.47 -29.82
N ALA A 498 1.13 -13.41 -29.50
CA ALA A 498 2.48 -13.20 -30.02
C ALA A 498 3.35 -14.44 -29.76
N HIS A 499 3.32 -14.91 -28.52
CA HIS A 499 4.22 -15.98 -28.09
C HIS A 499 3.75 -17.37 -28.50
N ALA A 500 2.44 -17.52 -28.71
CA ALA A 500 1.89 -18.78 -29.21
C ALA A 500 2.19 -18.96 -30.70
N ALA A 501 2.11 -17.86 -31.44
CA ALA A 501 2.42 -17.86 -32.87
C ALA A 501 3.87 -18.29 -33.12
N ARG A 502 4.74 -17.97 -32.17
CA ARG A 502 6.15 -18.32 -32.26
C ARG A 502 6.42 -19.74 -31.76
N GLY A 503 5.49 -20.29 -31.00
CA GLY A 503 5.67 -21.60 -30.41
C GLY A 503 6.36 -21.56 -29.06
N ASP A 504 6.44 -20.36 -28.48
CA ASP A 504 7.10 -20.16 -27.18
C ASP A 504 6.40 -20.95 -26.07
N ALA A 505 7.21 -21.48 -25.15
CA ALA A 505 6.69 -22.19 -23.99
C ALA A 505 6.11 -21.24 -22.96
N PHE A 506 6.62 -20.01 -22.94
CA PHE A 506 6.16 -18.98 -22.01
C PHE A 506 6.28 -17.58 -22.63
N CYS A 507 5.70 -16.59 -21.96
CA CYS A 507 5.66 -15.22 -22.47
C CYS A 507 6.67 -14.30 -21.78
N VAL A 508 6.90 -14.55 -20.49
CA VAL A 508 7.70 -13.64 -19.67
C VAL A 508 8.33 -14.30 -18.45
N HIS A 509 7.73 -15.38 -17.96
CA HIS A 509 8.29 -16.08 -16.82
C HIS A 509 8.28 -17.61 -16.93
N PRO A 510 9.48 -18.20 -17.06
CA PRO A 510 9.70 -19.66 -17.11
C PRO A 510 9.16 -20.38 -15.87
N VAL A 511 9.49 -19.85 -14.70
CA VAL A 511 9.21 -20.54 -13.44
C VAL A 511 7.72 -20.52 -13.07
N ILE A 512 7.08 -19.36 -13.20
CA ILE A 512 5.65 -19.25 -12.96
C ILE A 512 4.88 -20.18 -13.90
N LYS A 513 5.38 -20.32 -15.12
CA LYS A 513 4.78 -21.22 -16.11
C LYS A 513 4.79 -22.67 -15.66
N VAL A 514 5.97 -23.17 -15.32
CA VAL A 514 6.12 -24.54 -14.83
C VAL A 514 5.27 -24.76 -13.58
N ALA A 515 5.27 -23.76 -12.69
CA ALA A 515 4.56 -23.85 -11.42
C ALA A 515 3.07 -24.10 -11.59
N PHE A 516 2.46 -23.43 -12.57
CA PHE A 516 1.04 -23.55 -12.80
C PHE A 516 0.67 -24.72 -13.69
N ALA A 517 1.69 -25.50 -14.06
CA ALA A 517 1.50 -26.75 -14.81
C ALA A 517 1.20 -27.92 -13.87
N ASP A 518 1.45 -27.72 -12.58
CA ASP A 518 1.34 -28.78 -11.59
C ASP A 518 -0.08 -29.30 -11.41
N GLU A 519 -0.21 -30.63 -11.40
CA GLU A 519 -1.52 -31.27 -11.37
C GLU A 519 -2.17 -31.32 -9.99
N ASN A 520 -1.48 -30.80 -8.97
CA ASN A 520 -2.04 -30.73 -7.63
C ASN A 520 -2.72 -29.40 -7.30
N LEU A 521 -2.79 -28.52 -8.28
CA LEU A 521 -3.63 -27.32 -8.18
C LEU A 521 -5.10 -27.74 -8.16
N VAL A 522 -5.96 -26.84 -7.71
CA VAL A 522 -7.39 -27.14 -7.64
C VAL A 522 -8.09 -26.76 -8.95
N PHE A 523 -7.91 -25.53 -9.38
CA PHE A 523 -8.37 -25.11 -10.71
C PHE A 523 -7.52 -25.81 -11.77
N ASP A 524 -8.16 -26.12 -12.90
CA ASP A 524 -7.45 -26.67 -14.05
C ASP A 524 -7.12 -25.56 -15.03
N PHE A 525 -5.85 -25.17 -15.06
CA PHE A 525 -5.42 -23.98 -15.80
C PHE A 525 -5.18 -24.23 -17.28
N THR A 526 -5.32 -25.48 -17.72
CA THR A 526 -5.24 -25.79 -19.15
C THR A 526 -6.51 -25.37 -19.87
N GLU A 527 -7.63 -25.35 -19.14
CA GLU A 527 -8.92 -25.18 -19.77
C GLU A 527 -9.88 -24.32 -18.93
N PRO A 528 -9.58 -23.00 -18.82
CA PRO A 528 -10.33 -22.03 -18.02
C PRO A 528 -11.81 -21.90 -18.38
N ARG A 529 -12.12 -21.93 -19.66
CA ARG A 529 -13.50 -21.78 -20.12
C ARG A 529 -14.38 -22.95 -19.66
N LYS A 530 -13.87 -24.17 -19.82
CA LYS A 530 -14.60 -25.36 -19.40
C LYS A 530 -14.80 -25.40 -17.88
N GLU A 531 -13.84 -24.84 -17.15
CA GLU A 531 -13.94 -24.75 -15.69
C GLU A 531 -15.03 -23.78 -15.26
N PHE A 532 -15.13 -22.65 -15.98
CA PHE A 532 -16.14 -21.63 -15.68
C PHE A 532 -17.56 -22.19 -15.79
N ALA A 533 -17.78 -23.00 -16.82
CA ALA A 533 -19.07 -23.68 -17.02
C ALA A 533 -19.29 -24.74 -15.94
N LYS A 534 -18.20 -25.34 -15.47
CA LYS A 534 -18.27 -26.30 -14.37
C LYS A 534 -18.71 -25.58 -13.10
N GLY A 535 -18.21 -24.35 -12.91
CA GLY A 535 -18.66 -23.54 -11.79
C GLY A 535 -20.05 -22.97 -12.02
N ALA A 536 -20.40 -22.71 -13.29
CA ALA A 536 -21.70 -22.18 -13.66
C ALA A 536 -22.81 -23.19 -13.37
N LEU A 537 -22.49 -24.47 -13.58
CA LEU A 537 -23.44 -25.55 -13.32
C LEU A 537 -23.34 -26.06 -11.88
N ARG A 538 -22.59 -25.34 -11.05
CA ARG A 538 -22.43 -25.70 -9.63
C ARG A 538 -21.88 -27.11 -9.45
N GLU A 539 -20.92 -27.49 -10.29
CA GLU A 539 -20.32 -28.82 -10.28
C GLU A 539 -18.85 -28.79 -9.81
N PHE A 540 -18.35 -27.58 -9.55
CA PHE A 540 -16.95 -27.39 -9.17
C PHE A 540 -16.80 -27.46 -7.64
N GLU A 541 -15.81 -28.22 -7.19
CA GLU A 541 -15.55 -28.37 -5.76
C GLU A 541 -14.37 -27.51 -5.30
N PRO A 542 -14.67 -26.36 -4.67
CA PRO A 542 -13.62 -25.43 -4.22
C PRO A 542 -12.99 -25.88 -2.92
N ALA A 543 -11.82 -25.33 -2.62
CA ALA A 543 -11.19 -25.52 -1.31
C ALA A 543 -11.65 -24.43 -0.35
N GLY A 544 -11.20 -24.52 0.89
CA GLY A 544 -11.39 -23.43 1.84
C GLY A 544 -12.72 -23.40 2.56
N GLU A 545 -13.60 -24.35 2.24
CA GLU A 545 -14.90 -24.42 2.89
C GLU A 545 -14.79 -24.95 4.33
N ARG A 546 -15.57 -24.34 5.22
CA ARG A 546 -15.41 -24.54 6.65
C ARG A 546 -16.51 -25.43 7.24
N ASP A 547 -16.93 -26.44 6.49
CA ASP A 547 -18.07 -27.24 6.90
C ASP A 547 -17.72 -28.26 8.00
N LEU A 548 -16.43 -28.39 8.28
CA LEU A 548 -15.94 -29.28 9.33
C LEU A 548 -16.03 -28.63 10.71
N ILE A 549 -15.82 -27.32 10.75
CA ILE A 549 -15.76 -26.60 12.02
C ILE A 549 -17.03 -25.82 12.32
N VAL A 550 -18.15 -26.35 11.84
CA VAL A 550 -19.42 -25.63 11.81
C VAL A 550 -20.58 -26.63 11.94
N PRO A 551 -21.67 -26.24 12.62
CA PRO A 551 -22.75 -27.19 12.93
C PRO A 551 -23.52 -27.69 11.70
N ALA A 552 -24.11 -28.88 11.85
CA ALA A 552 -24.65 -29.64 10.72
C ALA A 552 -26.02 -29.15 10.24
N ASP B 7 14.74 29.70 -31.13
CA ASP B 7 13.28 29.86 -30.97
C ASP B 7 12.97 30.94 -29.95
N THR B 8 12.20 31.95 -30.37
CA THR B 8 11.97 33.14 -29.57
C THR B 8 10.49 33.49 -29.54
N VAL B 9 9.88 33.34 -28.37
CA VAL B 9 8.49 33.72 -28.17
C VAL B 9 8.39 35.11 -27.52
N ASP B 10 7.38 35.87 -27.92
CA ASP B 10 7.02 37.09 -27.21
C ASP B 10 6.15 36.72 -26.01
N LEU B 11 6.29 37.47 -24.92
CA LEU B 11 5.55 37.19 -23.71
C LEU B 11 4.65 38.37 -23.34
N TYR B 12 3.37 38.07 -23.10
CA TYR B 12 2.39 39.09 -22.74
C TYR B 12 1.77 38.77 -21.37
N ASP B 13 1.19 39.78 -20.73
CA ASP B 13 0.60 39.61 -19.40
C ASP B 13 -0.85 39.13 -19.45
N ASP B 14 -1.55 39.25 -18.32
CA ASP B 14 -2.91 38.76 -18.20
C ASP B 14 -3.96 39.66 -18.86
N ARG B 15 -3.51 40.82 -19.35
CA ARG B 15 -4.39 41.77 -20.02
C ARG B 15 -4.07 41.93 -21.51
N GLY B 16 -3.13 41.13 -21.99
CA GLY B 16 -2.84 41.09 -23.42
C GLY B 16 -1.75 42.05 -23.87
N ASN B 17 -1.16 42.77 -22.93
CA ASN B 17 -0.09 43.72 -23.24
C ASN B 17 1.26 43.01 -23.24
N CYS B 18 2.19 43.50 -24.07
CA CYS B 18 3.51 42.88 -24.20
C CYS B 18 4.46 43.30 -23.07
N VAL B 19 5.15 42.31 -22.49
CA VAL B 19 6.00 42.54 -21.33
C VAL B 19 7.44 42.04 -21.50
N ALA B 20 7.72 41.34 -22.60
CA ALA B 20 9.09 40.92 -22.92
C ALA B 20 9.23 40.59 -24.40
N GLU B 21 10.36 40.99 -24.99
CA GLU B 21 10.57 40.89 -26.43
C GLU B 21 10.92 39.47 -26.88
N GLU B 22 12.04 39.32 -27.58
CA GLU B 22 12.49 38.02 -28.08
C GLU B 22 13.06 37.18 -26.95
N VAL B 23 12.22 36.33 -26.37
CA VAL B 23 12.62 35.47 -25.28
C VAL B 23 12.97 34.10 -25.84
N PRO B 24 14.26 33.73 -25.81
CA PRO B 24 14.64 32.35 -26.13
C PRO B 24 14.03 31.34 -25.16
N ILE B 25 13.37 30.33 -25.74
CA ILE B 25 12.61 29.35 -24.96
C ILE B 25 13.49 28.56 -24.01
N GLU B 26 14.80 28.56 -24.26
CA GLU B 26 15.77 27.92 -23.39
C GLU B 26 15.87 28.62 -22.04
N VAL B 27 15.46 29.88 -22.01
CA VAL B 27 15.47 30.69 -20.81
C VAL B 27 14.27 30.37 -19.89
N LEU B 28 13.33 29.59 -20.43
CA LEU B 28 12.07 29.30 -19.76
C LEU B 28 12.05 27.98 -19.01
N SER B 29 13.16 27.24 -19.05
CA SER B 29 13.27 25.99 -18.32
C SER B 29 13.50 26.29 -16.84
N PRO B 30 12.99 25.42 -15.94
CA PRO B 30 13.13 25.64 -14.50
C PRO B 30 14.57 25.90 -14.04
N MET B 31 15.52 25.16 -14.60
CA MET B 31 16.92 25.31 -14.22
C MET B 31 17.58 26.59 -14.76
N ARG B 32 16.95 27.21 -15.75
CA ARG B 32 17.40 28.51 -16.24
C ARG B 32 16.62 29.66 -15.60
N ASN B 33 15.34 29.43 -15.27
CA ASN B 33 14.48 30.50 -14.77
C ASN B 33 14.47 30.63 -13.25
N GLU B 34 14.86 31.81 -12.80
CA GLU B 34 15.06 32.13 -11.39
C GLU B 34 13.78 32.12 -10.57
N ALA B 35 12.71 32.66 -11.16
CA ALA B 35 11.42 32.76 -10.48
C ALA B 35 10.84 31.38 -10.21
N ILE B 36 10.92 30.50 -11.21
CA ILE B 36 10.50 29.11 -11.07
C ILE B 36 11.33 28.42 -9.99
N GLN B 37 12.64 28.63 -10.02
CA GLN B 37 13.56 28.13 -8.99
C GLN B 37 13.11 28.52 -7.60
N SER B 38 12.69 29.78 -7.46
CA SER B 38 12.29 30.34 -6.17
C SER B 38 10.91 29.85 -5.73
N ILE B 39 10.01 29.64 -6.70
CA ILE B 39 8.68 29.12 -6.40
C ILE B 39 8.77 27.71 -5.83
N VAL B 40 9.71 26.92 -6.36
CA VAL B 40 9.99 25.58 -5.83
C VAL B 40 10.51 25.66 -4.41
N ASN B 41 11.40 26.63 -4.15
CA ASN B 41 11.92 26.87 -2.80
C ASN B 41 10.80 27.32 -1.86
N ASP B 42 9.99 28.27 -2.32
CA ASP B 42 8.88 28.80 -1.55
C ASP B 42 7.78 27.77 -1.30
N ILE B 43 7.77 26.69 -2.08
CA ILE B 43 6.77 25.63 -1.92
C ILE B 43 7.20 24.59 -0.89
N LYS B 44 8.51 24.41 -0.75
CA LYS B 44 9.06 23.53 0.27
C LYS B 44 9.14 24.20 1.64
N ARG B 45 9.12 25.53 1.65
CA ARG B 45 9.31 26.28 2.89
C ARG B 45 8.02 26.91 3.45
N THR B 46 7.00 27.04 2.61
CA THR B 46 5.78 27.71 3.02
C THR B 46 4.70 26.73 3.52
N VAL B 47 4.23 26.99 4.73
CA VAL B 47 3.27 26.13 5.41
C VAL B 47 2.14 26.95 6.02
N ALA B 48 0.92 26.41 5.98
CA ALA B 48 -0.22 27.02 6.63
C ALA B 48 -0.63 26.24 7.88
N VAL B 49 -0.83 26.97 8.97
CA VAL B 49 -1.28 26.37 10.23
C VAL B 49 -2.57 27.04 10.70
N ASP B 50 -3.57 26.21 11.01
CA ASP B 50 -4.85 26.69 11.52
C ASP B 50 -4.83 26.68 13.03
N LEU B 51 -4.66 27.86 13.63
CA LEU B 51 -4.59 27.98 15.09
C LEU B 51 -5.97 27.86 15.73
N GLU B 52 -6.99 28.40 15.05
CA GLU B 52 -8.37 28.27 15.49
C GLU B 52 -8.80 26.80 15.47
N GLY B 53 -8.39 26.08 14.42
CA GLY B 53 -8.72 24.68 14.28
C GLY B 53 -8.07 23.82 15.36
N ILE B 54 -6.82 24.14 15.70
CA ILE B 54 -6.12 23.45 16.78
C ILE B 54 -6.78 23.76 18.13
N GLU B 55 -7.26 24.99 18.28
CA GLU B 55 -7.93 25.41 19.51
C GLU B 55 -9.25 24.67 19.70
N ASN B 56 -10.05 24.59 18.63
CA ASN B 56 -11.30 23.85 18.65
C ASN B 56 -11.08 22.38 18.96
N ALA B 57 -10.14 21.76 18.25
CA ALA B 57 -9.81 20.36 18.44
C ALA B 57 -9.43 20.07 19.89
N LEU B 58 -8.58 20.93 20.46
CA LEU B 58 -8.14 20.77 21.84
C LEU B 58 -9.23 21.14 22.85
N GLN B 59 -10.10 22.07 22.47
CA GLN B 59 -11.18 22.52 23.33
C GLN B 59 -12.23 21.43 23.54
N ASN B 60 -12.34 20.53 22.57
CA ASN B 60 -13.40 19.53 22.56
C ASN B 60 -12.87 18.09 22.46
N ALA B 61 -11.54 17.96 22.55
CA ALA B 61 -10.87 16.65 22.44
C ALA B 61 -11.28 15.88 21.18
N THR B 62 -11.63 16.62 20.13
CA THR B 62 -11.92 16.03 18.84
C THR B 62 -10.65 16.02 17.97
N VAL B 63 -9.78 15.06 18.26
CA VAL B 63 -8.51 14.94 17.54
C VAL B 63 -8.46 13.66 16.70
N GLY B 64 -7.58 13.63 15.71
CA GLY B 64 -7.51 12.50 14.80
C GLY B 64 -8.45 12.65 13.61
N GLY B 65 -9.46 13.52 13.77
CA GLY B 65 -10.33 13.87 12.67
C GLY B 65 -11.43 12.88 12.36
N LYS B 66 -12.36 13.30 11.50
CA LYS B 66 -13.38 12.41 10.94
C LYS B 66 -14.36 11.88 11.97
N GLY B 67 -14.81 12.76 12.87
CA GLY B 67 -15.87 12.40 13.81
C GLY B 67 -15.37 11.92 15.17
N MET B 68 -14.05 11.76 15.31
CA MET B 68 -13.45 11.24 16.53
C MET B 68 -13.50 12.23 17.69
N LYS B 69 -13.60 11.68 18.90
CA LYS B 69 -13.51 12.46 20.14
C LYS B 69 -13.03 11.57 21.26
N ILE B 70 -11.95 11.99 21.93
CA ILE B 70 -11.43 11.28 23.09
C ILE B 70 -12.05 11.85 24.37
N PRO B 71 -13.12 11.21 24.88
CA PRO B 71 -13.89 11.80 25.98
C PRO B 71 -13.05 11.95 27.25
N GLY B 72 -13.34 13.00 28.01
CA GLY B 72 -12.65 13.22 29.27
C GLY B 72 -11.25 13.78 29.14
N ARG B 73 -10.85 14.10 27.91
CA ARG B 73 -9.51 14.62 27.67
C ARG B 73 -9.56 16.03 27.07
N GLU B 74 -10.74 16.64 27.12
CA GLU B 74 -10.94 18.04 26.74
C GLU B 74 -9.95 18.93 27.50
N MET B 75 -9.68 20.12 26.97
CA MET B 75 -8.59 20.95 27.44
C MET B 75 -8.76 22.39 26.95
N ASP B 76 -9.11 23.29 27.85
CA ASP B 76 -9.33 24.68 27.48
C ASP B 76 -8.05 25.50 27.51
N VAL B 77 -7.41 25.61 26.35
CA VAL B 77 -6.31 26.54 26.14
C VAL B 77 -6.72 27.60 25.13
N ASP B 78 -6.10 28.78 25.22
CA ASP B 78 -6.35 29.84 24.28
C ASP B 78 -5.16 29.98 23.33
N ILE B 79 -5.34 29.51 22.10
CA ILE B 79 -4.30 29.53 21.09
C ILE B 79 -4.33 30.85 20.32
N VAL B 80 -5.50 31.16 19.75
CA VAL B 80 -5.70 32.33 18.90
C VAL B 80 -5.23 33.62 19.58
N ASP B 81 -5.65 33.83 20.82
CA ASP B 81 -5.33 35.04 21.57
C ASP B 81 -3.82 35.24 21.74
N ASN B 82 -3.08 34.14 21.83
CA ASN B 82 -1.63 34.19 21.98
C ASN B 82 -0.89 33.90 20.67
N ALA B 83 -1.58 34.05 19.54
CA ALA B 83 -1.00 33.77 18.23
C ALA B 83 0.31 34.52 18.04
N GLU B 84 0.34 35.77 18.50
CA GLU B 84 1.52 36.62 18.38
C GLU B 84 2.69 36.02 19.15
N ALA B 85 2.45 35.65 20.40
CA ALA B 85 3.46 35.02 21.25
C ALA B 85 3.91 33.67 20.70
N ILE B 86 2.99 32.93 20.12
CA ILE B 86 3.30 31.63 19.51
C ILE B 86 4.20 31.80 18.28
N ALA B 87 3.87 32.78 17.44
CA ALA B 87 4.67 33.12 16.27
C ALA B 87 6.12 33.41 16.66
N ASP B 88 6.30 34.25 17.67
CA ASP B 88 7.63 34.67 18.12
C ASP B 88 8.51 33.51 18.56
N GLU B 89 7.93 32.56 19.30
CA GLU B 89 8.65 31.36 19.69
C GLU B 89 9.01 30.52 18.48
N ILE B 90 8.14 30.52 17.47
CA ILE B 90 8.34 29.73 16.26
C ILE B 90 9.53 30.22 15.43
N GLU B 91 9.62 31.54 15.21
CA GLU B 91 10.74 32.08 14.45
C GLU B 91 12.06 31.99 15.22
N LYS B 92 11.95 31.80 16.54
CA LYS B 92 13.11 31.54 17.38
C LYS B 92 13.66 30.13 17.12
N MET B 93 12.77 29.16 17.04
CA MET B 93 13.14 27.76 16.83
C MET B 93 13.57 27.48 15.40
N ILE B 94 13.18 28.35 14.49
CA ILE B 94 13.22 28.06 13.06
C ILE B 94 14.33 28.81 12.30
N ARG B 95 14.71 29.97 12.81
CA ARG B 95 15.72 30.83 12.18
C ARG B 95 17.12 30.21 12.20
N VAL B 96 17.88 30.45 11.13
CA VAL B 96 19.25 29.94 11.00
C VAL B 96 20.27 31.08 11.17
N TYR B 97 19.95 32.22 10.57
CA TYR B 97 20.78 33.41 10.62
C TYR B 97 19.88 34.61 10.94
N GLN B 98 20.46 35.66 11.53
CA GLN B 98 19.69 36.87 11.81
C GLN B 98 19.20 37.56 10.53
N ASP B 99 19.97 37.42 9.46
CA ASP B 99 19.64 38.08 8.20
C ASP B 99 19.14 37.11 7.12
N ASP B 100 18.30 36.15 7.49
CA ASP B 100 17.69 35.29 6.49
C ASP B 100 16.19 35.50 6.29
N ASP B 101 15.58 34.68 5.45
CA ASP B 101 14.21 34.88 5.00
C ASP B 101 13.16 34.07 5.76
N THR B 102 13.46 33.73 7.01
CA THR B 102 12.45 33.30 7.97
C THR B 102 11.32 34.33 7.99
N ASN B 103 10.08 33.84 7.91
CA ASN B 103 8.91 34.71 8.01
C ASN B 103 7.77 33.95 8.66
N VAL B 104 7.38 34.39 9.86
CA VAL B 104 6.33 33.72 10.63
C VAL B 104 5.31 34.75 11.11
N GLU B 105 4.30 35.03 10.28
CA GLU B 105 3.31 36.04 10.63
C GLU B 105 1.90 35.50 10.81
N PRO B 106 1.27 35.81 11.96
CA PRO B 106 -0.15 35.60 12.23
C PRO B 106 -1.06 36.23 11.19
N MET B 107 -2.12 35.49 10.81
CA MET B 107 -3.09 35.98 9.83
C MET B 107 -4.50 35.83 10.34
N TYR B 108 -5.39 36.68 9.84
CA TYR B 108 -6.82 36.65 10.15
C TYR B 108 -7.11 36.64 11.65
N ASP B 109 -6.63 37.67 12.34
CA ASP B 109 -6.90 37.87 13.77
C ASP B 109 -6.40 36.72 14.64
N GLY B 110 -5.41 36.00 14.13
CA GLY B 110 -4.78 34.93 14.91
C GLY B 110 -5.38 33.56 14.69
N LYS B 111 -6.34 33.47 13.78
CA LYS B 111 -6.98 32.19 13.45
C LYS B 111 -6.06 31.33 12.61
N ARG B 112 -5.27 31.98 11.77
CA ARG B 112 -4.36 31.31 10.85
C ARG B 112 -2.91 31.71 11.14
N LEU B 113 -1.96 30.98 10.55
CA LEU B 113 -0.54 31.25 10.73
C LEU B 113 0.28 30.75 9.55
N LEU B 114 0.94 31.69 8.86
CA LEU B 114 1.88 31.36 7.81
C LEU B 114 3.27 31.16 8.39
N VAL B 115 3.84 29.99 8.19
CA VAL B 115 5.23 29.75 8.59
C VAL B 115 6.10 29.45 7.38
N GLN B 116 6.99 30.39 7.07
CA GLN B 116 7.96 30.23 6.00
C GLN B 116 9.34 29.95 6.59
N LEU B 117 9.86 28.76 6.34
CA LEU B 117 11.19 28.39 6.83
C LEU B 117 12.28 29.11 6.04
N PRO B 118 13.38 29.45 6.71
CA PRO B 118 14.62 29.86 6.05
C PRO B 118 15.05 28.91 4.95
N SER B 119 15.37 29.48 3.79
CA SER B 119 15.91 28.72 2.66
C SER B 119 17.11 27.85 3.06
N GLU B 120 17.77 28.23 4.15
CA GLU B 120 18.83 27.42 4.73
C GLU B 120 18.32 26.05 5.17
N ARG B 121 17.07 25.99 5.64
CA ARG B 121 16.45 24.73 6.02
C ARG B 121 16.00 23.93 4.80
N VAL B 122 15.53 24.61 3.76
CA VAL B 122 15.17 23.94 2.53
C VAL B 122 16.41 23.23 1.97
N LYS B 123 17.29 23.96 1.29
CA LYS B 123 18.67 23.54 0.96
C LYS B 123 19.15 22.13 1.30
N VAL B 124 18.90 21.71 2.54
CA VAL B 124 19.36 20.43 3.06
C VAL B 124 18.18 19.49 3.38
N MET B 125 17.16 19.54 2.53
CA MET B 125 15.88 18.86 2.75
C MET B 125 15.62 17.96 1.54
N ALA B 126 15.47 16.66 1.77
CA ALA B 126 15.21 15.71 0.69
C ALA B 126 13.71 15.64 0.40
N ASP B 127 12.94 15.38 1.44
CA ASP B 127 11.47 15.35 1.38
C ASP B 127 10.90 16.75 1.21
N PRO B 128 10.13 16.99 0.14
CA PRO B 128 9.62 18.35 -0.18
C PRO B 128 8.51 18.82 0.76
N TYR B 129 7.83 17.86 1.38
CA TYR B 129 6.72 18.16 2.28
C TYR B 129 7.24 18.43 3.68
N SER B 130 8.41 17.86 3.97
CA SER B 130 9.09 17.94 5.27
C SER B 130 8.99 19.25 6.04
N GLY B 131 8.98 20.37 5.30
CA GLY B 131 8.82 21.67 5.94
C GLY B 131 7.64 21.72 6.91
N THR B 132 6.63 20.91 6.62
CA THR B 132 5.46 20.79 7.49
C THR B 132 5.78 20.16 8.84
N LEU B 133 6.62 19.14 8.84
CA LEU B 133 7.12 18.54 10.07
C LEU B 133 7.84 19.59 10.92
N GLN B 134 8.78 20.29 10.30
CA GLN B 134 9.58 21.28 10.99
C GLN B 134 8.72 22.44 11.51
N ALA B 135 7.98 23.07 10.60
CA ALA B 135 7.08 24.17 10.97
C ALA B 135 6.01 23.74 11.96
N GLY B 136 5.47 22.54 11.76
CA GLY B 136 4.44 22.02 12.64
C GLY B 136 4.94 21.69 14.04
N MET B 137 6.10 21.06 14.11
CA MET B 137 6.69 20.71 15.41
C MET B 137 7.02 21.95 16.23
N ALA B 138 7.26 23.07 15.54
CA ALA B 138 7.42 24.36 16.20
C ALA B 138 6.12 24.79 16.86
N VAL B 139 5.04 24.81 16.08
CA VAL B 139 3.70 25.12 16.59
C VAL B 139 3.37 24.25 17.81
N VAL B 140 3.69 22.97 17.72
CA VAL B 140 3.48 22.03 18.83
C VAL B 140 4.19 22.52 20.10
N HIS B 141 5.49 22.73 19.99
CA HIS B 141 6.30 23.14 21.13
C HIS B 141 5.90 24.51 21.65
N ALA B 142 5.61 25.42 20.74
CA ALA B 142 5.27 26.80 21.08
C ALA B 142 3.95 26.90 21.84
N ILE B 143 3.03 25.98 21.56
CA ILE B 143 1.76 25.91 22.27
C ILE B 143 1.96 25.36 23.67
N ILE B 144 2.79 24.32 23.79
CA ILE B 144 3.03 23.66 25.07
C ILE B 144 3.55 24.60 26.14
N ASP B 145 4.56 25.41 25.80
CA ASP B 145 5.20 26.27 26.78
C ASP B 145 4.93 27.76 26.58
N VAL B 146 3.79 28.06 25.95
CA VAL B 146 3.17 29.39 26.05
C VAL B 146 1.83 29.21 26.73
N CYS B 147 1.12 28.14 26.36
CA CYS B 147 -0.18 27.83 26.95
C CYS B 147 -0.05 26.95 28.18
N GLU B 148 1.18 26.65 28.57
CA GLU B 148 1.46 25.94 29.82
C GLU B 148 0.75 24.60 29.89
N VAL B 149 0.94 23.77 28.86
CA VAL B 149 0.26 22.49 28.75
C VAL B 149 0.89 21.44 29.68
N ASP B 150 0.03 20.68 30.35
CA ASP B 150 0.46 19.61 31.25
C ASP B 150 1.18 18.50 30.49
N MET B 151 2.25 17.99 31.09
CA MET B 151 3.09 16.95 30.49
C MET B 151 2.29 15.73 30.02
N TRP B 152 1.27 15.35 30.80
CA TRP B 152 0.48 14.15 30.53
C TRP B 152 -0.56 14.37 29.43
N ASP B 153 -0.85 15.64 29.14
CA ASP B 153 -1.86 15.97 28.13
C ASP B 153 -1.23 16.65 26.91
N ALA B 154 0.10 16.69 26.88
CA ALA B 154 0.83 17.32 25.79
C ALA B 154 0.63 16.58 24.47
N ASN B 155 0.51 15.26 24.55
CA ASN B 155 0.28 14.42 23.38
C ASN B 155 -1.01 14.76 22.63
N MET B 156 -1.90 15.48 23.31
CA MET B 156 -3.13 15.98 22.71
C MET B 156 -2.86 17.15 21.76
N VAL B 157 -1.81 17.92 22.06
CA VAL B 157 -1.40 19.03 21.20
C VAL B 157 -0.73 18.50 19.93
N LYS B 158 0.07 17.45 20.09
CA LYS B 158 0.68 16.77 18.94
C LYS B 158 -0.40 16.28 17.98
N ALA B 159 -1.50 15.80 18.55
CA ALA B 159 -2.59 15.23 17.75
C ALA B 159 -3.47 16.29 17.11
N ALA B 160 -3.66 17.41 17.79
CA ALA B 160 -4.44 18.52 17.24
C ALA B 160 -3.71 19.12 16.03
N VAL B 161 -2.39 19.09 16.09
CA VAL B 161 -1.56 19.61 15.01
C VAL B 161 -1.41 18.60 13.87
N PHE B 162 -0.94 17.40 14.20
CA PHE B 162 -0.56 16.42 13.17
C PHE B 162 -1.53 15.25 13.00
N GLY B 163 -2.65 15.29 13.72
CA GLY B 163 -3.68 14.28 13.55
C GLY B 163 -3.32 12.90 14.07
N ARG B 164 -3.48 11.88 13.23
CA ARG B 164 -3.25 10.49 13.64
C ARG B 164 -1.84 10.00 13.33
N TYR B 165 -1.05 10.85 12.69
CA TYR B 165 0.36 10.56 12.44
C TYR B 165 1.06 10.25 13.76
N PRO B 166 1.75 9.09 13.85
CA PRO B 166 2.23 8.28 12.73
C PRO B 166 1.38 7.07 12.36
N GLN B 167 0.29 6.83 13.09
CA GLN B 167 -0.57 5.68 12.85
C GLN B 167 -1.16 5.70 11.44
N THR B 168 -1.57 6.87 10.97
CA THR B 168 -1.93 7.04 9.57
C THR B 168 -0.72 7.49 8.78
N ILE B 169 -0.80 7.31 7.46
CA ILE B 169 0.31 7.64 6.57
C ILE B 169 0.53 9.16 6.53
N ASP B 170 -0.54 9.91 6.73
CA ASP B 170 -0.53 11.37 6.65
C ASP B 170 -0.89 12.05 7.97
N TYR B 171 -1.14 13.36 7.91
CA TYR B 171 -1.55 14.12 9.08
C TYR B 171 -3.07 14.13 9.20
N PHE B 172 -3.65 12.93 9.29
CA PHE B 172 -5.09 12.75 9.20
C PHE B 172 -5.83 13.42 10.36
N GLY B 173 -6.72 14.35 10.02
CA GLY B 173 -7.44 15.11 11.03
C GLY B 173 -6.56 16.19 11.65
N GLY B 174 -5.46 16.50 10.99
CA GLY B 174 -4.54 17.51 11.49
C GLY B 174 -4.98 18.91 11.12
N ASN B 175 -4.17 19.90 11.51
CA ASN B 175 -4.43 21.30 11.18
C ASN B 175 -3.21 21.94 10.54
N VAL B 176 -2.44 21.13 9.83
CA VAL B 176 -1.27 21.59 9.09
C VAL B 176 -1.47 21.30 7.61
N ALA B 177 -1.06 22.24 6.75
CA ALA B 177 -1.24 22.09 5.32
C ALA B 177 -0.15 22.79 4.52
N SER B 178 0.20 22.20 3.39
CA SER B 178 0.97 22.89 2.36
C SER B 178 0.39 22.53 0.99
N MET B 179 1.01 23.04 -0.07
CA MET B 179 0.59 22.71 -1.43
C MET B 179 0.97 21.26 -1.73
N LEU B 180 2.06 20.80 -1.12
CA LEU B 180 2.50 19.42 -1.22
C LEU B 180 1.91 18.60 -0.10
N ASP B 181 1.83 17.30 -0.30
CA ASP B 181 1.32 16.41 0.71
C ASP B 181 2.03 15.06 0.58
N VAL B 182 2.81 14.74 1.62
CA VAL B 182 3.39 13.41 1.88
C VAL B 182 3.88 12.61 0.66
N PRO B 183 5.11 12.08 0.74
CA PRO B 183 5.76 11.46 -0.42
C PRO B 183 5.18 10.11 -0.85
N MET B 184 4.59 9.36 0.08
CA MET B 184 4.08 8.02 -0.23
C MET B 184 2.70 8.04 -0.89
N LYS B 185 2.16 9.25 -1.11
CA LYS B 185 0.92 9.40 -1.86
C LYS B 185 1.19 9.66 -3.35
N GLN B 186 2.46 9.66 -3.72
CA GLN B 186 2.86 9.92 -5.10
C GLN B 186 2.61 8.72 -6.00
N GLU B 187 2.13 9.00 -7.22
CA GLU B 187 1.87 7.97 -8.21
C GLU B 187 3.15 7.47 -8.87
N GLY B 188 4.21 8.27 -8.78
CA GLY B 188 5.49 7.85 -9.32
C GLY B 188 6.62 8.76 -8.87
N VAL B 189 7.85 8.39 -9.23
CA VAL B 189 9.02 9.23 -8.96
C VAL B 189 8.83 10.60 -9.59
N GLY B 190 9.08 11.64 -8.80
CA GLY B 190 9.02 13.01 -9.30
C GLY B 190 7.62 13.56 -9.45
N TYR B 191 6.63 12.90 -8.85
CA TYR B 191 5.24 13.33 -8.95
C TYR B 191 4.85 14.34 -7.87
N ALA B 192 5.82 14.73 -7.05
CA ALA B 192 5.61 15.64 -5.93
C ALA B 192 4.87 16.91 -6.35
N LEU B 193 5.43 17.66 -7.30
CA LEU B 193 4.86 18.92 -7.76
C LEU B 193 3.59 18.70 -8.60
N ARG B 194 3.26 17.44 -8.86
CA ARG B 194 2.03 17.08 -9.56
C ARG B 194 0.86 16.88 -8.59
N ASN B 195 1.19 16.56 -7.33
CA ASN B 195 0.15 16.26 -6.34
C ASN B 195 -0.34 17.51 -5.63
N ILE B 196 -0.79 18.48 -6.43
CA ILE B 196 -1.32 19.74 -5.93
C ILE B 196 -2.67 19.94 -6.62
N MET B 197 -3.73 20.02 -5.82
CA MET B 197 -5.09 20.12 -6.34
C MET B 197 -5.26 21.33 -7.25
N VAL B 198 -6.11 21.18 -8.28
CA VAL B 198 -6.50 22.31 -9.11
C VAL B 198 -7.18 23.39 -8.27
N ASN B 199 -7.95 22.96 -7.27
CA ASN B 199 -8.61 23.87 -6.35
C ASN B 199 -7.62 24.64 -5.48
N HIS B 200 -6.55 23.98 -5.06
CA HIS B 200 -5.43 24.65 -4.41
C HIS B 200 -4.85 25.70 -5.35
N ILE B 201 -4.60 25.30 -6.59
CA ILE B 201 -4.07 26.18 -7.64
C ILE B 201 -4.96 27.41 -7.81
N VAL B 202 -6.27 27.19 -7.85
CA VAL B 202 -7.23 28.24 -8.11
C VAL B 202 -7.46 29.13 -6.89
N ALA B 203 -7.42 28.53 -5.70
CA ALA B 203 -7.58 29.27 -4.45
C ALA B 203 -6.44 30.25 -4.23
N ALA B 204 -5.22 29.81 -4.54
CA ALA B 204 -4.02 30.61 -4.30
C ALA B 204 -3.84 31.73 -5.32
N THR B 205 -4.42 31.55 -6.50
CA THR B 205 -4.42 32.60 -7.52
C THR B 205 -5.74 33.38 -7.48
N ARG B 206 -6.48 33.18 -6.40
CA ARG B 206 -7.70 33.95 -6.08
C ARG B 206 -8.65 34.13 -7.28
N LYS B 207 -8.93 33.01 -7.96
CA LYS B 207 -9.91 32.95 -9.04
C LYS B 207 -9.56 33.79 -10.28
N ASN B 208 -8.31 34.26 -10.35
CA ASN B 208 -7.79 34.90 -11.56
C ASN B 208 -7.44 33.80 -12.57
N THR B 209 -8.16 33.77 -13.68
CA THR B 209 -8.06 32.66 -14.64
C THR B 209 -6.68 32.52 -15.28
N MET B 210 -6.15 33.61 -15.83
CA MET B 210 -4.84 33.58 -16.48
C MET B 210 -3.74 33.14 -15.52
N GLN B 211 -3.82 33.60 -14.28
CA GLN B 211 -2.80 33.32 -13.28
C GLN B 211 -2.92 31.89 -12.72
N ALA B 212 -4.13 31.34 -12.75
CA ALA B 212 -4.35 29.93 -12.41
C ALA B 212 -3.72 29.04 -13.47
N VAL B 213 -4.09 29.27 -14.73
CA VAL B 213 -3.49 28.59 -15.88
C VAL B 213 -1.98 28.58 -15.76
N CYS B 214 -1.40 29.76 -15.50
CA CYS B 214 0.04 29.91 -15.32
C CYS B 214 0.57 28.99 -14.23
N LEU B 215 0.05 29.16 -13.02
CA LEU B 215 0.53 28.39 -11.86
C LEU B 215 0.43 26.88 -12.07
N ALA B 216 -0.64 26.43 -12.72
CA ALA B 216 -0.83 25.02 -13.03
C ALA B 216 0.23 24.57 -14.05
N ALA B 217 0.40 25.37 -15.10
CA ALA B 217 1.33 25.06 -16.18
C ALA B 217 2.79 24.97 -15.72
N THR B 218 3.24 25.94 -14.92
CA THR B 218 4.63 25.97 -14.49
C THR B 218 4.94 24.86 -13.49
N LEU B 219 3.96 24.49 -12.67
CA LEU B 219 4.10 23.36 -11.76
C LEU B 219 4.11 22.05 -12.52
N GLN B 220 3.21 21.93 -13.50
CA GLN B 220 3.17 20.76 -14.38
C GLN B 220 4.47 20.58 -15.16
N GLN B 221 4.86 21.62 -15.89
CA GLN B 221 6.04 21.55 -16.76
C GLN B 221 7.35 21.45 -16.00
N THR B 222 7.34 21.82 -14.73
CA THR B 222 8.52 21.65 -13.87
C THR B 222 8.65 20.19 -13.42
N ALA B 223 7.51 19.51 -13.27
CA ALA B 223 7.52 18.07 -13.02
C ALA B 223 7.89 17.31 -14.29
N MET B 224 7.51 17.87 -15.44
CA MET B 224 7.88 17.28 -16.73
C MET B 224 9.40 17.26 -16.91
N PHE B 225 10.07 18.28 -16.37
CA PHE B 225 11.52 18.35 -16.41
C PHE B 225 12.16 17.43 -15.37
N GLU B 226 11.53 17.36 -14.20
CA GLU B 226 12.02 16.55 -13.09
C GLU B 226 11.93 15.06 -13.38
N MET B 227 10.91 14.67 -14.13
CA MET B 227 10.69 13.26 -14.46
C MET B 227 11.46 12.81 -15.69
N GLY B 228 12.29 13.71 -16.23
CA GLY B 228 13.05 13.39 -17.43
C GLY B 228 12.19 13.25 -18.67
N ASP B 229 11.00 13.85 -18.64
CA ASP B 229 10.11 13.88 -19.80
C ASP B 229 10.49 15.03 -20.72
N ALA B 230 10.70 16.21 -20.13
CA ALA B 230 11.23 17.36 -20.85
C ALA B 230 12.75 17.26 -20.87
N LEU B 231 13.25 16.50 -21.84
CA LEU B 231 14.64 16.08 -21.90
C LEU B 231 14.90 15.54 -23.30
N GLY B 232 16.16 15.52 -23.71
CA GLY B 232 16.54 14.90 -24.96
C GLY B 232 15.78 15.41 -26.17
N PRO B 233 15.24 14.50 -27.01
CA PRO B 233 14.42 14.90 -28.16
C PRO B 233 13.00 15.38 -27.80
N PHE B 234 12.79 15.70 -26.52
CA PHE B 234 11.47 16.16 -26.05
C PHE B 234 11.51 17.52 -25.36
N GLU B 235 12.71 18.02 -25.05
CA GLU B 235 12.84 19.25 -24.28
C GLU B 235 12.09 20.41 -24.92
N ARG B 236 12.20 20.51 -26.24
CA ARG B 236 11.59 21.57 -27.03
C ARG B 236 10.06 21.49 -27.02
N LEU B 237 9.54 20.25 -27.06
CA LEU B 237 8.10 19.99 -27.00
C LEU B 237 7.45 20.65 -25.77
N HIS B 238 8.17 20.61 -24.65
CA HIS B 238 7.64 21.11 -23.39
C HIS B 238 7.96 22.59 -23.15
N LEU B 239 9.07 23.05 -23.72
CA LEU B 239 9.44 24.47 -23.61
C LEU B 239 8.45 25.35 -24.37
N LEU B 240 8.18 24.97 -25.62
CA LEU B 240 7.20 25.69 -26.44
C LEU B 240 5.78 25.43 -25.98
N GLY B 241 5.51 24.18 -25.60
CA GLY B 241 4.21 23.84 -25.03
C GLY B 241 3.89 24.69 -23.83
N TYR B 242 4.92 25.00 -23.05
CA TYR B 242 4.79 25.75 -21.80
C TYR B 242 4.62 27.26 -22.04
N ALA B 243 5.35 27.79 -23.01
CA ALA B 243 5.28 29.21 -23.33
C ALA B 243 3.86 29.60 -23.75
N TYR B 244 3.28 28.80 -24.64
CA TYR B 244 1.97 29.10 -25.22
C TYR B 244 0.82 28.82 -24.26
N GLN B 245 0.92 27.73 -23.51
CA GLN B 245 -0.14 27.35 -22.56
C GLN B 245 -0.20 28.26 -21.35
N GLY B 246 0.94 28.50 -20.71
CA GLY B 246 0.93 29.09 -19.39
C GLY B 246 1.45 30.51 -19.28
N LEU B 247 2.29 30.93 -20.23
CA LEU B 247 2.86 32.27 -20.23
C LEU B 247 2.32 33.13 -21.37
N ASN B 248 1.15 32.76 -21.89
CA ASN B 248 0.45 33.53 -22.92
C ASN B 248 1.36 33.97 -24.06
N ALA B 249 2.19 33.05 -24.54
CA ALA B 249 3.14 33.35 -25.60
C ALA B 249 2.42 33.89 -26.84
N ASP B 250 3.06 34.85 -27.50
CA ASP B 250 2.51 35.49 -28.69
C ASP B 250 1.12 36.07 -28.49
N ASN B 251 0.70 36.17 -27.22
CA ASN B 251 -0.63 36.67 -26.88
C ASN B 251 -1.73 35.80 -27.49
N MET B 252 -1.37 34.56 -27.83
CA MET B 252 -2.25 33.71 -28.64
C MET B 252 -3.50 33.25 -27.89
N VAL B 253 -3.33 32.83 -26.64
CA VAL B 253 -4.47 32.45 -25.81
C VAL B 253 -5.35 33.67 -25.58
N TYR B 254 -4.74 34.82 -25.34
CA TYR B 254 -5.48 36.04 -25.04
C TYR B 254 -6.22 36.60 -26.25
N ASP B 255 -5.60 36.56 -27.43
CA ASP B 255 -6.20 37.08 -28.65
C ASP B 255 -7.36 36.22 -29.14
N ILE B 256 -7.19 34.91 -29.08
CA ILE B 256 -8.24 33.97 -29.48
C ILE B 256 -9.50 34.21 -28.65
N VAL B 257 -9.31 34.43 -27.36
CA VAL B 257 -10.43 34.61 -26.43
C VAL B 257 -11.05 36.00 -26.53
N LYS B 258 -10.26 36.98 -26.92
CA LYS B 258 -10.77 38.34 -27.14
C LYS B 258 -11.79 38.37 -28.29
N LYS B 259 -11.50 37.61 -29.34
CA LYS B 259 -12.35 37.64 -30.53
C LYS B 259 -13.44 36.57 -30.54
N HIS B 260 -13.17 35.43 -29.90
CA HIS B 260 -14.13 34.34 -29.83
C HIS B 260 -15.00 34.37 -28.57
N GLY B 261 -14.75 35.35 -27.71
CA GLY B 261 -15.38 35.36 -26.40
C GLY B 261 -16.85 35.72 -26.34
N LYS B 262 -17.35 36.41 -27.35
CA LYS B 262 -18.73 36.90 -27.35
C LYS B 262 -19.69 35.97 -28.10
N GLU B 263 -19.18 35.27 -29.10
CA GLU B 263 -20.02 34.48 -30.00
C GLU B 263 -19.45 33.10 -30.32
N GLY B 264 -18.25 32.83 -29.83
CA GLY B 264 -17.53 31.64 -30.25
C GLY B 264 -17.87 30.37 -29.50
N THR B 265 -17.48 29.24 -30.07
CA THR B 265 -17.63 27.93 -29.44
C THR B 265 -16.27 27.23 -29.44
N VAL B 266 -16.26 25.94 -29.10
CA VAL B 266 -15.04 25.14 -29.16
C VAL B 266 -14.66 24.83 -30.61
N GLY B 267 -15.65 24.80 -31.49
CA GLY B 267 -15.40 24.54 -32.90
C GLY B 267 -14.74 25.72 -33.60
N THR B 268 -15.22 26.92 -33.29
CA THR B 268 -14.67 28.14 -33.86
C THR B 268 -13.24 28.40 -33.38
N VAL B 269 -12.96 27.99 -32.15
CA VAL B 269 -11.61 28.09 -31.60
C VAL B 269 -10.67 27.10 -32.30
N VAL B 270 -11.17 25.88 -32.50
CA VAL B 270 -10.45 24.87 -33.28
C VAL B 270 -10.06 25.45 -34.64
N ARG B 271 -11.04 26.02 -35.34
CA ARG B 271 -10.79 26.61 -36.67
C ARG B 271 -9.82 27.78 -36.58
N GLU B 272 -9.85 28.50 -35.46
CA GLU B 272 -8.94 29.62 -35.23
C GLU B 272 -7.49 29.14 -35.14
N VAL B 273 -7.31 27.94 -34.59
CA VAL B 273 -5.98 27.35 -34.45
C VAL B 273 -5.42 26.90 -35.80
N VAL B 274 -6.27 26.29 -36.62
CA VAL B 274 -5.85 25.78 -37.92
C VAL B 274 -5.48 26.91 -38.87
N GLU B 275 -6.22 28.02 -38.79
CA GLU B 275 -5.93 29.17 -39.65
C GLU B 275 -4.58 29.80 -39.29
N ARG B 276 -4.32 29.98 -37.99
CA ARG B 276 -3.13 30.68 -37.53
C ARG B 276 -1.85 29.89 -37.75
N ALA B 277 -1.94 28.56 -37.64
CA ALA B 277 -0.80 27.71 -37.96
C ALA B 277 -0.58 27.70 -39.48
N LEU B 278 -1.68 27.83 -40.22
CA LEU B 278 -1.64 27.91 -41.68
C LEU B 278 -0.96 29.20 -42.12
N GLU B 279 -1.34 30.31 -41.50
CA GLU B 279 -0.82 31.63 -41.85
C GLU B 279 0.64 31.81 -41.44
N ASP B 280 1.10 31.01 -40.48
CA ASP B 280 2.44 31.16 -39.95
C ASP B 280 3.41 30.10 -40.47
N GLY B 281 2.92 29.24 -41.37
CA GLY B 281 3.77 28.22 -41.96
C GLY B 281 4.19 27.14 -40.97
N VAL B 282 3.42 27.01 -39.90
CA VAL B 282 3.60 25.91 -38.95
C VAL B 282 3.14 24.62 -39.63
N ILE B 283 2.02 24.72 -40.34
CA ILE B 283 1.49 23.60 -41.10
C ILE B 283 1.15 24.01 -42.54
N GLU B 284 1.08 23.02 -43.42
CA GLU B 284 0.68 23.23 -44.81
C GLU B 284 -0.32 22.18 -45.26
N VAL B 285 -0.47 22.04 -46.57
CA VAL B 285 -1.26 20.97 -47.17
C VAL B 285 -0.33 19.85 -47.65
N LYS B 286 -0.45 18.66 -47.06
CA LYS B 286 0.33 17.51 -47.49
C LYS B 286 -0.19 17.03 -48.85
N GLU B 287 -1.39 16.49 -48.85
CA GLU B 287 -2.07 16.10 -50.08
C GLU B 287 -3.54 16.45 -50.00
N GLU B 288 -4.21 16.51 -51.14
CA GLU B 288 -5.62 16.85 -51.18
C GLU B 288 -6.47 15.65 -51.60
N LEU B 289 -7.18 15.08 -50.63
CA LEU B 289 -8.09 13.97 -50.86
C LEU B 289 -9.28 14.44 -51.72
N PRO B 290 -10.16 13.51 -52.14
CA PRO B 290 -11.38 13.90 -52.86
C PRO B 290 -12.31 14.84 -52.11
N SER B 291 -11.78 16.05 -51.85
CA SER B 291 -12.52 17.26 -51.43
C SER B 291 -11.89 18.02 -50.25
N PHE B 292 -11.11 17.34 -49.42
CA PHE B 292 -10.69 17.85 -48.10
C PHE B 292 -9.15 17.77 -47.95
N LYS B 293 -8.54 18.75 -47.27
CA LYS B 293 -7.07 18.80 -47.11
C LYS B 293 -6.51 18.06 -45.91
N VAL B 294 -5.54 17.19 -46.19
CA VAL B 294 -4.67 16.60 -45.16
C VAL B 294 -3.48 17.54 -44.95
N TYR B 295 -3.39 18.12 -43.76
CA TYR B 295 -2.31 19.05 -43.44
C TYR B 295 -1.14 18.32 -42.78
N LYS B 296 0.08 18.70 -43.16
CA LYS B 296 1.28 18.21 -42.48
C LYS B 296 1.84 19.26 -41.53
N ALA B 297 2.70 18.83 -40.62
CA ALA B 297 3.37 19.74 -39.70
C ALA B 297 4.78 20.03 -40.16
N ASN B 298 5.07 21.32 -40.40
CA ASN B 298 6.43 21.75 -40.68
C ASN B 298 7.26 21.76 -39.39
N ASP B 299 6.60 22.05 -38.27
CA ASP B 299 7.24 21.99 -36.96
C ASP B 299 6.32 21.31 -35.94
N MET B 300 6.64 20.07 -35.60
CA MET B 300 5.78 19.24 -34.75
C MET B 300 5.60 19.81 -33.34
N ASP B 301 6.68 20.36 -32.78
CA ASP B 301 6.66 20.90 -31.42
C ASP B 301 5.86 22.19 -31.33
N LEU B 302 6.03 23.05 -32.32
CA LEU B 302 5.36 24.34 -32.37
C LEU B 302 3.89 24.19 -32.79
N TRP B 303 3.60 23.13 -33.52
CA TRP B 303 2.22 22.78 -33.85
C TRP B 303 1.48 22.32 -32.59
N ASN B 304 2.13 21.44 -31.83
CA ASN B 304 1.59 20.99 -30.56
C ASN B 304 1.38 22.19 -29.64
N ALA B 305 2.41 23.03 -29.52
CA ALA B 305 2.34 24.25 -28.73
C ALA B 305 1.17 25.13 -29.14
N TYR B 306 0.96 25.27 -30.45
CA TYR B 306 -0.15 26.06 -30.99
C TYR B 306 -1.51 25.47 -30.61
N ALA B 307 -1.68 24.18 -30.85
CA ALA B 307 -2.91 23.48 -30.50
C ALA B 307 -3.15 23.54 -28.99
N ALA B 308 -2.08 23.43 -28.22
CA ALA B 308 -2.15 23.43 -26.76
C ALA B 308 -2.69 24.76 -26.22
N ALA B 309 -2.20 25.86 -26.79
CA ALA B 309 -2.66 27.19 -26.43
C ALA B 309 -4.16 27.35 -26.70
N GLY B 310 -4.58 26.88 -27.87
CA GLY B 310 -5.98 26.90 -28.24
C GLY B 310 -6.86 26.05 -27.34
N LEU B 311 -6.26 25.06 -26.69
CA LEU B 311 -6.99 24.21 -25.74
C LEU B 311 -7.41 25.02 -24.51
N VAL B 312 -6.49 25.83 -24.00
CA VAL B 312 -6.76 26.70 -22.86
C VAL B 312 -7.81 27.74 -23.24
N ALA B 313 -7.68 28.30 -24.44
CA ALA B 313 -8.64 29.25 -24.96
C ALA B 313 -10.00 28.60 -25.17
N ALA B 314 -9.98 27.34 -25.62
CA ALA B 314 -11.21 26.57 -25.85
C ALA B 314 -12.00 26.44 -24.56
N VAL B 315 -11.29 26.19 -23.46
CA VAL B 315 -11.92 26.05 -22.15
C VAL B 315 -12.45 27.39 -21.65
N MET B 316 -11.63 28.42 -21.79
CA MET B 316 -11.97 29.75 -21.32
C MET B 316 -13.22 30.32 -22.00
N VAL B 317 -13.31 30.14 -23.31
CA VAL B 317 -14.49 30.57 -24.07
C VAL B 317 -15.71 29.71 -23.73
N ASN B 318 -15.53 28.38 -23.74
CA ASN B 318 -16.65 27.46 -23.55
C ASN B 318 -17.20 27.47 -22.12
N GLN B 319 -16.36 27.13 -21.15
CA GLN B 319 -16.78 27.09 -19.75
C GLN B 319 -17.08 28.48 -19.21
N GLY B 320 -16.35 29.47 -19.71
CA GLY B 320 -16.60 30.85 -19.33
C GLY B 320 -17.99 31.33 -19.73
N ALA B 321 -18.50 30.80 -20.84
CA ALA B 321 -19.84 31.14 -21.30
C ALA B 321 -20.91 30.56 -20.38
N ALA B 322 -20.67 29.35 -19.89
CA ALA B 322 -21.60 28.69 -18.97
C ALA B 322 -21.39 29.17 -17.53
N ARG B 323 -20.20 29.69 -17.25
CA ARG B 323 -19.77 29.98 -15.88
C ARG B 323 -19.89 28.74 -15.00
N ALA B 324 -19.57 27.59 -15.60
CA ALA B 324 -19.66 26.29 -14.94
C ALA B 324 -18.48 25.45 -15.39
N ALA B 325 -17.83 24.78 -14.43
CA ALA B 325 -16.57 24.09 -14.67
C ALA B 325 -16.80 22.78 -15.43
N GLN B 326 -17.42 21.82 -14.74
CA GLN B 326 -18.12 20.70 -15.38
C GLN B 326 -17.57 20.24 -16.73
N GLY B 327 -17.99 20.92 -17.78
CA GLY B 327 -17.70 20.50 -19.14
C GLY B 327 -16.34 20.88 -19.68
N VAL B 328 -15.43 21.26 -18.78
CA VAL B 328 -14.02 21.37 -19.13
C VAL B 328 -13.53 20.02 -19.64
N SER B 329 -14.07 18.94 -19.05
CA SER B 329 -13.71 17.58 -19.45
C SER B 329 -14.19 17.25 -20.86
N ALA B 330 -15.36 17.77 -21.24
CA ALA B 330 -15.87 17.61 -22.60
C ALA B 330 -15.08 18.48 -23.57
N THR B 331 -14.76 19.70 -23.15
CA THR B 331 -14.00 20.63 -23.98
C THR B 331 -12.64 20.07 -24.36
N ILE B 332 -11.90 19.57 -23.37
CA ILE B 332 -10.59 18.98 -23.62
C ILE B 332 -10.71 17.77 -24.54
N LEU B 333 -11.71 16.93 -24.26
CA LEU B 333 -12.00 15.76 -25.09
C LEU B 333 -12.24 16.18 -26.54
N TYR B 334 -13.21 17.08 -26.72
CA TYR B 334 -13.71 17.39 -28.05
C TYR B 334 -12.94 18.48 -28.79
N TYR B 335 -12.18 19.29 -28.07
CA TYR B 335 -11.27 20.22 -28.73
C TYR B 335 -10.25 19.42 -29.54
N ASN B 336 -9.71 18.37 -28.91
CA ASN B 336 -8.69 17.54 -29.55
C ASN B 336 -9.29 16.56 -30.57
N ASP B 337 -10.52 16.15 -30.33
CA ASP B 337 -11.26 15.31 -31.26
C ASP B 337 -11.48 16.06 -32.57
N LEU B 338 -12.11 17.23 -32.48
CA LEU B 338 -12.35 18.11 -33.63
C LEU B 338 -11.04 18.47 -34.33
N LEU B 339 -10.10 19.02 -33.56
CA LEU B 339 -8.83 19.53 -34.09
C LEU B 339 -8.08 18.50 -34.93
N GLU B 340 -8.28 17.21 -34.64
CA GLU B 340 -7.63 16.16 -35.40
C GLU B 340 -8.32 15.88 -36.72
N TYR B 341 -9.65 15.77 -36.69
CA TYR B 341 -10.44 15.45 -37.88
C TYR B 341 -10.76 16.69 -38.71
N GLU B 342 -10.22 17.83 -38.28
CA GLU B 342 -10.23 19.04 -39.08
C GLU B 342 -8.93 19.13 -39.88
N THR B 343 -7.92 18.33 -39.49
CA THR B 343 -6.56 18.52 -39.98
C THR B 343 -5.87 17.28 -40.52
N GLY B 344 -6.12 16.13 -39.89
CA GLY B 344 -5.34 14.94 -40.19
C GLY B 344 -4.02 14.91 -39.43
N LEU B 345 -3.97 15.64 -38.32
CA LEU B 345 -2.80 15.69 -37.45
C LEU B 345 -3.18 15.33 -36.02
N PRO B 346 -2.22 14.88 -35.20
CA PRO B 346 -2.47 14.57 -33.79
C PRO B 346 -2.88 15.80 -32.98
N GLY B 347 -3.76 15.59 -32.01
CA GLY B 347 -4.15 16.64 -31.10
C GLY B 347 -3.03 16.93 -30.11
N VAL B 348 -3.30 17.81 -29.17
CA VAL B 348 -2.32 18.15 -28.14
C VAL B 348 -1.86 16.88 -27.43
N ASP B 349 -0.54 16.76 -27.28
CA ASP B 349 0.07 15.66 -26.55
C ASP B 349 -0.09 14.31 -27.25
N PHE B 350 -0.35 14.37 -28.55
CA PHE B 350 -0.35 13.19 -29.43
C PHE B 350 -1.35 12.14 -29.01
N GLY B 351 -2.52 12.59 -28.56
CA GLY B 351 -3.56 11.68 -28.14
C GLY B 351 -3.82 11.72 -26.65
N ARG B 352 -2.76 11.84 -25.86
CA ARG B 352 -2.87 11.75 -24.41
C ARG B 352 -3.75 12.84 -23.78
N ALA B 353 -3.76 14.02 -24.39
CA ALA B 353 -4.59 15.13 -23.90
C ALA B 353 -6.08 14.80 -24.00
N GLU B 354 -6.51 14.37 -25.19
CA GLU B 354 -7.87 13.86 -25.35
C GLU B 354 -8.06 12.61 -24.50
N GLY B 355 -6.99 11.82 -24.37
CA GLY B 355 -7.04 10.61 -23.57
C GLY B 355 -7.42 10.87 -22.13
N THR B 356 -6.77 11.87 -21.52
CA THR B 356 -7.05 12.26 -20.14
C THR B 356 -8.50 12.70 -19.98
N ALA B 357 -9.01 13.42 -20.96
CA ALA B 357 -10.33 14.02 -20.89
C ALA B 357 -11.46 13.00 -21.01
N VAL B 358 -11.17 11.84 -21.60
CA VAL B 358 -12.14 10.76 -21.70
C VAL B 358 -12.38 10.15 -20.31
N GLY B 359 -11.28 9.81 -19.63
CA GLY B 359 -11.39 9.31 -18.26
C GLY B 359 -11.86 10.38 -17.30
N PHE B 360 -11.41 11.61 -17.51
CA PHE B 360 -11.84 12.76 -16.72
C PHE B 360 -13.35 12.97 -16.84
N SER B 361 -13.86 12.99 -18.07
CA SER B 361 -15.29 13.11 -18.33
C SER B 361 -16.06 12.02 -17.58
N PHE B 362 -15.62 10.78 -17.77
CA PHE B 362 -16.17 9.62 -17.08
C PHE B 362 -16.19 9.82 -15.57
N PHE B 363 -15.00 10.06 -14.99
CA PHE B 363 -14.85 10.15 -13.55
C PHE B 363 -15.30 11.49 -12.96
N SER B 364 -16.01 12.28 -13.75
CA SER B 364 -16.68 13.46 -13.23
C SER B 364 -18.18 13.43 -13.55
N HIS B 365 -18.65 12.26 -14.00
CA HIS B 365 -20.05 12.10 -14.40
C HIS B 365 -20.58 10.68 -14.14
N SER B 366 -20.00 9.99 -13.16
CA SER B 366 -20.38 8.61 -12.88
C SER B 366 -20.26 8.22 -11.40
N ILE B 367 -20.61 6.97 -11.09
CA ILE B 367 -20.66 6.49 -9.71
C ILE B 367 -19.31 6.04 -9.16
N TYR B 368 -18.38 5.68 -10.05
CA TYR B 368 -17.21 4.86 -9.70
C TYR B 368 -16.09 5.57 -8.97
N GLY B 369 -15.99 6.89 -9.13
CA GLY B 369 -14.96 7.65 -8.43
C GLY B 369 -14.84 9.08 -8.89
N GLY B 370 -13.62 9.61 -8.87
CA GLY B 370 -13.37 10.96 -9.33
C GLY B 370 -13.96 12.04 -8.44
N GLY B 371 -14.86 12.83 -9.02
CA GLY B 371 -15.39 13.99 -8.34
C GLY B 371 -15.56 15.16 -9.30
N GLY B 372 -15.79 16.36 -8.76
CA GLY B 372 -15.86 17.55 -9.59
C GLY B 372 -14.48 18.05 -9.98
N PRO B 373 -14.39 18.98 -10.95
CA PRO B 373 -13.11 19.30 -11.62
C PRO B 373 -11.98 19.72 -10.68
N GLY B 374 -12.32 20.44 -9.61
CA GLY B 374 -11.31 21.05 -8.77
C GLY B 374 -10.49 20.11 -7.91
N ILE B 375 -10.96 18.88 -7.72
CA ILE B 375 -10.28 17.94 -6.83
C ILE B 375 -9.25 17.06 -7.54
N PHE B 376 -9.19 17.17 -8.86
CA PHE B 376 -8.14 16.50 -9.63
C PHE B 376 -6.85 17.31 -9.59
N HIS B 377 -5.78 16.68 -10.09
CA HIS B 377 -4.45 17.27 -10.10
C HIS B 377 -3.54 16.43 -11.00
N GLY B 378 -2.30 16.86 -11.18
CA GLY B 378 -1.37 16.12 -12.01
C GLY B 378 -1.03 14.73 -11.49
N ASN B 379 -1.44 14.42 -10.27
CA ASN B 379 -1.09 13.17 -9.62
C ASN B 379 -2.28 12.23 -9.45
N HIS B 380 -3.47 12.70 -9.81
CA HIS B 380 -4.66 11.85 -9.80
C HIS B 380 -4.56 10.83 -10.92
N ILE B 381 -4.80 9.55 -10.60
CA ILE B 381 -4.66 8.49 -11.60
C ILE B 381 -5.58 8.72 -12.80
N VAL B 382 -6.63 9.50 -12.61
CA VAL B 382 -7.57 9.84 -13.67
C VAL B 382 -7.01 10.92 -14.61
N THR B 383 -6.12 11.76 -14.10
CA THR B 383 -5.61 12.90 -14.85
C THR B 383 -4.08 13.01 -14.86
N ARG B 384 -3.41 11.89 -14.64
CA ARG B 384 -1.95 11.86 -14.60
C ARG B 384 -1.31 11.59 -15.96
N HIS B 385 -2.15 11.26 -16.95
CA HIS B 385 -1.68 10.66 -18.19
C HIS B 385 -1.05 11.67 -19.15
N SER B 386 -1.68 12.82 -19.29
CA SER B 386 -1.15 13.88 -20.15
C SER B 386 -0.01 14.62 -19.46
N LYS B 387 1.04 14.91 -20.23
CA LYS B 387 2.28 15.45 -19.68
C LYS B 387 2.29 16.98 -19.57
N GLY B 388 1.29 17.50 -18.85
CA GLY B 388 1.30 18.90 -18.47
C GLY B 388 0.31 19.78 -19.23
N PHE B 389 -0.42 19.18 -20.16
CA PHE B 389 -1.23 19.94 -21.10
C PHE B 389 -2.73 19.93 -20.82
N ALA B 390 -3.13 19.25 -19.75
CA ALA B 390 -4.55 19.08 -19.44
C ALA B 390 -4.95 19.77 -18.13
N ILE B 391 -4.07 19.74 -17.15
CA ILE B 391 -4.36 20.33 -15.85
C ILE B 391 -4.51 21.86 -15.88
N PRO B 392 -3.68 22.56 -16.67
CA PRO B 392 -3.87 24.02 -16.77
C PRO B 392 -5.19 24.48 -17.40
N PRO B 393 -5.70 23.75 -18.42
CA PRO B 393 -7.10 23.94 -18.80
C PRO B 393 -8.10 23.78 -17.66
N VAL B 394 -7.95 22.71 -16.88
CA VAL B 394 -8.89 22.42 -15.78
C VAL B 394 -8.89 23.53 -14.72
N ALA B 395 -7.78 24.26 -14.62
CA ALA B 395 -7.65 25.35 -13.66
C ALA B 395 -8.34 26.62 -14.13
N ALA B 396 -8.40 26.81 -15.45
CA ALA B 396 -9.13 27.93 -16.04
C ALA B 396 -10.62 27.78 -15.76
N ALA B 397 -11.14 26.58 -16.03
CA ALA B 397 -12.55 26.26 -15.83
C ALA B 397 -13.00 26.47 -14.40
N MET B 398 -12.24 25.93 -13.45
CA MET B 398 -12.58 26.04 -12.04
C MET B 398 -12.48 27.45 -11.51
N ALA B 399 -11.76 28.32 -12.22
CA ALA B 399 -11.67 29.73 -11.86
C ALA B 399 -12.85 30.52 -12.43
N LEU B 400 -13.36 30.08 -13.59
CA LEU B 400 -14.48 30.75 -14.26
C LEU B 400 -15.83 30.36 -13.68
N ASP B 401 -15.81 29.60 -12.59
CA ASP B 401 -17.02 29.08 -11.97
C ASP B 401 -17.64 30.11 -11.03
N ALA B 402 -18.88 30.50 -11.32
CA ALA B 402 -19.60 31.49 -10.52
C ALA B 402 -20.25 30.88 -9.27
N GLY B 403 -20.14 29.56 -9.14
CA GLY B 403 -20.60 28.89 -7.92
C GLY B 403 -21.52 27.71 -8.16
N THR B 404 -21.12 26.80 -9.05
CA THR B 404 -21.93 25.64 -9.38
C THR B 404 -21.39 24.35 -8.75
N GLN B 405 -20.22 24.43 -8.14
CA GLN B 405 -19.55 23.25 -7.58
C GLN B 405 -19.80 23.14 -6.09
N MET B 406 -20.06 21.91 -5.63
CA MET B 406 -20.15 21.62 -4.21
C MET B 406 -18.76 21.62 -3.59
N PHE B 407 -17.86 20.88 -4.22
CA PHE B 407 -16.48 20.82 -3.75
C PHE B 407 -15.62 21.84 -4.48
N SER B 408 -15.84 23.09 -4.10
CA SER B 408 -15.19 24.27 -4.69
C SER B 408 -13.90 24.58 -3.95
N PRO B 409 -13.14 25.60 -4.41
CA PRO B 409 -11.93 26.04 -3.70
C PRO B 409 -12.18 26.54 -2.28
N GLU B 410 -13.44 26.85 -1.98
CA GLU B 410 -13.81 27.36 -0.66
C GLU B 410 -14.11 26.25 0.33
N VAL B 411 -14.32 25.04 -0.19
CA VAL B 411 -14.61 23.88 0.64
C VAL B 411 -13.36 23.01 0.86
N THR B 412 -12.61 22.78 -0.22
CA THR B 412 -11.44 21.91 -0.18
C THR B 412 -10.14 22.66 0.13
N SER B 413 -10.08 23.91 -0.31
CA SER B 413 -8.81 24.63 -0.41
C SER B 413 -8.84 25.98 0.30
N LYS B 414 -9.54 26.04 1.42
CA LYS B 414 -9.76 27.29 2.15
C LYS B 414 -8.48 27.87 2.76
N LEU B 415 -7.80 27.06 3.56
CA LEU B 415 -6.55 27.47 4.21
C LEU B 415 -5.54 27.98 3.20
N ILE B 416 -5.31 27.18 2.16
CA ILE B 416 -4.38 27.53 1.08
C ILE B 416 -4.77 28.86 0.44
N GLY B 417 -6.05 29.02 0.14
CA GLY B 417 -6.52 30.24 -0.50
C GLY B 417 -6.34 31.48 0.35
N ASP B 418 -6.46 31.32 1.67
CA ASP B 418 -6.42 32.46 2.60
C ASP B 418 -4.99 32.92 2.90
N VAL B 419 -4.09 31.96 3.06
CA VAL B 419 -2.73 32.25 3.52
C VAL B 419 -1.76 32.36 2.34
N PHE B 420 -1.79 31.38 1.45
CA PHE B 420 -0.99 31.41 0.23
C PHE B 420 -1.45 32.51 -0.72
N GLY B 421 -2.75 32.80 -0.69
CA GLY B 421 -3.27 33.91 -1.48
C GLY B 421 -2.59 35.22 -1.18
N GLU B 422 -2.13 35.37 0.06
CA GLU B 422 -1.44 36.59 0.50
C GLU B 422 -0.04 36.75 -0.08
N ILE B 423 0.59 35.63 -0.44
CA ILE B 423 1.92 35.66 -1.05
C ILE B 423 1.84 35.98 -2.54
N ASP B 424 2.75 36.85 -2.99
CA ASP B 424 2.65 37.47 -4.31
C ASP B 424 3.03 36.58 -5.49
N GLU B 425 4.17 35.88 -5.38
CA GLU B 425 4.63 35.01 -6.45
C GLU B 425 3.75 33.77 -6.60
N PHE B 426 3.03 33.43 -5.55
CA PHE B 426 1.99 32.41 -5.61
C PHE B 426 0.75 32.95 -6.33
N ARG B 427 0.32 34.13 -5.92
CA ARG B 427 -0.91 34.73 -6.42
C ARG B 427 -0.77 35.22 -7.86
N GLU B 428 0.43 35.67 -8.23
CA GLU B 428 0.62 36.35 -9.50
C GLU B 428 1.94 35.98 -10.19
N PRO B 429 2.14 34.69 -10.50
CA PRO B 429 3.48 34.19 -10.88
C PRO B 429 3.97 34.63 -12.26
N MET B 430 3.06 35.17 -13.08
CA MET B 430 3.38 35.55 -14.46
C MET B 430 4.43 36.66 -14.53
N LYS B 431 4.13 37.78 -13.89
CA LYS B 431 5.05 38.92 -13.82
C LYS B 431 6.45 38.50 -13.39
N TYR B 432 6.52 37.60 -12.42
CA TYR B 432 7.79 37.15 -11.85
C TYR B 432 8.59 36.23 -12.78
N ILE B 433 7.90 35.30 -13.44
CA ILE B 433 8.56 34.38 -14.37
C ILE B 433 9.04 35.08 -15.63
N THR B 434 8.21 35.96 -16.18
CA THR B 434 8.56 36.70 -17.39
C THR B 434 9.67 37.73 -17.14
N GLU B 435 9.61 38.40 -15.99
CA GLU B 435 10.68 39.30 -15.55
C GLU B 435 11.98 38.52 -15.38
N ALA B 436 11.90 37.39 -14.68
CA ALA B 436 13.04 36.50 -14.50
C ALA B 436 13.60 36.04 -15.84
N ALA B 437 12.71 35.80 -16.80
CA ALA B 437 13.08 35.33 -18.13
C ALA B 437 13.79 36.41 -18.96
N ALA B 438 13.43 37.67 -18.73
CA ALA B 438 14.06 38.79 -19.41
C ALA B 438 15.52 38.92 -18.97
N GLU B 439 15.73 39.07 -17.67
CA GLU B 439 17.06 39.21 -17.09
C GLU B 439 17.94 38.00 -17.37
N GLU B 440 17.32 36.81 -17.32
CA GLU B 440 18.01 35.56 -17.60
C GLU B 440 18.54 35.48 -19.03
N ALA B 441 17.95 36.27 -19.92
CA ALA B 441 18.33 36.28 -21.33
C ALA B 441 19.43 37.30 -21.64
N LYS B 442 20.29 37.56 -20.65
CA LYS B 442 21.46 38.40 -20.85
C LYS B 442 22.67 37.73 -20.20
N PHE C 7 -13.51 22.55 -42.53
CA PHE C 7 -13.47 21.11 -42.92
C PHE C 7 -14.50 20.28 -42.19
N TYR C 8 -14.39 20.30 -40.87
CA TYR C 8 -15.21 19.50 -39.98
C TYR C 8 -14.72 18.07 -39.86
N TYR C 9 -14.72 17.35 -41.00
CA TYR C 9 -14.59 15.89 -40.99
C TYR C 9 -14.31 15.37 -42.40
N PRO C 10 -13.27 14.51 -42.56
CA PRO C 10 -12.95 13.86 -43.84
C PRO C 10 -13.93 12.74 -44.19
N GLY C 11 -14.09 12.45 -45.48
CA GLY C 11 -14.99 11.39 -45.89
C GLY C 11 -15.55 11.64 -47.28
N GLU C 12 -15.59 10.60 -48.12
CA GLU C 12 -16.03 10.76 -49.50
C GLU C 12 -17.40 10.15 -49.76
N THR C 13 -18.07 9.73 -48.69
CA THR C 13 -19.36 9.07 -48.81
C THR C 13 -20.50 9.90 -48.22
N ASP C 14 -21.73 9.44 -48.46
CA ASP C 14 -22.94 10.11 -48.03
C ASP C 14 -23.00 10.36 -46.52
N VAL C 15 -22.73 9.31 -45.75
CA VAL C 15 -22.76 9.42 -44.29
C VAL C 15 -21.77 10.44 -43.77
N ALA C 16 -20.61 10.51 -44.42
CA ALA C 16 -19.61 11.51 -44.06
C ALA C 16 -20.13 12.92 -44.34
N GLU C 17 -21.00 13.06 -45.32
CA GLU C 17 -21.49 14.38 -45.69
C GLU C 17 -22.56 14.88 -44.72
N ASN C 18 -23.51 14.02 -44.36
CA ASN C 18 -24.44 14.28 -43.26
C ASN C 18 -23.71 14.62 -41.94
N ARG C 19 -22.42 14.30 -41.89
CA ARG C 19 -21.61 14.53 -40.72
C ARG C 19 -20.90 15.90 -40.70
N ARG C 20 -20.66 16.46 -41.88
CA ARG C 20 -20.26 17.86 -41.99
C ARG C 20 -21.47 18.77 -41.93
N LYS C 21 -22.62 18.26 -42.35
CA LYS C 21 -23.87 19.03 -42.37
C LYS C 21 -24.38 19.33 -40.97
N TYR C 22 -24.51 18.30 -40.14
CA TYR C 22 -24.99 18.47 -38.78
C TYR C 22 -23.99 19.20 -37.90
N MET C 23 -22.70 19.07 -38.23
CA MET C 23 -21.64 19.79 -37.53
C MET C 23 -21.59 21.26 -37.93
N ASN C 24 -21.96 21.55 -39.18
CA ASN C 24 -21.92 22.90 -39.72
C ASN C 24 -23.05 23.77 -39.18
N PRO C 25 -22.70 24.86 -38.47
CA PRO C 25 -23.70 25.84 -37.99
C PRO C 25 -24.30 26.72 -39.09
N ASN C 26 -23.84 26.53 -40.33
CA ASN C 26 -24.41 27.24 -41.48
C ASN C 26 -25.54 26.43 -42.09
N TYR C 27 -25.38 25.10 -42.08
CA TYR C 27 -26.41 24.20 -42.59
C TYR C 27 -27.64 24.22 -41.71
N GLU C 28 -28.75 24.73 -42.24
CA GLU C 28 -30.01 24.75 -41.52
C GLU C 28 -30.59 23.34 -41.39
N LEU C 29 -30.96 22.98 -40.17
CA LEU C 29 -31.48 21.65 -39.88
C LEU C 29 -32.96 21.57 -40.26
N LYS C 30 -33.26 20.68 -41.21
CA LYS C 30 -34.60 20.58 -41.77
C LYS C 30 -35.63 20.13 -40.74
N LYS C 31 -36.64 20.96 -40.52
CA LYS C 31 -37.66 20.73 -39.50
C LYS C 31 -38.68 19.69 -39.95
N LEU C 32 -38.95 18.72 -39.07
CA LEU C 32 -39.92 17.66 -39.35
C LEU C 32 -41.13 17.74 -38.42
N ARG C 33 -40.95 18.39 -37.27
CA ARG C 33 -41.99 18.47 -36.24
C ARG C 33 -42.19 19.90 -35.76
N GLU C 34 -43.13 20.07 -34.83
CA GLU C 34 -43.36 21.34 -34.16
C GLU C 34 -43.90 21.10 -32.76
N ILE C 35 -43.01 21.13 -31.78
CA ILE C 35 -43.37 20.86 -30.39
C ILE C 35 -43.32 22.16 -29.57
N PRO C 36 -44.43 22.49 -28.88
CA PRO C 36 -44.52 23.70 -28.07
C PRO C 36 -43.59 23.67 -26.85
N ASP C 37 -43.16 24.85 -26.42
CA ASP C 37 -42.17 24.98 -25.34
C ASP C 37 -42.60 24.29 -24.05
N GLU C 38 -43.91 24.28 -23.81
CA GLU C 38 -44.48 23.65 -22.62
C GLU C 38 -44.28 22.13 -22.60
N ASP C 39 -44.23 21.52 -23.78
CA ASP C 39 -44.09 20.07 -23.91
C ASP C 39 -42.64 19.62 -23.91
N ILE C 40 -41.72 20.55 -24.12
CA ILE C 40 -40.29 20.28 -23.99
C ILE C 40 -39.91 20.31 -22.51
N VAL C 41 -40.50 21.24 -21.77
CA VAL C 41 -40.31 21.34 -20.34
C VAL C 41 -40.87 20.12 -19.61
N ARG C 42 -41.94 19.56 -20.16
CA ARG C 42 -42.59 18.39 -19.55
C ARG C 42 -41.83 17.10 -19.85
N LEU C 43 -41.28 16.99 -21.06
CA LEU C 43 -40.49 15.83 -21.45
C LEU C 43 -39.23 15.72 -20.61
N MET C 44 -38.49 16.82 -20.53
CA MET C 44 -37.41 16.95 -19.55
C MET C 44 -38.03 17.36 -18.22
N GLY C 45 -38.55 16.37 -17.49
CA GLY C 45 -39.31 16.65 -16.29
C GLY C 45 -38.49 17.20 -15.14
N HIS C 46 -37.88 18.37 -15.35
CA HIS C 46 -37.07 19.03 -14.35
C HIS C 46 -37.94 19.98 -13.53
N ARG C 47 -38.75 20.78 -14.21
CA ARG C 47 -39.65 21.73 -13.56
C ARG C 47 -41.02 21.74 -14.24
N GLU C 48 -42.00 22.34 -13.56
CA GLU C 48 -43.31 22.56 -14.14
C GLU C 48 -43.33 23.89 -14.89
N PRO C 49 -43.82 23.89 -16.14
CA PRO C 49 -43.57 24.97 -17.12
C PRO C 49 -44.08 26.34 -16.68
N GLY C 50 -45.10 26.35 -15.82
CA GLY C 50 -45.61 27.60 -15.29
C GLY C 50 -44.68 28.25 -14.28
N GLU C 51 -44.13 27.43 -13.37
CA GLU C 51 -43.23 27.91 -12.33
C GLU C 51 -41.94 28.49 -12.89
N GLU C 52 -41.30 29.36 -12.12
CA GLU C 52 -40.08 30.04 -12.57
C GLU C 52 -38.87 29.12 -12.54
N TYR C 53 -37.73 29.65 -12.97
CA TYR C 53 -36.47 28.89 -12.99
C TYR C 53 -35.83 28.82 -11.60
N PRO C 54 -35.62 27.60 -11.09
CA PRO C 54 -34.75 27.37 -9.93
C PRO C 54 -33.30 27.71 -10.25
N SER C 55 -32.61 28.31 -9.27
CA SER C 55 -31.22 28.73 -9.45
C SER C 55 -30.29 28.01 -8.48
N VAL C 56 -29.11 27.65 -8.97
CA VAL C 56 -28.09 26.99 -8.16
C VAL C 56 -27.22 28.01 -7.44
N HIS C 57 -27.09 29.19 -8.03
CA HIS C 57 -26.41 30.31 -7.38
C HIS C 57 -27.04 31.64 -7.82
N PRO C 58 -26.90 32.70 -7.01
CA PRO C 58 -27.45 34.02 -7.33
C PRO C 58 -26.86 34.65 -8.60
N PRO C 59 -27.64 35.48 -9.30
CA PRO C 59 -27.28 36.03 -10.61
C PRO C 59 -25.97 36.83 -10.60
N LEU C 60 -25.26 36.79 -11.73
CA LEU C 60 -23.97 37.46 -11.85
C LEU C 60 -24.09 38.97 -11.75
N GLU C 61 -25.25 39.50 -12.13
CA GLU C 61 -25.49 40.94 -12.13
C GLU C 61 -25.55 41.52 -10.72
N GLU C 62 -25.44 40.64 -9.72
CA GLU C 62 -25.47 41.06 -8.32
C GLU C 62 -24.52 40.23 -7.45
N MET C 63 -23.37 39.89 -8.03
CA MET C 63 -22.42 38.99 -7.37
C MET C 63 -21.03 39.61 -7.27
N GLU C 64 -20.25 39.13 -6.29
CA GLU C 64 -18.87 39.55 -6.12
C GLU C 64 -17.99 38.95 -7.22
N GLU C 65 -18.07 39.54 -8.41
CA GLU C 65 -17.36 39.02 -9.57
C GLU C 65 -15.86 39.30 -9.50
N PRO C 66 -15.04 38.23 -9.50
CA PRO C 66 -13.60 38.29 -9.24
C PRO C 66 -12.84 39.10 -10.28
N GLU C 67 -11.81 39.82 -9.83
CA GLU C 67 -10.95 40.59 -10.71
C GLU C 67 -10.24 39.67 -11.70
N CYS C 68 -10.84 39.52 -12.87
CA CYS C 68 -10.34 38.60 -13.89
C CYS C 68 -10.55 39.18 -15.27
N PRO C 69 -9.44 39.49 -15.98
CA PRO C 69 -9.47 40.09 -17.32
C PRO C 69 -9.98 39.14 -18.40
N ILE C 70 -10.08 37.85 -18.05
CA ILE C 70 -10.61 36.85 -18.96
C ILE C 70 -12.13 36.83 -18.92
N ARG C 71 -12.69 37.00 -17.72
CA ARG C 71 -14.13 37.09 -17.54
C ARG C 71 -14.72 38.22 -18.39
N GLU C 72 -13.97 39.31 -18.50
CA GLU C 72 -14.41 40.48 -19.24
C GLU C 72 -14.49 40.23 -20.75
N LEU C 73 -13.69 39.27 -21.23
CA LEU C 73 -13.64 38.95 -22.65
C LEU C 73 -14.75 37.98 -23.06
N VAL C 74 -15.13 37.09 -22.15
CA VAL C 74 -16.10 36.05 -22.46
C VAL C 74 -17.50 36.41 -21.96
N GLU C 75 -18.44 36.53 -22.90
CA GLU C 75 -19.83 36.80 -22.60
C GLU C 75 -20.53 35.55 -22.05
N PRO C 76 -21.19 35.68 -20.89
CA PRO C 76 -22.03 34.61 -20.34
C PRO C 76 -23.28 34.34 -21.19
N THR C 77 -23.83 33.14 -21.06
CA THR C 77 -25.10 32.80 -21.69
C THR C 77 -26.26 33.30 -20.82
N GLU C 78 -27.47 33.24 -21.38
CA GLU C 78 -28.67 33.69 -20.67
C GLU C 78 -28.79 33.09 -19.27
N GLY C 79 -28.70 31.75 -19.20
CA GLY C 79 -28.84 31.06 -17.94
C GLY C 79 -27.70 31.31 -16.97
N ALA C 80 -26.53 31.65 -17.50
CA ALA C 80 -25.38 31.98 -16.67
C ALA C 80 -25.59 33.29 -15.93
N LYS C 81 -26.16 34.27 -16.63
CA LYS C 81 -26.43 35.59 -16.06
C LYS C 81 -27.51 35.55 -14.98
N ALA C 82 -28.42 34.58 -15.11
CA ALA C 82 -29.52 34.41 -14.15
C ALA C 82 -29.13 33.45 -13.03
N GLY C 83 -28.07 32.68 -13.25
CA GLY C 83 -27.62 31.73 -12.25
C GLY C 83 -28.41 30.43 -12.26
N ASP C 84 -28.86 30.01 -13.43
CA ASP C 84 -29.68 28.82 -13.59
C ASP C 84 -28.96 27.53 -13.19
N ARG C 85 -29.73 26.56 -12.73
CA ARG C 85 -29.19 25.23 -12.44
C ARG C 85 -28.93 24.47 -13.74
N ILE C 86 -27.89 23.66 -13.75
CA ILE C 86 -27.53 22.88 -14.93
C ILE C 86 -28.34 21.58 -15.01
N ARG C 87 -29.19 21.48 -16.03
CA ARG C 87 -29.98 20.28 -16.26
C ARG C 87 -29.64 19.65 -17.60
N TYR C 88 -30.22 18.48 -17.87
CA TYR C 88 -29.75 17.63 -18.96
C TYR C 88 -30.88 17.19 -19.90
N ILE C 89 -30.47 16.67 -21.06
CA ILE C 89 -31.35 15.84 -21.88
C ILE C 89 -30.52 14.73 -22.56
N GLN C 90 -31.04 13.52 -22.54
CA GLN C 90 -30.29 12.35 -22.97
C GLN C 90 -30.97 11.61 -24.12
N PHE C 91 -30.19 11.29 -25.15
CA PHE C 91 -30.70 10.61 -26.33
C PHE C 91 -30.05 9.24 -26.50
N THR C 92 -30.84 8.29 -26.96
CA THR C 92 -30.34 6.98 -27.38
C THR C 92 -30.70 6.75 -28.84
N ASP C 93 -29.67 6.56 -29.67
CA ASP C 93 -29.85 6.44 -31.11
C ASP C 93 -29.59 5.01 -31.58
N SER C 94 -30.56 4.44 -32.28
CA SER C 94 -30.50 3.05 -32.72
C SER C 94 -29.44 2.84 -33.81
N VAL C 95 -28.80 1.68 -33.78
CA VAL C 95 -27.80 1.31 -34.77
C VAL C 95 -28.44 1.13 -36.15
N TYR C 96 -29.74 0.86 -36.17
CA TYR C 96 -30.48 0.70 -37.41
C TYR C 96 -30.90 2.03 -38.01
N PHE C 97 -29.91 2.76 -38.52
CA PHE C 97 -30.12 3.93 -39.36
C PHE C 97 -30.78 5.12 -38.65
N ALA C 98 -30.41 5.34 -37.40
CA ALA C 98 -30.80 6.57 -36.70
C ALA C 98 -30.01 7.74 -37.27
N PRO C 99 -30.68 8.88 -37.49
CA PRO C 99 -30.09 9.98 -38.26
C PRO C 99 -28.80 10.53 -37.64
N ILE C 100 -28.74 10.55 -36.31
CA ILE C 100 -27.60 11.10 -35.59
C ILE C 100 -27.09 10.09 -34.55
N HIS C 101 -25.80 10.17 -34.25
CA HIS C 101 -25.13 9.17 -33.42
C HIS C 101 -24.17 9.83 -32.43
N PRO C 102 -23.89 9.15 -31.29
CA PRO C 102 -23.37 9.78 -30.06
C PRO C 102 -22.18 10.75 -30.24
N TYR C 103 -21.08 10.25 -30.78
CA TYR C 103 -19.88 11.06 -30.96
C TYR C 103 -20.10 12.20 -31.96
N ILE C 104 -20.99 11.96 -32.92
CA ILE C 104 -21.34 12.98 -33.91
C ILE C 104 -22.25 14.04 -33.29
N ARG C 105 -23.08 13.62 -32.33
CA ARG C 105 -23.92 14.54 -31.57
C ARG C 105 -23.05 15.57 -30.85
N ALA C 106 -22.03 15.09 -30.15
CA ALA C 106 -21.17 15.94 -29.33
C ALA C 106 -20.33 16.90 -30.17
N ARG C 107 -19.90 16.44 -31.34
CA ARG C 107 -19.15 17.26 -32.28
C ARG C 107 -20.01 18.40 -32.81
N MET C 108 -21.28 18.11 -33.05
CA MET C 108 -22.26 19.12 -33.46
C MET C 108 -22.47 20.14 -32.34
N TYR C 109 -22.54 19.68 -31.11
CA TYR C 109 -22.78 20.55 -29.96
C TYR C 109 -21.63 21.53 -29.75
N MET C 110 -20.40 21.04 -29.86
CA MET C 110 -19.20 21.85 -29.64
C MET C 110 -18.98 22.86 -30.77
N TRP C 111 -19.71 22.69 -31.86
CA TRP C 111 -19.67 23.64 -32.97
C TRP C 111 -20.85 24.61 -32.92
N ARG C 112 -22.02 24.08 -32.55
CA ARG C 112 -23.28 24.81 -32.64
C ARG C 112 -23.54 25.70 -31.43
N TYR C 113 -23.30 25.17 -30.23
CA TYR C 113 -23.78 25.80 -29.01
C TYR C 113 -22.66 26.29 -28.09
N ARG C 114 -23.01 27.23 -27.20
CA ARG C 114 -22.07 27.80 -26.24
C ARG C 114 -22.25 27.20 -24.85
N GLY C 115 -21.14 27.07 -24.12
CA GLY C 115 -21.19 26.60 -22.75
C GLY C 115 -21.63 25.15 -22.61
N VAL C 116 -21.11 24.29 -23.47
CA VAL C 116 -21.60 22.92 -23.59
C VAL C 116 -20.77 21.92 -22.77
N ASP C 117 -21.47 21.15 -21.94
CA ASP C 117 -20.94 19.93 -21.36
C ASP C 117 -21.73 18.77 -21.96
N THR C 118 -21.04 17.80 -22.53
CA THR C 118 -21.70 16.67 -23.17
C THR C 118 -20.89 15.38 -23.07
N GLY C 119 -21.61 14.25 -23.08
CA GLY C 119 -20.94 12.96 -22.96
C GLY C 119 -21.43 11.96 -23.98
N SER C 120 -20.52 11.48 -24.81
CA SER C 120 -20.84 10.49 -25.84
C SER C 120 -20.49 9.08 -25.36
N LEU C 121 -21.53 8.30 -25.09
CA LEU C 121 -21.37 6.89 -24.73
C LEU C 121 -21.98 6.02 -25.81
N SER C 122 -21.79 4.71 -25.70
CA SER C 122 -22.30 3.76 -26.68
C SER C 122 -23.84 3.81 -26.79
N GLY C 123 -24.53 3.67 -25.67
CA GLY C 123 -25.97 3.58 -25.69
C GLY C 123 -26.69 4.81 -25.16
N ARG C 124 -25.95 5.90 -24.98
CA ARG C 124 -26.53 7.15 -24.49
C ARG C 124 -25.68 8.35 -24.85
N GLN C 125 -26.35 9.50 -24.99
CA GLN C 125 -25.67 10.77 -25.26
C GLN C 125 -26.38 11.87 -24.49
N ILE C 126 -25.63 12.59 -23.67
CA ILE C 126 -26.22 13.56 -22.75
C ILE C 126 -25.57 14.94 -22.91
N ILE C 127 -26.40 15.98 -22.86
CA ILE C 127 -25.90 17.35 -22.83
C ILE C 127 -26.34 18.05 -21.55
N GLU C 128 -25.42 18.82 -20.96
CA GLU C 128 -25.64 19.45 -19.66
C GLU C 128 -25.23 20.92 -19.69
N VAL C 129 -26.22 21.80 -19.60
CA VAL C 129 -25.99 23.24 -19.62
C VAL C 129 -27.07 23.94 -18.79
N ARG C 130 -26.99 25.26 -18.68
CA ARG C 130 -27.96 26.07 -17.94
C ARG C 130 -29.39 25.76 -18.37
N GLU C 131 -30.32 25.86 -17.43
CA GLU C 131 -31.67 25.33 -17.61
C GLU C 131 -32.47 25.96 -18.76
N ARG C 132 -32.47 27.29 -18.82
CA ARG C 132 -33.25 27.99 -19.85
C ARG C 132 -32.66 27.81 -21.25
N ASP C 133 -31.33 27.72 -21.32
CA ASP C 133 -30.64 27.49 -22.58
C ASP C 133 -30.81 26.05 -23.04
N LEU C 134 -30.96 25.14 -22.09
CA LEU C 134 -31.18 23.72 -22.39
C LEU C 134 -32.51 23.48 -23.10
N GLU C 135 -33.54 24.22 -22.69
CA GLU C 135 -34.87 24.09 -23.27
C GLU C 135 -34.92 24.63 -24.69
N LYS C 136 -34.07 25.61 -24.99
CA LYS C 136 -33.97 26.17 -26.33
C LYS C 136 -33.16 25.25 -27.26
N ILE C 137 -32.11 24.63 -26.70
CA ILE C 137 -31.30 23.67 -27.44
C ILE C 137 -32.10 22.40 -27.71
N ALA C 138 -32.88 21.98 -26.73
CA ALA C 138 -33.66 20.74 -26.82
C ALA C 138 -34.71 20.80 -27.94
N LYS C 139 -35.26 21.97 -28.19
CA LYS C 139 -36.27 22.15 -29.22
C LYS C 139 -35.72 21.84 -30.61
N GLU C 140 -34.54 22.37 -30.92
CA GLU C 140 -33.89 22.12 -32.19
C GLU C 140 -33.53 20.64 -32.35
N LEU C 141 -33.09 20.02 -31.26
CA LEU C 141 -32.72 18.61 -31.27
C LEU C 141 -33.90 17.68 -31.48
N LEU C 142 -35.09 18.13 -31.09
CA LEU C 142 -36.27 17.28 -31.06
C LEU C 142 -37.14 17.36 -32.31
N GLU C 143 -37.22 18.54 -32.93
CA GLU C 143 -38.16 18.75 -34.03
C GLU C 143 -37.51 18.75 -35.41
N THR C 144 -36.19 18.71 -35.47
CA THR C 144 -35.49 18.69 -36.75
C THR C 144 -35.21 17.27 -37.23
N GLU C 145 -34.53 17.16 -38.38
CA GLU C 145 -34.25 15.87 -39.01
C GLU C 145 -33.25 15.04 -38.22
N ILE C 146 -32.72 15.61 -37.15
CA ILE C 146 -31.76 14.93 -36.30
C ILE C 146 -32.45 13.96 -35.33
N PHE C 147 -33.74 14.20 -35.08
CA PHE C 147 -34.55 13.30 -34.26
C PHE C 147 -35.50 12.49 -35.12
N ASP C 148 -35.77 11.26 -34.67
CA ASP C 148 -36.79 10.41 -35.27
C ASP C 148 -37.39 9.49 -34.20
N PRO C 149 -38.71 9.57 -34.00
CA PRO C 149 -39.35 9.08 -32.76
C PRO C 149 -39.38 7.56 -32.65
N ALA C 150 -38.90 6.87 -33.69
CA ALA C 150 -38.83 5.42 -33.69
C ALA C 150 -37.41 4.93 -33.46
N ARG C 151 -36.46 5.54 -34.15
CA ARG C 151 -35.06 5.10 -34.11
C ARG C 151 -34.22 5.92 -33.13
N SER C 152 -34.86 6.88 -32.46
CA SER C 152 -34.20 7.71 -31.46
C SER C 152 -35.14 7.99 -30.30
N GLY C 153 -34.68 7.72 -29.08
CA GLY C 153 -35.51 7.88 -27.91
C GLY C 153 -34.95 8.83 -26.87
N VAL C 154 -35.85 9.53 -26.18
CA VAL C 154 -35.47 10.42 -25.09
C VAL C 154 -35.50 9.64 -23.77
N ARG C 155 -34.35 9.51 -23.13
CA ARG C 155 -34.24 8.69 -21.92
C ARG C 155 -33.01 9.04 -21.07
N GLY C 156 -33.25 9.32 -19.79
CA GLY C 156 -32.17 9.61 -18.87
C GLY C 156 -31.83 8.45 -17.94
N ALA C 157 -32.63 7.39 -18.01
CA ALA C 157 -32.38 6.19 -17.22
C ALA C 157 -32.81 4.95 -18.03
N THR C 158 -32.29 3.79 -17.63
CA THR C 158 -32.56 2.51 -18.31
C THR C 158 -32.49 2.64 -19.84
N VAL C 159 -31.34 3.09 -20.33
CA VAL C 159 -31.16 3.49 -21.73
C VAL C 159 -31.03 2.33 -22.69
N HIS C 160 -31.04 1.11 -22.17
CA HIS C 160 -30.87 -0.12 -22.95
C HIS C 160 -31.80 -0.14 -24.18
N GLY C 161 -31.21 -0.21 -25.37
CA GLY C 161 -32.00 -0.34 -26.58
C GLY C 161 -31.33 -0.02 -27.90
N HIS C 162 -30.21 0.70 -27.88
CA HIS C 162 -29.61 1.21 -29.12
C HIS C 162 -29.16 0.11 -30.07
N ALA C 163 -28.54 -0.94 -29.51
CA ALA C 163 -28.02 -2.05 -30.30
C ALA C 163 -29.03 -3.19 -30.39
N LEU C 164 -30.27 -2.90 -29.99
CA LEU C 164 -31.32 -3.91 -29.98
C LEU C 164 -32.18 -3.86 -31.23
N ARG C 165 -32.67 -5.02 -31.65
CA ARG C 165 -33.61 -5.12 -32.75
C ARG C 165 -34.90 -4.38 -32.45
N LEU C 166 -35.66 -4.08 -33.48
CA LEU C 166 -36.82 -3.19 -33.36
C LEU C 166 -38.10 -3.92 -32.97
N ASP C 167 -38.99 -3.21 -32.29
CA ASP C 167 -40.32 -3.70 -31.93
C ASP C 167 -41.10 -4.07 -33.19
N GLU C 168 -42.19 -4.82 -33.04
CA GLU C 168 -43.06 -5.18 -34.15
C GLU C 168 -43.55 -3.95 -34.89
N ASN C 169 -43.74 -2.87 -34.14
CA ASN C 169 -44.25 -1.62 -34.68
C ASN C 169 -43.13 -0.80 -35.31
N GLY C 170 -41.91 -1.33 -35.28
CA GLY C 170 -40.77 -0.64 -35.87
C GLY C 170 -40.10 0.35 -34.93
N LEU C 171 -40.38 0.22 -33.64
CA LEU C 171 -39.84 1.12 -32.63
C LEU C 171 -38.65 0.49 -31.90
N MET C 172 -37.82 1.34 -31.31
CA MET C 172 -36.72 0.87 -30.46
C MET C 172 -37.28 0.37 -29.14
N LEU C 173 -36.59 -0.58 -28.51
CA LEU C 173 -37.01 -1.09 -27.20
C LEU C 173 -37.00 0.02 -26.16
N HIS C 174 -38.04 0.05 -25.35
CA HIS C 174 -38.09 0.90 -24.16
C HIS C 174 -38.58 0.07 -22.98
N ALA C 175 -37.67 -0.29 -22.08
CA ALA C 175 -38.01 -1.09 -20.91
C ALA C 175 -39.00 -0.36 -20.01
N LEU C 176 -38.94 0.96 -20.02
CA LEU C 176 -39.83 1.80 -19.20
C LEU C 176 -41.07 2.25 -19.97
N ARG C 177 -41.09 1.98 -21.28
CA ARG C 177 -42.25 2.28 -22.13
C ARG C 177 -42.65 3.75 -22.07
N ARG C 178 -41.70 4.64 -22.36
CA ARG C 178 -41.94 6.08 -22.29
C ARG C 178 -42.82 6.58 -23.41
N TYR C 179 -42.60 6.09 -24.62
CA TYR C 179 -43.43 6.44 -25.76
C TYR C 179 -44.31 5.29 -26.23
N ARG C 180 -45.44 5.63 -26.83
CA ARG C 180 -46.35 4.64 -27.41
C ARG C 180 -46.67 5.03 -28.85
N LEU C 181 -47.11 4.05 -29.63
CA LEU C 181 -47.52 4.31 -31.02
C LEU C 181 -49.04 4.42 -31.13
N ASN C 182 -49.52 5.65 -31.29
CA ASN C 182 -50.93 5.91 -31.52
C ASN C 182 -51.23 5.78 -33.01
N GLU C 183 -51.66 4.59 -33.42
CA GLU C 183 -51.92 4.31 -34.83
C GLU C 183 -53.25 4.90 -35.31
N GLU C 184 -53.99 5.52 -34.39
CA GLU C 184 -55.17 6.29 -34.76
C GLU C 184 -54.77 7.57 -35.48
N THR C 185 -53.64 8.15 -35.06
CA THR C 185 -53.08 9.32 -35.71
C THR C 185 -51.84 8.98 -36.53
N GLY C 186 -51.31 7.77 -36.31
CA GLY C 186 -50.10 7.34 -37.00
C GLY C 186 -48.84 7.95 -36.43
N GLU C 187 -48.97 8.56 -35.25
CA GLU C 187 -47.88 9.29 -34.62
C GLU C 187 -47.38 8.63 -33.35
N VAL C 188 -46.09 8.75 -33.09
CA VAL C 188 -45.49 8.33 -31.83
C VAL C 188 -45.63 9.44 -30.79
N GLU C 189 -46.18 9.09 -29.63
CA GLU C 189 -46.39 10.06 -28.56
C GLU C 189 -45.88 9.55 -27.22
N TYR C 190 -45.25 10.43 -26.46
CA TYR C 190 -44.72 10.09 -25.15
C TYR C 190 -45.81 10.13 -24.08
N VAL C 191 -45.87 9.07 -23.27
CA VAL C 191 -46.81 9.00 -22.15
C VAL C 191 -46.09 9.18 -20.81
N LYS C 192 -44.75 9.21 -20.85
CA LYS C 192 -43.93 9.45 -19.67
C LYS C 192 -42.80 10.42 -20.02
N ASP C 193 -42.20 11.02 -19.01
CA ASP C 193 -41.01 11.86 -19.21
C ASP C 193 -39.77 10.98 -19.41
N GLN C 194 -38.61 11.63 -19.59
CA GLN C 194 -37.39 10.90 -19.94
C GLN C 194 -36.83 10.03 -18.82
N VAL C 195 -37.44 10.10 -17.63
CA VAL C 195 -37.02 9.28 -16.50
C VAL C 195 -38.06 8.18 -16.20
N GLY C 196 -39.25 8.32 -16.75
CA GLY C 196 -40.23 7.24 -16.69
C GLY C 196 -41.49 7.52 -15.87
N ILE C 197 -41.62 8.76 -15.39
CA ILE C 197 -42.79 9.17 -14.64
C ILE C 197 -43.94 9.51 -15.59
N GLU C 198 -45.11 8.92 -15.33
CA GLU C 198 -46.27 9.09 -16.19
C GLU C 198 -46.68 10.55 -16.35
N LEU C 199 -46.89 10.96 -17.60
CA LEU C 199 -47.35 12.31 -17.92
C LEU C 199 -48.86 12.42 -17.77
N ASP C 200 -49.36 13.64 -17.68
CA ASP C 200 -50.79 13.89 -17.55
C ASP C 200 -51.51 13.67 -18.87
N GLU C 201 -50.90 14.12 -19.97
CA GLU C 201 -51.41 13.87 -21.31
C GLU C 201 -50.28 13.63 -22.30
N PRO C 202 -50.50 12.74 -23.29
CA PRO C 202 -49.48 12.35 -24.26
C PRO C 202 -48.97 13.51 -25.11
N ILE C 203 -47.67 13.54 -25.35
CA ILE C 203 -47.05 14.56 -26.18
C ILE C 203 -46.68 13.97 -27.54
N PRO C 204 -47.45 14.33 -28.59
CA PRO C 204 -47.20 13.83 -29.94
C PRO C 204 -45.95 14.43 -30.59
N VAL C 205 -44.90 13.62 -30.64
CA VAL C 205 -43.67 13.96 -31.36
C VAL C 205 -43.57 13.09 -32.61
N GLY C 206 -44.73 12.67 -33.11
CA GLY C 206 -44.80 11.49 -33.94
C GLY C 206 -44.37 11.60 -35.39
N ALA C 207 -45.02 10.80 -36.23
CA ALA C 207 -44.62 10.60 -37.62
C ALA C 207 -43.21 10.02 -37.73
N PRO C 208 -43.06 8.71 -37.45
CA PRO C 208 -41.82 7.98 -37.73
C PRO C 208 -41.56 7.78 -39.21
N ALA C 209 -40.34 8.10 -39.65
CA ALA C 209 -39.97 8.02 -41.05
C ALA C 209 -39.78 6.58 -41.50
N ASP C 210 -39.98 6.35 -42.80
CA ASP C 210 -39.71 5.06 -43.41
C ASP C 210 -38.21 4.86 -43.58
N GLU C 211 -37.82 3.61 -43.85
CA GLU C 211 -36.40 3.23 -43.92
C GLU C 211 -35.60 4.04 -44.95
N ASP C 212 -36.27 4.57 -45.96
CA ASP C 212 -35.61 5.29 -47.04
C ASP C 212 -35.13 6.67 -46.64
N ASP C 213 -35.99 7.42 -45.94
CA ASP C 213 -35.65 8.78 -45.53
C ASP C 213 -34.56 8.79 -44.46
N LEU C 214 -34.55 7.75 -43.63
CA LEU C 214 -33.56 7.60 -42.57
C LEU C 214 -32.16 7.40 -43.14
N LYS C 215 -32.04 6.54 -44.14
CA LYS C 215 -30.76 6.24 -44.78
C LYS C 215 -30.18 7.45 -45.50
N GLU C 216 -31.05 8.27 -46.08
CA GLU C 216 -30.64 9.47 -46.78
C GLU C 216 -30.12 10.54 -45.81
N ARG C 217 -30.37 10.34 -44.52
CA ARG C 217 -29.90 11.27 -43.50
C ARG C 217 -29.33 10.56 -42.28
N THR C 218 -28.75 9.38 -42.49
CA THR C 218 -28.12 8.65 -41.41
C THR C 218 -26.64 8.99 -41.30
N THR C 219 -26.10 8.83 -40.09
CA THR C 219 -24.68 9.09 -39.85
C THR C 219 -23.89 7.84 -39.47
N ILE C 220 -24.53 6.67 -39.54
CA ILE C 220 -23.83 5.44 -39.19
C ILE C 220 -23.39 4.64 -40.41
N TYR C 221 -22.17 4.14 -40.37
CA TYR C 221 -21.67 3.23 -41.39
C TYR C 221 -22.22 1.83 -41.13
N ARG C 222 -22.89 1.27 -42.13
CA ARG C 222 -23.54 -0.04 -42.00
C ARG C 222 -23.31 -0.85 -43.27
N ILE C 223 -23.17 -2.17 -43.11
CA ILE C 223 -22.99 -3.07 -44.25
C ILE C 223 -24.24 -3.08 -45.13
N ASP C 224 -25.41 -2.94 -44.50
CA ASP C 224 -26.68 -2.88 -45.21
C ASP C 224 -27.07 -1.43 -45.55
N GLY C 225 -26.08 -0.54 -45.53
CA GLY C 225 -26.28 0.81 -46.00
C GLY C 225 -25.05 1.27 -46.76
N THR C 226 -24.27 2.14 -46.14
CA THR C 226 -22.97 2.53 -46.68
C THR C 226 -21.87 1.90 -45.84
N PRO C 227 -21.28 0.78 -46.32
CA PRO C 227 -20.23 0.06 -45.60
C PRO C 227 -19.05 0.95 -45.23
N TYR C 228 -18.58 0.80 -43.99
CA TYR C 228 -17.39 1.50 -43.53
C TYR C 228 -16.22 1.21 -44.46
N ARG C 229 -16.15 -0.02 -44.94
CA ARG C 229 -15.13 -0.48 -45.87
C ARG C 229 -15.05 0.36 -47.15
N GLU C 230 -16.16 1.01 -47.50
CA GLU C 230 -16.24 1.77 -48.74
C GLU C 230 -15.52 3.11 -48.67
N ASP C 231 -15.66 3.82 -47.55
CA ASP C 231 -15.03 5.12 -47.38
C ASP C 231 -13.53 4.96 -47.14
N GLU C 232 -12.75 5.04 -48.21
CA GLU C 232 -11.31 4.84 -48.14
C GLU C 232 -10.56 6.08 -47.69
N GLU C 233 -11.14 7.25 -47.96
CA GLU C 233 -10.52 8.53 -47.59
C GLU C 233 -10.62 8.80 -46.09
N LEU C 234 -11.69 8.30 -45.48
CA LEU C 234 -11.85 8.36 -44.02
C LEU C 234 -10.88 7.37 -43.39
N LEU C 235 -10.85 6.16 -43.94
CA LEU C 235 -9.97 5.10 -43.45
C LEU C 235 -8.49 5.44 -43.63
N GLN C 236 -8.20 6.43 -44.48
CA GLN C 236 -6.83 6.87 -44.70
C GLN C 236 -6.41 7.95 -43.69
N VAL C 237 -7.36 8.76 -43.26
CA VAL C 237 -7.10 9.83 -42.30
C VAL C 237 -6.98 9.29 -40.89
N VAL C 238 -7.83 8.32 -40.56
CA VAL C 238 -7.83 7.68 -39.24
C VAL C 238 -6.57 6.82 -39.06
N GLN C 239 -6.05 6.29 -40.16
CA GLN C 239 -4.78 5.57 -40.15
C GLN C 239 -3.60 6.55 -40.11
N ARG C 240 -3.83 7.77 -40.57
CA ARG C 240 -2.82 8.82 -40.53
C ARG C 240 -2.64 9.36 -39.12
N ILE C 241 -3.75 9.53 -38.41
CA ILE C 241 -3.72 9.96 -37.02
C ILE C 241 -3.00 8.92 -36.17
N HIS C 242 -3.26 7.65 -36.44
CA HIS C 242 -2.60 6.53 -35.76
C HIS C 242 -1.09 6.55 -35.97
N GLU C 243 -0.66 6.73 -37.23
CA GLU C 243 0.76 6.75 -37.57
C GLU C 243 1.50 7.91 -36.92
N LEU C 244 0.98 9.11 -37.11
CA LEU C 244 1.62 10.33 -36.61
C LEU C 244 1.62 10.38 -35.08
N ARG C 245 0.62 9.75 -34.47
CA ARG C 245 0.57 9.63 -33.01
C ARG C 245 1.67 8.70 -32.50
N THR C 246 1.76 7.50 -33.07
CA THR C 246 2.75 6.52 -32.67
C THR C 246 4.16 7.03 -32.90
N LEU C 247 4.34 7.79 -33.98
CA LEU C 247 5.64 8.33 -34.36
C LEU C 247 6.05 9.51 -33.47
N ALA C 248 5.12 10.42 -33.23
CA ALA C 248 5.39 11.60 -32.42
C ALA C 248 5.59 11.24 -30.95
N GLY C 249 4.84 10.24 -30.49
CA GLY C 249 4.99 9.76 -29.13
C GLY C 249 6.34 9.12 -28.88
N TYR C 250 6.90 8.53 -29.93
CA TYR C 250 8.26 7.98 -29.89
C TYR C 250 9.27 9.11 -29.99
N ARG C 251 9.07 9.97 -30.98
CA ARG C 251 9.97 11.09 -31.25
C ARG C 251 9.16 12.17 -31.94
N PRO C 252 9.02 13.36 -31.32
CA PRO C 252 8.31 14.50 -31.91
C PRO C 252 8.62 14.65 -33.39
N GLU C 253 9.89 14.93 -33.70
CA GLU C 253 10.53 14.53 -34.96
C GLU C 253 11.86 15.24 -35.19
N GLU C 254 12.84 14.47 -35.68
CA GLU C 254 14.15 14.97 -36.07
C GLU C 254 14.89 15.67 -34.92
N LEU D 8 -9.92 -16.87 41.43
CA LEU D 8 -10.54 -16.81 40.08
C LEU D 8 -9.93 -17.83 39.12
N PHE D 9 -8.63 -18.05 39.25
CA PHE D 9 -7.98 -19.04 38.41
C PHE D 9 -7.79 -20.41 39.03
N MET D 10 -8.32 -20.60 40.23
CA MET D 10 -8.14 -21.85 40.96
C MET D 10 -8.95 -23.02 40.37
N LYS D 11 -10.21 -22.76 40.07
CA LYS D 11 -11.11 -23.79 39.53
C LYS D 11 -10.55 -24.41 38.25
N ALA D 12 -10.04 -23.55 37.36
CA ALA D 12 -9.43 -24.00 36.12
C ALA D 12 -8.08 -24.69 36.35
N LEU D 13 -7.32 -24.19 37.31
CA LEU D 13 -6.02 -24.76 37.64
C LEU D 13 -6.14 -26.15 38.24
N LYS D 14 -7.26 -26.43 38.90
CA LYS D 14 -7.50 -27.74 39.47
C LYS D 14 -8.16 -28.72 38.49
N GLU D 15 -8.74 -28.18 37.41
CA GLU D 15 -9.30 -29.02 36.35
C GLU D 15 -8.22 -29.45 35.36
N LYS D 16 -7.26 -28.57 35.10
CA LYS D 16 -6.19 -28.85 34.16
C LYS D 16 -5.12 -29.75 34.77
N PHE D 17 -4.95 -29.67 36.08
CA PHE D 17 -3.84 -30.34 36.76
C PHE D 17 -4.31 -31.27 37.87
N GLU D 18 -3.84 -32.51 37.81
CA GLU D 18 -4.15 -33.52 38.82
C GLU D 18 -3.72 -33.05 40.21
N GLU D 19 -2.47 -32.60 40.30
CA GLU D 19 -1.87 -32.17 41.56
C GLU D 19 -2.53 -30.91 42.12
N SER D 20 -2.18 -30.59 43.36
CA SER D 20 -2.49 -29.29 43.94
C SER D 20 -1.79 -28.20 43.13
N PRO D 21 -2.43 -27.03 42.98
CA PRO D 21 -1.78 -25.92 42.24
C PRO D 21 -0.45 -25.50 42.88
N GLU D 22 -0.27 -25.89 44.13
CA GLU D 22 0.86 -25.47 44.95
C GLU D 22 2.11 -26.30 44.70
N GLU D 23 1.92 -27.57 44.32
CA GLU D 23 3.01 -28.52 44.15
C GLU D 23 3.98 -28.15 43.04
N LYS D 24 5.26 -28.44 43.27
CA LYS D 24 6.31 -28.10 42.31
C LYS D 24 6.74 -29.29 41.46
N TYR D 25 6.16 -30.46 41.71
CA TYR D 25 6.58 -31.70 41.05
C TYR D 25 5.43 -32.46 40.38
N THR D 26 5.79 -33.17 39.31
CA THR D 26 4.84 -33.99 38.56
C THR D 26 5.56 -34.99 37.67
N LYS D 27 4.78 -35.81 36.99
CA LYS D 27 5.33 -36.78 36.05
C LYS D 27 5.20 -36.34 34.59
N PHE D 28 6.22 -36.67 33.80
CA PHE D 28 6.20 -36.42 32.36
C PHE D 28 6.43 -37.72 31.60
N TYR D 29 6.43 -37.62 30.27
CA TYR D 29 6.82 -38.73 29.39
C TYR D 29 5.90 -39.93 29.49
N ILE D 30 4.69 -39.71 30.00
CA ILE D 30 3.78 -40.78 30.34
C ILE D 30 2.35 -40.31 30.03
N PHE D 31 2.10 -40.07 28.75
CA PHE D 31 0.81 -39.60 28.28
C PHE D 31 0.49 -40.21 26.92
N GLY D 32 1.46 -40.89 26.33
CA GLY D 32 1.28 -41.51 25.03
C GLY D 32 1.74 -40.62 23.89
N GLY D 33 2.49 -39.56 24.22
CA GLY D 33 2.99 -38.66 23.21
C GLY D 33 1.89 -37.89 22.51
N TRP D 34 2.05 -37.73 21.19
CA TRP D 34 1.09 -37.02 20.33
C TRP D 34 -0.35 -37.44 20.60
N LYS D 35 -0.57 -38.74 20.76
CA LYS D 35 -1.90 -39.30 20.60
C LYS D 35 -2.75 -39.31 21.86
N GLN D 36 -2.46 -38.40 22.78
CA GLN D 36 -3.25 -38.23 23.98
C GLN D 36 -4.46 -37.34 23.71
N SER D 37 -4.42 -36.60 22.60
CA SER D 37 -5.38 -35.54 22.36
C SER D 37 -6.40 -35.87 21.26
N GLU D 38 -7.67 -35.65 21.59
CA GLU D 38 -8.80 -35.88 20.68
C GLU D 38 -8.62 -35.18 19.34
N ARG D 39 -8.23 -33.91 19.40
CA ARG D 39 -8.09 -33.08 18.20
C ARG D 39 -6.97 -33.59 17.29
N LYS D 40 -5.79 -33.78 17.87
CA LYS D 40 -4.61 -34.14 17.08
C LYS D 40 -4.74 -35.51 16.42
N LYS D 41 -5.53 -36.38 17.04
CA LYS D 41 -5.94 -37.64 16.41
C LYS D 41 -6.81 -37.39 15.18
N GLU D 42 -7.82 -36.51 15.34
CA GLU D 42 -8.71 -36.15 14.25
C GLU D 42 -7.90 -35.67 13.05
N PHE D 43 -6.91 -34.84 13.33
CA PHE D 43 -6.09 -34.24 12.29
C PHE D 43 -5.32 -35.26 11.45
N LYS D 44 -4.83 -36.32 12.09
CA LYS D 44 -4.10 -37.37 11.35
C LYS D 44 -5.05 -38.17 10.47
N GLU D 45 -6.23 -38.47 10.99
CA GLU D 45 -7.28 -39.15 10.21
C GLU D 45 -7.50 -38.43 8.90
N TRP D 46 -7.74 -37.12 8.99
CA TRP D 46 -8.01 -36.30 7.82
C TRP D 46 -6.79 -36.18 6.92
N ALA D 47 -5.61 -36.10 7.53
CA ALA D 47 -4.35 -36.09 6.78
C ALA D 47 -4.20 -37.37 5.95
N ASP D 48 -4.48 -38.51 6.58
CA ASP D 48 -4.42 -39.81 5.92
C ASP D 48 -5.33 -39.89 4.70
N LYS D 49 -6.58 -39.45 4.87
CA LYS D 49 -7.56 -39.44 3.77
C LYS D 49 -7.13 -38.49 2.67
N ILE D 50 -6.49 -37.39 3.07
CA ILE D 50 -6.03 -36.39 2.12
C ILE D 50 -4.89 -36.93 1.26
N VAL D 51 -3.86 -37.48 1.91
CA VAL D 51 -2.69 -38.02 1.21
C VAL D 51 -3.08 -39.19 0.29
N GLU D 52 -4.04 -39.99 0.73
CA GLU D 52 -4.58 -41.11 -0.04
C GLU D 52 -5.16 -40.64 -1.37
N GLU D 53 -6.12 -39.72 -1.29
CA GLU D 53 -6.70 -39.09 -2.48
C GLU D 53 -5.73 -38.24 -3.28
N ARG D 54 -4.73 -37.68 -2.60
CA ARG D 54 -3.88 -36.63 -3.15
C ARG D 54 -2.61 -37.22 -3.77
N GLY D 55 -1.71 -37.69 -2.92
CA GLY D 55 -0.47 -38.29 -3.39
C GLY D 55 0.74 -37.50 -2.93
N VAL D 56 0.50 -36.47 -2.14
CA VAL D 56 1.61 -35.68 -1.60
C VAL D 56 1.48 -35.67 -0.07
N PRO D 57 2.55 -36.05 0.64
CA PRO D 57 2.37 -36.12 2.12
C PRO D 57 1.95 -34.79 2.75
N HIS D 58 1.19 -34.89 3.84
CA HIS D 58 0.60 -33.74 4.50
C HIS D 58 1.03 -33.82 5.97
N TYR D 59 0.07 -33.61 6.85
CA TYR D 59 0.32 -33.54 8.27
C TYR D 59 0.86 -34.87 8.78
N ASN D 60 1.90 -34.80 9.61
CA ASN D 60 2.56 -36.02 10.06
C ASN D 60 3.18 -35.79 11.43
N PRO D 61 2.52 -36.29 12.49
CA PRO D 61 3.01 -36.28 13.86
C PRO D 61 4.48 -36.63 14.01
N ASP D 62 4.95 -37.63 13.27
CA ASP D 62 6.29 -38.20 13.48
C ASP D 62 7.44 -37.36 12.90
N ILE D 63 7.11 -36.18 12.37
CA ILE D 63 8.13 -35.30 11.82
C ILE D 63 8.63 -34.31 12.86
N GLY D 64 9.95 -34.26 13.02
CA GLY D 64 10.56 -33.41 14.02
C GLY D 64 10.14 -33.79 15.43
N VAL D 65 9.44 -32.86 16.08
CA VAL D 65 9.19 -32.93 17.51
C VAL D 65 7.96 -33.75 17.87
N PRO D 66 8.10 -34.66 18.86
CA PRO D 66 6.97 -35.40 19.42
C PRO D 66 6.22 -34.58 20.45
N LEU D 67 5.11 -33.98 20.01
CA LEU D 67 4.26 -33.20 20.90
C LEU D 67 3.65 -34.07 21.99
N GLY D 68 3.53 -33.49 23.19
CA GLY D 68 2.89 -34.20 24.28
C GLY D 68 3.79 -35.14 25.07
N GLN D 69 5.01 -34.69 25.35
CA GLN D 69 5.83 -35.36 26.36
C GLN D 69 5.45 -34.81 27.74
N ARG D 70 4.89 -33.61 27.75
CA ARG D 70 4.09 -33.13 28.87
C ARG D 70 2.62 -33.33 28.52
N LYS D 71 1.75 -33.30 29.52
CA LYS D 71 0.31 -33.27 29.26
C LYS D 71 -0.02 -31.99 28.50
N LEU D 72 -0.75 -32.15 27.40
CA LEU D 72 -1.19 -31.00 26.61
C LEU D 72 -2.49 -30.46 27.18
N MET D 73 -2.48 -29.17 27.49
CA MET D 73 -3.54 -28.56 28.29
C MET D 73 -4.87 -28.38 27.57
N SER D 74 -5.94 -28.42 28.34
CA SER D 74 -7.21 -27.81 27.94
C SER D 74 -7.26 -26.39 28.49
N TYR D 75 -8.15 -25.57 27.95
CA TYR D 75 -8.27 -24.19 28.40
C TYR D 75 -9.73 -23.82 28.61
N GLN D 76 -10.06 -23.41 29.83
CA GLN D 76 -11.33 -22.74 30.08
C GLN D 76 -11.25 -21.32 29.53
N VAL D 77 -12.06 -21.02 28.53
CA VAL D 77 -12.20 -19.66 28.05
C VAL D 77 -12.68 -18.83 29.25
N SER D 78 -11.91 -17.82 29.64
CA SER D 78 -12.22 -17.08 30.86
C SER D 78 -13.64 -16.53 30.83
N GLY D 79 -14.29 -16.54 31.99
CA GLY D 79 -15.64 -16.03 32.09
C GLY D 79 -16.67 -17.07 31.70
N THR D 80 -16.22 -18.23 31.20
CA THR D 80 -17.14 -19.30 30.84
C THR D 80 -16.82 -20.59 31.59
N ASP D 81 -17.60 -21.63 31.31
CA ASP D 81 -17.37 -22.94 31.91
C ASP D 81 -17.13 -23.97 30.82
N VAL D 82 -16.58 -23.50 29.70
CA VAL D 82 -16.23 -24.34 28.56
C VAL D 82 -14.73 -24.60 28.55
N PHE D 83 -14.37 -25.88 28.58
CA PHE D 83 -12.97 -26.29 28.49
C PHE D 83 -12.71 -26.97 27.15
N VAL D 84 -11.70 -26.47 26.42
CA VAL D 84 -11.39 -26.98 25.09
C VAL D 84 -9.88 -27.10 24.88
N GLU D 85 -9.48 -27.93 23.92
CA GLU D 85 -8.08 -28.06 23.54
C GLU D 85 -7.59 -26.75 22.91
N GLY D 86 -6.29 -26.51 22.99
CA GLY D 86 -5.72 -25.31 22.41
C GLY D 86 -5.98 -25.20 20.91
N ASP D 87 -6.09 -26.35 20.26
CA ASP D 87 -6.22 -26.44 18.82
C ASP D 87 -7.56 -25.88 18.31
N ASP D 88 -8.51 -25.70 19.22
CA ASP D 88 -9.83 -25.18 18.87
C ASP D 88 -9.93 -23.66 19.04
N LEU D 89 -8.79 -23.01 19.25
CA LEU D 89 -8.76 -21.57 19.44
C LEU D 89 -7.81 -20.88 18.47
N THR D 90 -7.22 -21.67 17.57
CA THR D 90 -6.57 -21.12 16.38
C THR D 90 -7.66 -20.49 15.53
N PHE D 91 -7.42 -19.29 15.01
CA PHE D 91 -8.43 -18.58 14.24
C PHE D 91 -8.88 -19.36 13.01
N VAL D 92 -7.94 -20.09 12.38
CA VAL D 92 -8.24 -20.91 11.21
C VAL D 92 -9.16 -22.09 11.55
N ASN D 93 -9.09 -22.57 12.79
CA ASN D 93 -9.91 -23.68 13.25
C ASN D 93 -11.23 -23.22 13.87
N ASN D 94 -11.38 -21.90 14.03
CA ASN D 94 -12.47 -21.33 14.80
C ASN D 94 -13.24 -20.34 13.93
N ALA D 95 -14.53 -20.61 13.72
CA ALA D 95 -15.35 -19.84 12.79
C ALA D 95 -15.75 -18.48 13.38
N ALA D 96 -15.98 -18.44 14.69
CA ALA D 96 -16.36 -17.21 15.38
C ALA D 96 -15.25 -16.18 15.30
N MET D 97 -14.01 -16.64 15.46
CA MET D 97 -12.84 -15.79 15.37
C MET D 97 -12.70 -15.18 13.98
N GLN D 98 -12.96 -15.99 12.96
CA GLN D 98 -12.95 -15.52 11.59
C GLN D 98 -14.10 -14.54 11.33
N GLN D 99 -15.26 -14.83 11.93
CA GLN D 99 -16.43 -14.00 11.72
C GLN D 99 -16.36 -12.65 12.45
N MET D 100 -15.59 -12.59 13.54
CA MET D 100 -15.39 -11.32 14.23
C MET D 100 -14.63 -10.36 13.32
N TRP D 101 -13.52 -10.84 12.76
CA TRP D 101 -12.74 -10.06 11.81
C TRP D 101 -13.58 -9.70 10.60
N ASP D 102 -14.36 -10.66 10.11
CA ASP D 102 -15.17 -10.45 8.92
C ASP D 102 -16.15 -9.29 9.10
N ASP D 103 -16.82 -9.25 10.24
CA ASP D 103 -17.80 -8.21 10.53
C ASP D 103 -17.19 -6.82 10.64
N ILE D 104 -15.94 -6.74 11.11
CA ILE D 104 -15.24 -5.47 11.21
C ILE D 104 -14.75 -5.02 9.84
N ARG D 105 -14.12 -5.94 9.10
CA ARG D 105 -13.58 -5.63 7.78
C ARG D 105 -14.67 -5.19 6.80
N ARG D 106 -15.85 -5.81 6.88
CA ARG D 106 -16.92 -5.54 5.94
C ARG D 106 -17.81 -4.36 6.34
N THR D 107 -17.38 -3.61 7.36
CA THR D 107 -18.13 -2.45 7.83
C THR D 107 -17.54 -1.14 7.31
N VAL D 108 -18.36 -0.38 6.58
CA VAL D 108 -18.04 1.00 6.23
C VAL D 108 -19.21 1.92 6.57
N ILE D 109 -18.91 3.08 7.14
CA ILE D 109 -19.92 4.07 7.51
C ILE D 109 -19.72 5.34 6.70
N VAL D 110 -20.79 5.82 6.08
CA VAL D 110 -20.72 6.97 5.18
C VAL D 110 -21.67 8.09 5.59
N GLY D 111 -21.15 9.32 5.60
CA GLY D 111 -21.98 10.49 5.87
C GLY D 111 -23.02 10.73 4.80
N MET D 112 -24.23 11.11 5.22
CA MET D 112 -25.33 11.32 4.30
C MET D 112 -25.64 12.80 4.04
N ASP D 113 -25.00 13.67 4.82
CA ASP D 113 -25.37 15.09 4.85
C ASP D 113 -25.07 15.84 3.55
N THR D 114 -23.81 15.83 3.09
CA THR D 114 -23.48 16.56 1.85
C THR D 114 -24.09 15.91 0.61
N ALA D 115 -24.27 14.60 0.66
CA ALA D 115 -24.98 13.87 -0.39
C ALA D 115 -26.39 14.43 -0.58
N HIS D 116 -27.12 14.53 0.53
CA HIS D 116 -28.48 15.08 0.51
C HIS D 116 -28.49 16.56 0.11
N ARG D 117 -27.44 17.28 0.50
CA ARG D 117 -27.27 18.66 0.10
C ARG D 117 -27.13 18.79 -1.42
N VAL D 118 -26.40 17.87 -2.03
CA VAL D 118 -26.19 17.84 -3.47
C VAL D 118 -27.52 17.69 -4.21
N LEU D 119 -28.33 16.72 -3.77
CA LEU D 119 -29.61 16.44 -4.37
C LEU D 119 -30.49 17.69 -4.46
N GLU D 120 -30.42 18.52 -3.42
CA GLU D 120 -31.23 19.73 -3.35
C GLU D 120 -30.56 20.90 -4.06
N ARG D 121 -29.34 21.24 -3.65
CA ARG D 121 -28.64 22.42 -4.16
C ARG D 121 -28.23 22.31 -5.63
N ARG D 122 -27.98 21.09 -6.10
CA ARG D 122 -27.48 20.87 -7.45
C ARG D 122 -28.43 20.11 -8.38
N LEU D 123 -29.12 19.12 -7.83
CA LEU D 123 -29.99 18.27 -8.65
C LEU D 123 -31.47 18.66 -8.52
N GLY D 124 -31.78 19.48 -7.53
CA GLY D 124 -33.11 20.04 -7.38
C GLY D 124 -34.18 19.04 -6.98
N LYS D 125 -33.86 18.17 -6.03
CA LYS D 125 -34.79 17.16 -5.55
C LYS D 125 -34.91 17.23 -4.03
N GLU D 126 -36.14 17.13 -3.53
CA GLU D 126 -36.38 17.26 -2.09
C GLU D 126 -36.00 16.00 -1.33
N VAL D 127 -35.34 16.20 -0.18
CA VAL D 127 -34.95 15.10 0.69
C VAL D 127 -35.78 15.15 1.97
N THR D 128 -36.59 14.11 2.17
CA THR D 128 -37.51 14.02 3.30
C THR D 128 -37.43 12.61 3.87
N PRO D 129 -37.99 12.38 5.08
CA PRO D 129 -37.93 11.03 5.65
C PRO D 129 -38.60 9.99 4.76
N GLU D 130 -39.67 10.39 4.07
CA GLU D 130 -40.39 9.50 3.18
C GLU D 130 -39.47 8.98 2.07
N THR D 131 -38.71 9.88 1.46
CA THR D 131 -37.75 9.51 0.41
C THR D 131 -36.52 8.79 0.95
N ILE D 132 -36.16 9.10 2.19
CA ILE D 132 -34.99 8.48 2.82
C ILE D 132 -35.26 7.01 3.13
N ASN D 133 -36.49 6.69 3.54
CA ASN D 133 -36.90 5.31 3.75
C ASN D 133 -36.97 4.53 2.44
N GLU D 134 -37.60 5.14 1.43
CA GLU D 134 -37.61 4.59 0.08
C GLU D 134 -36.19 4.25 -0.38
N TYR D 135 -35.27 5.17 -0.10
CA TYR D 135 -33.86 5.02 -0.43
C TYR D 135 -33.24 3.79 0.24
N MET D 136 -33.62 3.52 1.48
CA MET D 136 -33.04 2.42 2.24
C MET D 136 -33.60 1.05 1.81
N GLU D 137 -34.86 1.03 1.40
CA GLU D 137 -35.45 -0.17 0.78
C GLU D 137 -34.63 -0.53 -0.46
N THR D 138 -34.22 0.51 -1.18
CA THR D 138 -33.44 0.39 -2.41
C THR D 138 -32.01 -0.07 -2.13
N LEU D 139 -31.36 0.58 -1.16
CA LEU D 139 -29.98 0.27 -0.79
C LEU D 139 -29.86 -1.17 -0.31
N ASN D 140 -30.89 -1.67 0.36
CA ASN D 140 -30.88 -3.04 0.86
C ASN D 140 -31.24 -4.06 -0.22
N HIS D 141 -31.71 -3.57 -1.36
CA HIS D 141 -31.82 -4.39 -2.57
C HIS D 141 -30.49 -4.33 -3.33
N ALA D 142 -29.85 -3.16 -3.31
CA ALA D 142 -28.69 -2.87 -4.15
C ALA D 142 -27.37 -3.33 -3.56
N LEU D 143 -27.21 -3.20 -2.25
CA LEU D 143 -25.97 -3.58 -1.56
C LEU D 143 -25.56 -5.03 -1.81
N PRO D 144 -26.50 -6.00 -1.66
CA PRO D 144 -26.15 -7.41 -1.84
C PRO D 144 -25.97 -7.82 -3.31
N GLY D 145 -26.20 -6.88 -4.23
CA GLY D 145 -25.95 -7.13 -5.62
C GLY D 145 -27.20 -7.14 -6.48
N GLY D 146 -28.19 -6.33 -6.09
CA GLY D 146 -29.43 -6.25 -6.86
C GLY D 146 -29.44 -5.07 -7.82
N ALA D 147 -30.21 -5.20 -8.90
CA ALA D 147 -30.23 -4.22 -9.98
C ALA D 147 -31.35 -3.19 -9.85
N VAL D 148 -31.03 -1.92 -10.05
CA VAL D 148 -32.01 -0.85 -9.90
C VAL D 148 -32.22 0.03 -11.14
N VAL D 149 -31.27 0.04 -12.07
CA VAL D 149 -31.36 0.94 -13.23
C VAL D 149 -31.25 0.31 -14.62
N GLN D 150 -30.23 -0.52 -14.85
CA GLN D 150 -30.01 -1.06 -16.20
C GLN D 150 -30.78 -2.34 -16.49
N GLU D 151 -31.32 -2.43 -17.70
CA GLU D 151 -31.94 -3.66 -18.17
C GLU D 151 -30.87 -4.71 -18.52
N HIS D 152 -31.25 -5.97 -18.39
CA HIS D 152 -30.38 -7.12 -18.62
C HIS D 152 -29.18 -7.20 -17.67
N MET D 153 -29.45 -6.96 -16.39
CA MET D 153 -28.40 -7.07 -15.37
C MET D 153 -28.43 -8.43 -14.70
N VAL D 154 -27.27 -9.06 -14.61
CA VAL D 154 -27.10 -10.28 -13.81
C VAL D 154 -26.91 -9.87 -12.35
N GLU D 155 -27.22 -10.78 -11.43
CA GLU D 155 -27.25 -10.43 -10.02
C GLU D 155 -26.60 -11.49 -9.14
N ILE D 156 -26.39 -11.14 -7.88
CA ILE D 156 -25.69 -12.01 -6.94
C ILE D 156 -26.70 -12.79 -6.09
N HIS D 157 -26.38 -14.04 -5.81
CA HIS D 157 -27.24 -14.94 -5.02
C HIS D 157 -27.37 -14.42 -3.59
N PRO D 158 -28.59 -14.02 -3.19
CA PRO D 158 -28.90 -13.59 -1.83
C PRO D 158 -28.57 -14.63 -0.76
N GLY D 159 -28.55 -15.90 -1.15
CA GLY D 159 -28.20 -16.96 -0.23
C GLY D 159 -26.75 -16.91 0.22
N LEU D 160 -25.91 -16.27 -0.59
CA LEU D 160 -24.49 -16.11 -0.26
C LEU D 160 -24.25 -14.84 0.55
N THR D 161 -25.23 -13.94 0.52
CA THR D 161 -25.05 -12.59 1.04
C THR D 161 -26.04 -12.22 2.14
N TRP D 162 -26.66 -13.22 2.76
CA TRP D 162 -27.73 -12.99 3.74
C TRP D 162 -27.31 -12.15 4.94
N ASP D 163 -26.06 -11.72 4.96
CA ASP D 163 -25.52 -10.97 6.09
C ASP D 163 -25.24 -9.52 5.71
N CYS D 164 -25.46 -9.19 4.44
CA CYS D 164 -25.27 -7.84 3.95
C CYS D 164 -26.52 -6.99 4.14
N TYR D 165 -26.33 -5.73 4.53
CA TYR D 165 -27.43 -4.80 4.74
C TYR D 165 -26.91 -3.41 5.08
N ALA D 166 -27.84 -2.46 5.21
CA ALA D 166 -27.51 -1.11 5.65
C ALA D 166 -28.55 -0.56 6.63
N LYS D 167 -28.09 0.33 7.49
CA LYS D 167 -28.93 0.98 8.48
C LYS D 167 -28.48 2.44 8.63
N ILE D 168 -29.29 3.25 9.30
CA ILE D 168 -28.97 4.65 9.52
C ILE D 168 -28.60 4.91 10.98
N ILE D 169 -27.51 5.63 11.17
CA ILE D 169 -27.20 6.24 12.47
C ILE D 169 -27.38 7.75 12.33
N THR D 170 -28.09 8.35 13.28
CA THR D 170 -28.32 9.79 13.27
C THR D 170 -28.52 10.35 14.68
N GLY D 171 -27.78 11.40 14.99
CA GLY D 171 -27.96 12.11 16.25
C GLY D 171 -29.10 13.11 16.18
N ASP D 172 -29.60 13.35 14.97
CA ASP D 172 -30.81 14.14 14.78
C ASP D 172 -32.02 13.30 15.18
N LEU D 173 -32.39 13.40 16.46
CA LEU D 173 -33.43 12.54 17.03
C LEU D 173 -34.80 12.74 16.39
N GLU D 174 -34.98 13.89 15.74
CA GLU D 174 -36.23 14.20 15.07
C GLU D 174 -36.38 13.44 13.75
N LEU D 175 -35.25 13.18 13.09
CA LEU D 175 -35.24 12.34 11.90
C LEU D 175 -35.24 10.86 12.29
N ALA D 176 -34.68 10.57 13.46
CA ALA D 176 -34.45 9.19 13.91
C ALA D 176 -35.76 8.42 14.06
N ASP D 177 -36.75 9.05 14.67
CA ASP D 177 -38.08 8.47 14.76
C ASP D 177 -38.98 9.05 13.68
N GLU D 178 -38.47 8.99 12.45
CA GLU D 178 -39.27 9.15 11.23
C GLU D 178 -38.78 8.06 10.26
N ILE D 179 -37.62 7.49 10.58
CA ILE D 179 -37.06 6.38 9.83
C ILE D 179 -37.64 5.06 10.31
N ASP D 180 -38.03 4.21 9.36
CA ASP D 180 -38.42 2.83 9.64
C ASP D 180 -37.48 2.21 10.68
N ASP D 181 -38.06 1.59 11.70
CA ASP D 181 -37.29 0.99 12.78
C ASP D 181 -36.32 -0.07 12.27
N LYS D 182 -36.70 -0.74 11.18
CA LYS D 182 -35.87 -1.79 10.59
C LYS D 182 -34.67 -1.23 9.83
N PHE D 183 -34.65 0.08 9.61
CA PHE D 183 -33.53 0.75 8.95
C PHE D 183 -32.72 1.59 9.93
N LEU D 184 -33.04 1.49 11.22
CA LEU D 184 -32.48 2.41 12.21
C LEU D 184 -31.71 1.66 13.29
N ILE D 185 -30.45 2.03 13.49
CA ILE D 185 -29.69 1.62 14.67
C ILE D 185 -30.00 2.62 15.79
N ASP D 186 -31.01 2.29 16.58
CA ASP D 186 -31.56 3.23 17.57
C ASP D 186 -30.65 3.36 18.79
N ILE D 187 -30.09 4.56 18.96
CA ILE D 187 -29.16 4.84 20.05
C ILE D 187 -29.84 4.74 21.41
N GLU D 188 -31.11 5.12 21.47
CA GLU D 188 -31.85 5.15 22.73
C GLU D 188 -32.33 3.76 23.16
N LYS D 189 -32.57 2.89 22.17
CA LYS D 189 -32.97 1.51 22.44
C LYS D 189 -31.77 0.66 22.84
N LEU D 190 -30.66 0.83 22.12
CA LEU D 190 -29.50 -0.04 22.25
C LEU D 190 -28.64 0.27 23.47
N PHE D 191 -28.68 1.51 23.95
CA PHE D 191 -27.75 1.97 24.97
C PHE D 191 -28.42 2.34 26.29
N PRO D 192 -27.69 2.23 27.41
CA PRO D 192 -28.10 2.82 28.68
C PRO D 192 -28.26 4.33 28.59
N GLU D 193 -29.22 4.86 29.34
CA GLU D 193 -29.65 6.26 29.25
C GLU D 193 -28.51 7.27 29.11
N GLU D 194 -27.52 7.19 29.99
CA GLU D 194 -26.43 8.17 30.03
C GLU D 194 -25.39 7.99 28.94
N GLN D 195 -25.15 6.74 28.55
CA GLN D 195 -24.29 6.46 27.40
C GLN D 195 -24.96 6.95 26.13
N ALA D 196 -26.27 6.75 26.05
CA ALA D 196 -27.08 7.23 24.94
C ALA D 196 -26.94 8.73 24.75
N GLU D 197 -27.11 9.51 25.82
CA GLU D 197 -27.02 10.97 25.73
C GLU D 197 -25.60 11.46 25.39
N GLN D 198 -24.60 10.79 25.94
CA GLN D 198 -23.20 11.11 25.65
C GLN D 198 -22.90 10.89 24.17
N LEU D 199 -23.54 9.88 23.59
CA LEU D 199 -23.36 9.56 22.17
C LEU D 199 -24.08 10.55 21.26
N ILE D 200 -25.33 10.88 21.59
CA ILE D 200 -26.11 11.85 20.81
C ILE D 200 -25.38 13.20 20.77
N LYS D 201 -24.85 13.60 21.91
CA LYS D 201 -24.12 14.87 22.01
C LYS D 201 -22.86 14.85 21.15
N ALA D 202 -22.14 13.73 21.21
CA ALA D 202 -20.89 13.58 20.45
C ALA D 202 -21.12 13.49 18.94
N ILE D 203 -22.25 12.90 18.55
CA ILE D 203 -22.57 12.75 17.14
C ILE D 203 -23.18 14.02 16.53
N GLY D 204 -24.03 14.70 17.30
CA GLY D 204 -24.69 15.88 16.80
C GLY D 204 -25.78 15.56 15.79
N ASN D 205 -26.36 16.58 15.16
CA ASN D 205 -27.39 16.36 14.15
C ASN D 205 -26.81 15.98 12.79
N ARG D 206 -25.83 15.07 12.81
CA ARG D 206 -25.26 14.53 11.60
C ARG D 206 -25.76 13.09 11.42
N THR D 207 -26.09 12.74 10.19
CA THR D 207 -26.75 11.47 9.91
C THR D 207 -25.91 10.59 8.97
N TYR D 208 -25.87 9.28 9.28
CA TYR D 208 -24.89 8.38 8.68
C TYR D 208 -25.52 7.12 8.08
N GLN D 209 -24.76 6.52 7.18
CA GLN D 209 -25.17 5.33 6.44
C GLN D 209 -24.21 4.20 6.78
N VAL D 210 -24.64 3.26 7.61
CA VAL D 210 -23.81 2.12 7.98
C VAL D 210 -24.02 0.97 7.00
N CYS D 211 -23.02 0.70 6.18
CA CYS D 211 -23.06 -0.39 5.22
C CYS D 211 -22.23 -1.57 5.69
N ARG D 212 -22.84 -2.75 5.64
CA ARG D 212 -22.16 -3.99 5.95
C ARG D 212 -22.19 -4.89 4.71
N MET D 213 -21.03 -5.00 4.07
CA MET D 213 -20.87 -5.79 2.85
C MET D 213 -20.98 -7.28 3.14
N PRO D 214 -21.19 -8.10 2.10
CA PRO D 214 -21.14 -9.56 2.25
C PRO D 214 -19.77 -10.10 2.66
N THR D 215 -19.78 -11.02 3.62
CA THR D 215 -18.56 -11.66 4.13
C THR D 215 -17.81 -12.40 3.01
N ILE D 216 -18.57 -12.98 2.08
CA ILE D 216 -17.99 -13.72 0.96
C ILE D 216 -17.11 -12.83 0.09
N VAL D 217 -17.44 -11.55 0.03
CA VAL D 217 -16.67 -10.58 -0.75
C VAL D 217 -15.34 -10.26 -0.08
N GLY D 218 -15.31 -10.28 1.25
CA GLY D 218 -14.05 -10.15 1.96
C GLY D 218 -13.19 -11.39 1.84
N HIS D 219 -13.85 -12.53 1.62
CA HIS D 219 -13.16 -13.81 1.45
C HIS D 219 -12.41 -13.90 0.13
N VAL D 220 -13.01 -13.38 -0.93
CA VAL D 220 -12.44 -13.42 -2.27
C VAL D 220 -11.52 -12.22 -2.52
N CYS D 221 -11.84 -11.10 -1.88
CA CYS D 221 -11.15 -9.83 -2.16
C CYS D 221 -10.32 -9.35 -0.96
N ASP D 222 -10.52 -8.11 -0.55
CA ASP D 222 -9.88 -7.58 0.65
C ASP D 222 -10.66 -6.43 1.30
N GLY D 223 -10.02 -5.73 2.24
CA GLY D 223 -10.69 -4.69 2.98
C GLY D 223 -10.95 -3.41 2.21
N ALA D 224 -10.03 -3.04 1.32
CA ALA D 224 -10.17 -1.81 0.53
C ALA D 224 -11.23 -1.97 -0.56
N THR D 225 -11.69 -3.20 -0.76
CA THR D 225 -12.90 -3.45 -1.54
C THR D 225 -14.10 -2.83 -0.85
N MET D 226 -14.15 -3.01 0.47
CA MET D 226 -15.32 -2.69 1.25
C MET D 226 -15.94 -1.32 0.99
N TYR D 227 -15.16 -0.25 1.05
CA TYR D 227 -15.74 1.08 0.82
C TYR D 227 -16.07 1.39 -0.66
N ARG D 228 -15.30 0.81 -1.57
CA ARG D 228 -15.55 1.02 -3.00
C ARG D 228 -16.93 0.45 -3.31
N TRP D 229 -17.18 -0.73 -2.74
CA TRP D 229 -18.46 -1.42 -2.86
C TRP D 229 -19.61 -0.63 -2.22
N ALA D 230 -19.36 -0.06 -1.04
CA ALA D 230 -20.35 0.77 -0.36
C ALA D 230 -20.70 1.99 -1.20
N ALA D 231 -19.66 2.66 -1.70
CA ALA D 231 -19.82 3.89 -2.46
C ALA D 231 -20.61 3.69 -3.76
N MET D 232 -20.40 2.55 -4.40
CA MET D 232 -21.01 2.27 -5.70
C MET D 232 -22.52 2.08 -5.58
N GLN D 233 -22.93 1.26 -4.63
CA GLN D 233 -24.34 0.93 -4.46
C GLN D 233 -25.13 2.06 -3.80
N ILE D 234 -24.45 2.90 -3.03
CA ILE D 234 -25.06 4.11 -2.47
C ILE D 234 -25.44 5.07 -3.60
N ALA D 235 -24.52 5.24 -4.55
CA ALA D 235 -24.75 6.11 -5.71
C ALA D 235 -25.83 5.55 -6.66
N MET D 236 -25.87 4.22 -6.78
CA MET D 236 -26.89 3.56 -7.58
C MET D 236 -28.29 3.78 -7.00
N SER D 237 -28.37 3.78 -5.67
CA SER D 237 -29.64 3.90 -4.97
C SER D 237 -30.17 5.34 -4.96
N PHE D 238 -29.25 6.30 -4.84
CA PHE D 238 -29.60 7.72 -4.98
C PHE D 238 -30.22 7.98 -6.36
N ILE D 239 -29.54 7.50 -7.39
CA ILE D 239 -30.00 7.60 -8.77
C ILE D 239 -31.42 7.06 -8.91
N CYS D 240 -31.66 5.87 -8.38
CA CYS D 240 -32.94 5.21 -8.47
C CYS D 240 -34.04 5.98 -7.72
N ALA D 241 -33.75 6.35 -6.47
CA ALA D 241 -34.77 6.87 -5.58
C ALA D 241 -35.15 8.34 -5.83
N TYR D 242 -34.23 9.10 -6.41
CA TYR D 242 -34.48 10.53 -6.61
C TYR D 242 -34.57 10.93 -8.07
N LYS D 243 -34.58 9.92 -8.96
CA LYS D 243 -34.98 10.09 -10.35
C LYS D 243 -34.20 11.18 -11.11
N ILE D 244 -32.89 11.24 -10.85
CA ILE D 244 -31.99 12.07 -11.65
C ILE D 244 -31.53 11.26 -12.85
N ALA D 245 -30.66 11.84 -13.68
CA ALA D 245 -30.02 11.09 -14.76
C ALA D 245 -29.10 10.03 -14.18
N ALA D 246 -29.21 8.82 -14.69
CA ALA D 246 -28.36 7.71 -14.25
C ALA D 246 -26.95 7.88 -14.80
N GLY D 247 -26.29 8.96 -14.40
CA GLY D 247 -25.02 9.32 -15.00
C GLY D 247 -25.02 10.78 -15.42
N GLU D 248 -24.66 11.65 -14.48
CA GLU D 248 -24.77 13.10 -14.66
C GLU D 248 -23.73 13.76 -13.75
N ALA D 249 -23.40 15.02 -14.02
CA ALA D 249 -22.29 15.70 -13.35
C ALA D 249 -22.28 15.55 -11.83
N ALA D 250 -23.42 15.84 -11.19
CA ALA D 250 -23.49 15.88 -9.74
C ALA D 250 -23.34 14.50 -9.09
N VAL D 251 -23.44 13.45 -9.90
CA VAL D 251 -23.24 12.09 -9.42
C VAL D 251 -21.80 11.92 -8.93
N SER D 252 -20.88 12.67 -9.53
CA SER D 252 -19.47 12.60 -9.15
C SER D 252 -19.24 13.15 -7.73
N ASP D 253 -20.20 13.96 -7.26
CA ASP D 253 -20.20 14.41 -5.87
C ASP D 253 -20.49 13.25 -4.92
N PHE D 254 -21.35 12.34 -5.34
CA PHE D 254 -21.71 11.16 -4.56
C PHE D 254 -20.50 10.24 -4.43
N ALA D 255 -19.81 10.03 -5.54
CA ALA D 255 -18.59 9.23 -5.57
C ALA D 255 -17.56 9.79 -4.61
N PHE D 256 -17.39 11.11 -4.62
CA PHE D 256 -16.35 11.75 -3.82
C PHE D 256 -16.72 11.93 -2.35
N ALA D 257 -18.00 12.13 -2.06
CA ALA D 257 -18.47 12.23 -0.68
C ALA D 257 -18.34 10.88 0.01
N SER D 258 -18.76 9.83 -0.69
CA SER D 258 -18.79 8.47 -0.14
C SER D 258 -17.41 7.85 -0.01
N LYS D 259 -16.49 8.24 -0.90
CA LYS D 259 -15.18 7.60 -0.97
C LYS D 259 -14.10 8.36 -0.21
N HIS D 260 -14.32 9.64 0.05
CA HIS D 260 -13.28 10.47 0.66
C HIS D 260 -13.77 11.49 1.69
N ALA D 261 -14.69 12.37 1.28
CA ALA D 261 -15.03 13.55 2.08
C ALA D 261 -15.86 13.25 3.33
N GLU D 262 -16.76 12.27 3.23
CA GLU D 262 -17.65 11.93 4.34
C GLU D 262 -17.58 10.44 4.73
N VAL D 263 -16.47 9.78 4.37
CA VAL D 263 -16.34 8.34 4.60
C VAL D 263 -15.69 7.99 5.95
N ILE D 264 -15.97 6.78 6.43
CA ILE D 264 -15.35 6.24 7.65
C ILE D 264 -15.06 4.77 7.46
N ASN D 265 -13.81 4.38 7.66
CA ASN D 265 -13.42 2.98 7.58
C ASN D 265 -12.79 2.54 8.89
N MET D 266 -12.89 1.26 9.20
CA MET D 266 -12.37 0.72 10.44
C MET D 266 -10.85 0.80 10.50
N GLY D 267 -10.22 0.82 9.33
CA GLY D 267 -8.79 0.98 9.26
C GLY D 267 -8.35 1.83 8.09
N GLU D 268 -7.20 2.47 8.24
CA GLU D 268 -6.60 3.23 7.16
C GLU D 268 -5.43 2.43 6.59
N MET D 269 -4.92 2.88 5.44
CA MET D 269 -3.90 2.12 4.71
C MET D 269 -2.55 2.12 5.43
N LEU D 270 -1.67 1.21 5.01
CA LEU D 270 -0.38 1.02 5.65
C LEU D 270 0.77 1.25 4.65
N PRO D 271 1.96 1.61 5.16
CA PRO D 271 3.11 1.99 4.34
C PRO D 271 3.73 0.81 3.59
N ALA D 272 4.75 1.09 2.78
CA ALA D 272 5.18 0.20 1.71
C ALA D 272 5.63 -1.19 2.14
N ARG D 273 6.29 -1.31 3.29
CA ARG D 273 6.82 -2.60 3.72
C ARG D 273 5.73 -3.56 4.19
N ARG D 274 4.71 -3.01 4.84
CA ARG D 274 3.50 -3.77 5.13
C ARG D 274 2.32 -3.25 4.30
N ALA D 275 2.56 -3.12 3.00
CA ALA D 275 1.62 -2.50 2.08
C ALA D 275 0.24 -3.16 2.13
N ARG D 276 -0.77 -2.34 2.42
CA ARG D 276 -2.15 -2.81 2.55
C ARG D 276 -3.10 -1.62 2.38
N GLY D 277 -4.25 -1.89 1.77
CA GLY D 277 -5.30 -0.88 1.69
C GLY D 277 -6.06 -0.72 2.99
N GLU D 278 -7.27 -0.20 2.88
CA GLU D 278 -8.08 0.11 4.06
C GLU D 278 -8.79 -1.11 4.62
N ASN D 279 -9.43 -0.93 5.78
CA ASN D 279 -10.13 -2.00 6.50
C ASN D 279 -9.32 -3.29 6.64
N GLU D 280 -8.06 -3.13 6.99
CA GLU D 280 -7.18 -4.25 7.30
C GLU D 280 -6.71 -4.10 8.75
N PRO D 281 -6.34 -5.21 9.41
CA PRO D 281 -6.25 -5.21 10.88
C PRO D 281 -5.21 -4.24 11.42
N GLY D 282 -4.14 -4.03 10.66
CA GLY D 282 -3.06 -3.16 11.10
C GLY D 282 -3.39 -1.68 11.05
N GLY D 283 -4.42 -1.33 10.29
CA GLY D 283 -4.84 0.07 10.20
C GLY D 283 -5.88 0.45 11.23
N VAL D 284 -6.29 -0.52 12.05
CA VAL D 284 -7.33 -0.30 13.06
C VAL D 284 -6.75 0.08 14.42
N PRO D 285 -7.05 1.31 14.89
CA PRO D 285 -6.51 1.86 16.13
C PRO D 285 -7.11 1.21 17.38
N PHE D 286 -6.36 1.25 18.48
CA PHE D 286 -6.76 0.59 19.72
C PHE D 286 -8.10 1.10 20.22
N GLY D 287 -8.27 2.42 20.22
CA GLY D 287 -9.53 3.01 20.64
C GLY D 287 -10.71 2.59 19.80
N VAL D 288 -10.45 2.34 18.51
CA VAL D 288 -11.50 1.97 17.57
C VAL D 288 -11.89 0.50 17.71
N LEU D 289 -10.89 -0.37 17.87
CA LEU D 289 -11.16 -1.79 18.13
C LEU D 289 -11.92 -1.92 19.45
N ALA D 290 -11.59 -1.07 20.40
CA ALA D 290 -12.24 -1.06 21.71
C ALA D 290 -13.72 -0.64 21.61
N ASP D 291 -14.00 0.30 20.72
CA ASP D 291 -15.35 0.79 20.51
C ASP D 291 -16.19 -0.12 19.63
N CYS D 292 -15.54 -1.11 19.01
CA CYS D 292 -16.24 -2.16 18.27
C CYS D 292 -16.88 -3.13 19.26
N VAL D 293 -16.09 -3.58 20.23
CA VAL D 293 -16.58 -4.40 21.34
C VAL D 293 -17.67 -3.63 22.10
N GLN D 294 -18.75 -4.32 22.45
CA GLN D 294 -19.93 -3.68 23.00
C GLN D 294 -20.21 -4.03 24.45
N THR D 295 -19.16 -4.39 25.19
CA THR D 295 -19.31 -4.81 26.58
C THR D 295 -19.55 -3.62 27.52
N MET D 296 -19.14 -2.42 27.08
CA MET D 296 -19.44 -1.19 27.80
C MET D 296 -20.94 -0.94 27.87
N ARG D 297 -21.67 -1.53 26.92
CA ARG D 297 -23.12 -1.42 26.84
C ARG D 297 -23.83 -2.22 27.93
N LYS D 298 -23.34 -3.43 28.15
CA LYS D 298 -24.04 -4.40 28.99
C LYS D 298 -23.57 -4.36 30.44
N TYR D 299 -22.30 -4.02 30.65
CA TYR D 299 -21.71 -4.01 31.98
C TYR D 299 -21.08 -2.65 32.32
N PRO D 300 -21.89 -1.57 32.35
CA PRO D 300 -21.39 -0.22 32.61
C PRO D 300 -20.70 -0.05 33.96
N ASP D 301 -21.05 -0.91 34.90
CA ASP D 301 -20.61 -0.75 36.29
C ASP D 301 -19.51 -1.74 36.68
N ASP D 302 -18.95 -2.43 35.68
CA ASP D 302 -17.80 -3.30 35.90
C ASP D 302 -16.70 -2.92 34.91
N PRO D 303 -15.82 -1.98 35.31
CA PRO D 303 -14.74 -1.52 34.42
C PRO D 303 -13.79 -2.63 33.99
N ALA D 304 -13.72 -3.70 34.78
CA ALA D 304 -12.78 -4.79 34.55
C ALA D 304 -13.30 -5.73 33.46
N LYS D 305 -14.56 -6.11 33.54
CA LYS D 305 -15.13 -6.97 32.49
C LYS D 305 -15.05 -6.35 31.10
N VAL D 306 -15.34 -5.05 31.04
CA VAL D 306 -15.36 -4.29 29.79
C VAL D 306 -13.96 -4.26 29.17
N ALA D 307 -12.95 -4.04 30.02
CA ALA D 307 -11.56 -4.04 29.61
C ALA D 307 -11.07 -5.45 29.25
N LEU D 308 -11.33 -6.43 30.13
CA LEU D 308 -10.93 -7.82 29.90
C LEU D 308 -11.46 -8.33 28.55
N GLU D 309 -12.71 -7.97 28.26
CA GLU D 309 -13.40 -8.38 27.04
C GLU D 309 -12.77 -7.73 25.80
N VAL D 310 -12.26 -6.51 25.97
CA VAL D 310 -11.56 -5.81 24.90
C VAL D 310 -10.17 -6.42 24.65
N ILE D 311 -9.51 -6.89 25.71
CA ILE D 311 -8.23 -7.58 25.58
C ILE D 311 -8.39 -8.86 24.78
N ALA D 312 -9.46 -9.60 25.07
CA ALA D 312 -9.71 -10.90 24.45
C ALA D 312 -9.80 -10.82 22.92
N ALA D 313 -10.54 -9.84 22.43
CA ALA D 313 -10.75 -9.66 20.99
C ALA D 313 -9.67 -8.77 20.36
N GLY D 314 -8.83 -8.18 21.21
CA GLY D 314 -7.67 -7.45 20.74
C GLY D 314 -6.53 -8.40 20.47
N ALA D 315 -6.15 -9.18 21.49
CA ALA D 315 -5.09 -10.17 21.36
C ALA D 315 -5.40 -11.17 20.23
N MET D 316 -6.64 -11.61 20.15
CA MET D 316 -7.09 -12.52 19.09
C MET D 316 -6.88 -11.89 17.72
N LEU D 317 -7.45 -10.70 17.54
CA LEU D 317 -7.39 -10.02 16.26
C LEU D 317 -5.97 -9.61 15.87
N TYR D 318 -5.23 -9.07 16.83
CA TYR D 318 -3.93 -8.47 16.55
C TYR D 318 -2.77 -9.45 16.59
N ASP D 319 -2.88 -10.50 17.41
CA ASP D 319 -1.81 -11.49 17.54
C ASP D 319 -2.07 -12.72 16.67
N GLN D 320 -3.27 -13.28 16.79
CA GLN D 320 -3.60 -14.52 16.11
C GLN D 320 -3.85 -14.33 14.61
N ILE D 321 -4.71 -13.36 14.28
CA ILE D 321 -5.05 -13.09 12.88
C ILE D 321 -4.07 -12.13 12.22
N TRP D 322 -3.79 -11.01 12.87
CA TRP D 322 -2.92 -9.98 12.28
C TRP D 322 -1.44 -10.38 12.26
N LEU D 323 -0.82 -10.45 13.43
CA LEU D 323 0.60 -10.75 13.52
C LEU D 323 0.90 -12.21 13.19
N GLY D 324 -0.03 -13.09 13.55
CA GLY D 324 0.19 -14.53 13.39
C GLY D 324 -0.17 -15.10 12.03
N SER D 325 -0.60 -14.25 11.10
CA SER D 325 -0.98 -14.70 9.76
C SER D 325 -0.59 -13.67 8.70
N TYR D 326 -1.25 -12.52 8.74
CA TYR D 326 -0.97 -11.42 7.82
C TYR D 326 0.51 -11.07 7.81
N MET D 327 1.10 -10.98 9.00
CA MET D 327 2.46 -10.49 9.16
C MET D 327 3.50 -11.61 9.27
N SER D 328 3.03 -12.84 9.44
CA SER D 328 3.93 -13.99 9.53
C SER D 328 3.32 -15.24 8.93
N GLY D 329 2.53 -15.97 9.72
CA GLY D 329 1.87 -17.16 9.22
C GLY D 329 2.42 -18.46 9.77
N GLY D 330 1.79 -19.55 9.38
CA GLY D 330 2.15 -20.87 9.89
C GLY D 330 1.26 -21.32 11.02
N VAL D 331 1.82 -22.12 11.91
CA VAL D 331 1.13 -22.54 13.14
C VAL D 331 0.58 -21.33 13.88
N GLY D 332 1.41 -20.30 14.05
CA GLY D 332 0.92 -19.00 14.46
C GLY D 332 1.09 -18.68 15.93
N PHE D 333 0.22 -17.80 16.42
CA PHE D 333 0.36 -17.21 17.75
C PHE D 333 -0.93 -17.36 18.57
N THR D 334 -1.45 -18.58 18.63
CA THR D 334 -2.66 -18.88 19.38
C THR D 334 -2.50 -18.54 20.87
N GLN D 335 -1.51 -19.18 21.48
CA GLN D 335 -1.32 -19.11 22.93
C GLN D 335 -0.62 -17.85 23.42
N TYR D 336 -0.01 -17.10 22.49
CA TYR D 336 0.42 -15.73 22.76
C TYR D 336 -0.80 -14.88 23.08
N ALA D 337 -1.93 -15.19 22.44
CA ALA D 337 -3.17 -14.45 22.62
C ALA D 337 -3.92 -15.10 23.78
N THR D 338 -4.04 -16.42 23.76
CA THR D 338 -4.81 -17.11 24.79
C THR D 338 -4.38 -16.83 26.24
N ALA D 339 -3.09 -16.48 26.42
CA ALA D 339 -2.51 -16.20 27.75
C ALA D 339 -3.35 -15.09 28.43
N VAL D 340 -4.10 -14.34 27.62
CA VAL D 340 -4.91 -13.25 28.15
C VAL D 340 -6.43 -13.37 27.98
N TYR D 341 -6.93 -14.56 27.66
CA TYR D 341 -8.36 -14.82 27.77
C TYR D 341 -8.84 -16.20 28.27
N PRO D 342 -7.98 -17.24 28.19
CA PRO D 342 -8.19 -18.39 29.10
C PRO D 342 -7.74 -18.36 30.57
N ASP D 343 -8.46 -19.19 31.33
CA ASP D 343 -8.06 -19.66 32.68
C ASP D 343 -8.20 -18.61 33.79
N ASN D 344 -8.89 -17.50 33.47
CA ASN D 344 -9.18 -16.46 34.46
C ASN D 344 -7.95 -16.02 35.26
N ILE D 345 -6.77 -16.13 34.64
CA ILE D 345 -5.51 -15.80 35.31
C ILE D 345 -5.30 -14.29 35.30
N LEU D 346 -5.35 -13.69 34.12
CA LEU D 346 -5.31 -12.24 33.99
C LEU D 346 -6.52 -11.61 34.68
N ASP D 347 -7.66 -12.30 34.63
CA ASP D 347 -8.89 -11.83 35.25
C ASP D 347 -8.71 -11.59 36.75
N ASP D 348 -8.06 -12.53 37.42
CA ASP D 348 -7.77 -12.40 38.84
C ASP D 348 -6.87 -11.20 39.13
N TYR D 349 -5.84 -11.04 38.30
CA TYR D 349 -4.86 -9.97 38.46
C TYR D 349 -5.51 -8.60 38.28
N VAL D 350 -6.40 -8.51 37.29
CA VAL D 350 -7.05 -7.25 36.93
C VAL D 350 -8.06 -6.82 37.99
N TYR D 351 -8.90 -7.77 38.41
CA TYR D 351 -9.93 -7.49 39.42
C TYR D 351 -9.35 -7.01 40.74
N TYR D 352 -8.32 -7.71 41.20
CA TYR D 352 -7.61 -7.35 42.42
C TYR D 352 -6.97 -5.96 42.31
N GLY D 353 -6.43 -5.65 41.14
CA GLY D 353 -5.85 -4.35 40.88
C GLY D 353 -6.89 -3.25 40.97
N LEU D 354 -8.11 -3.57 40.54
CA LEU D 354 -9.25 -2.66 40.64
C LEU D 354 -9.70 -2.49 42.09
N GLU D 355 -9.68 -3.58 42.86
CA GLU D 355 -9.99 -3.53 44.28
C GLU D 355 -8.98 -2.65 45.02
N TYR D 356 -7.72 -2.71 44.58
CA TYR D 356 -6.66 -1.87 45.12
C TYR D 356 -6.93 -0.40 44.82
N VAL D 357 -7.13 -0.08 43.56
CA VAL D 357 -7.43 1.29 43.15
C VAL D 357 -8.69 1.80 43.84
N GLU D 358 -9.74 0.98 43.84
CA GLU D 358 -10.99 1.32 44.51
C GLU D 358 -10.78 1.73 45.97
N ASP D 359 -9.76 1.15 46.60
CA ASP D 359 -9.43 1.47 47.99
C ASP D 359 -8.52 2.69 48.13
N LYS D 360 -7.29 2.58 47.65
CA LYS D 360 -6.28 3.63 47.83
C LYS D 360 -6.72 4.96 47.23
N TYR D 361 -7.11 4.92 45.96
CA TYR D 361 -7.67 6.08 45.28
C TYR D 361 -9.16 5.84 45.08
N GLY D 362 -9.81 6.72 44.33
CA GLY D 362 -11.12 6.39 43.81
C GLY D 362 -11.00 5.88 42.39
N ILE D 363 -12.06 5.26 41.90
CA ILE D 363 -12.17 4.91 40.49
C ILE D 363 -12.15 6.19 39.66
N ALA D 364 -11.07 6.36 38.88
CA ALA D 364 -10.92 7.50 37.98
C ALA D 364 -10.76 8.84 38.71
N GLU D 365 -10.32 8.79 39.96
CA GLU D 365 -10.25 9.97 40.81
C GLU D 365 -8.84 10.52 40.97
N ALA D 366 -7.85 9.72 40.60
CA ALA D 366 -6.45 10.11 40.76
C ALA D 366 -5.97 11.03 39.64
N GLU D 367 -5.42 12.17 40.06
CA GLU D 367 -4.56 12.99 39.22
C GLU D 367 -3.51 12.14 38.50
N PRO D 368 -3.43 12.24 37.17
CA PRO D 368 -2.33 11.57 36.47
C PRO D 368 -0.97 12.14 36.87
N SER D 369 -0.16 11.28 37.49
CA SER D 369 1.16 11.66 37.95
C SER D 369 2.08 10.45 38.03
N MET D 370 3.38 10.71 38.06
CA MET D 370 4.38 9.65 38.18
C MET D 370 4.20 8.85 39.46
N ASP D 371 3.70 9.52 40.50
CA ASP D 371 3.46 8.89 41.81
C ASP D 371 2.44 7.76 41.75
N VAL D 372 1.32 8.01 41.07
CA VAL D 372 0.24 7.02 40.97
C VAL D 372 0.70 5.82 40.15
N VAL D 373 1.36 6.08 39.03
CA VAL D 373 1.95 5.04 38.20
C VAL D 373 2.91 4.20 39.03
N LYS D 374 3.90 4.88 39.62
CA LYS D 374 4.90 4.22 40.47
C LYS D 374 4.27 3.34 41.55
N ASP D 375 3.15 3.77 42.10
CA ASP D 375 2.44 2.98 43.10
C ASP D 375 1.64 1.83 42.50
N VAL D 376 0.64 2.16 41.69
CA VAL D 376 -0.31 1.17 41.20
C VAL D 376 0.37 0.13 40.30
N ALA D 377 1.27 0.60 39.44
CA ALA D 377 1.98 -0.30 38.53
C ALA D 377 2.82 -1.33 39.28
N THR D 378 3.62 -0.86 40.22
CA THR D 378 4.52 -1.73 40.98
C THR D 378 3.77 -2.73 41.85
N GLU D 379 2.69 -2.29 42.48
CA GLU D 379 1.90 -3.15 43.36
C GLU D 379 1.31 -4.34 42.62
N VAL D 380 0.71 -4.07 41.46
CA VAL D 380 0.00 -5.09 40.69
C VAL D 380 0.95 -6.02 39.93
N THR D 381 2.11 -5.50 39.54
CA THR D 381 3.14 -6.30 38.88
C THR D 381 3.78 -7.29 39.84
N LEU D 382 4.06 -6.84 41.07
CA LEU D 382 4.56 -7.70 42.12
C LEU D 382 3.53 -8.76 42.50
N TYR D 383 2.26 -8.35 42.58
CA TYR D 383 1.16 -9.28 42.83
C TYR D 383 1.16 -10.38 41.77
N GLY D 384 1.09 -9.98 40.51
CA GLY D 384 1.00 -10.92 39.42
C GLY D 384 2.20 -11.83 39.29
N LEU D 385 3.39 -11.27 39.47
CA LEU D 385 4.63 -12.06 39.51
C LEU D 385 4.57 -13.08 40.65
N GLU D 386 4.02 -12.67 41.78
CA GLU D 386 3.99 -13.50 42.98
C GLU D 386 2.95 -14.62 42.89
N GLN D 387 1.94 -14.44 42.04
CA GLN D 387 0.96 -15.49 41.79
C GLN D 387 1.54 -16.63 40.97
N TYR D 388 2.45 -16.32 40.04
CA TYR D 388 3.09 -17.32 39.19
C TYR D 388 4.11 -18.16 39.93
N GLU D 389 4.74 -17.58 40.96
CA GLU D 389 5.73 -18.30 41.75
C GLU D 389 5.12 -18.96 42.98
N ARG D 390 3.88 -18.59 43.30
CA ARG D 390 3.11 -19.27 44.33
C ARG D 390 2.45 -20.51 43.75
N TYR D 391 1.99 -20.39 42.51
CA TYR D 391 1.26 -21.47 41.84
C TYR D 391 2.04 -21.95 40.63
N PRO D 392 3.00 -22.87 40.83
CA PRO D 392 3.77 -23.49 39.73
C PRO D 392 2.90 -24.06 38.62
N ALA D 393 1.62 -24.31 38.94
CA ALA D 393 0.63 -24.76 37.96
C ALA D 393 0.33 -23.66 36.94
N ALA D 394 0.11 -22.44 37.43
CA ALA D 394 -0.14 -21.29 36.58
C ALA D 394 1.11 -20.90 35.78
N MET D 395 2.28 -21.19 36.34
CA MET D 395 3.56 -20.96 35.68
C MET D 395 3.73 -21.93 34.50
N GLU D 396 3.27 -23.15 34.70
CA GLU D 396 3.33 -24.20 33.67
C GLU D 396 2.25 -23.97 32.60
N THR D 397 1.17 -23.30 32.96
CA THR D 397 0.12 -22.91 32.03
C THR D 397 0.64 -21.82 31.08
N HIS D 398 1.15 -20.74 31.68
CA HIS D 398 1.73 -19.64 30.92
C HIS D 398 3.24 -19.81 30.81
N PHE D 399 3.65 -20.76 29.97
CA PHE D 399 5.03 -21.24 29.93
C PHE D 399 6.00 -20.28 29.26
N GLY D 400 5.50 -19.45 28.34
CA GLY D 400 6.33 -18.39 27.78
C GLY D 400 6.35 -17.16 28.65
N GLY D 401 7.48 -16.46 28.67
CA GLY D 401 7.59 -15.25 29.44
C GLY D 401 6.86 -14.08 28.81
N SER D 402 6.75 -14.10 27.49
CA SER D 402 6.05 -13.07 26.73
C SER D 402 4.63 -12.88 27.23
N GLN D 403 3.91 -14.00 27.31
CA GLN D 403 2.54 -14.01 27.77
C GLN D 403 2.43 -13.76 29.28
N ARG D 404 3.49 -14.08 30.00
CA ARG D 404 3.61 -13.76 31.41
C ARG D 404 3.75 -12.25 31.60
N ALA D 405 4.67 -11.66 30.83
CA ALA D 405 4.87 -10.21 30.83
C ALA D 405 3.59 -9.48 30.42
N ALA D 406 2.90 -10.01 29.42
CA ALA D 406 1.68 -9.42 28.91
C ALA D 406 0.55 -9.45 29.93
N VAL D 407 0.41 -10.56 30.65
CA VAL D 407 -0.66 -10.71 31.64
C VAL D 407 -0.46 -9.73 32.81
N CYS D 408 0.79 -9.58 33.25
CA CYS D 408 1.12 -8.73 34.39
C CYS D 408 1.12 -7.25 34.02
N ALA D 409 1.59 -6.94 32.81
CA ALA D 409 1.65 -5.57 32.33
C ALA D 409 0.25 -5.05 32.00
N ALA D 410 -0.60 -5.94 31.48
CA ALA D 410 -1.99 -5.60 31.20
C ALA D 410 -2.72 -5.24 32.49
N ALA D 411 -2.60 -6.11 33.49
CA ALA D 411 -3.18 -5.88 34.80
C ALA D 411 -2.68 -4.57 35.41
N ALA D 412 -1.37 -4.38 35.37
CA ALA D 412 -0.74 -3.15 35.84
C ALA D 412 -1.24 -1.94 35.06
N GLY D 413 -1.20 -2.04 33.73
CA GLY D 413 -1.58 -0.94 32.86
C GLY D 413 -3.02 -0.50 33.03
N CYS D 414 -3.94 -1.46 32.99
CA CYS D 414 -5.36 -1.18 33.15
C CYS D 414 -5.68 -0.64 34.55
N SER D 415 -5.01 -1.19 35.55
CA SER D 415 -5.18 -0.71 36.93
C SER D 415 -4.80 0.76 37.08
N THR D 416 -3.66 1.14 36.51
CA THR D 416 -3.23 2.53 36.53
C THR D 416 -4.21 3.41 35.76
N ALA D 417 -4.86 2.82 34.77
CA ALA D 417 -5.92 3.51 34.02
C ALA D 417 -7.19 3.62 34.86
N PHE D 418 -7.48 2.61 35.67
CA PHE D 418 -8.64 2.61 36.55
C PHE D 418 -8.59 3.77 37.54
N ALA D 419 -7.38 4.12 37.99
CA ALA D 419 -7.19 5.17 38.98
C ALA D 419 -7.30 6.55 38.36
N THR D 420 -6.53 6.77 37.30
CA THR D 420 -6.48 8.06 36.63
C THR D 420 -7.66 8.28 35.67
N GLY D 421 -8.02 7.23 34.94
CA GLY D 421 -9.00 7.36 33.87
C GLY D 421 -8.39 7.99 32.63
N HIS D 422 -7.09 7.78 32.45
CA HIS D 422 -6.32 8.44 31.39
C HIS D 422 -5.38 7.44 30.71
N ALA D 423 -5.68 7.09 29.47
CA ALA D 423 -4.96 6.05 28.71
C ALA D 423 -3.43 6.18 28.73
N GLN D 424 -2.93 7.39 28.56
CA GLN D 424 -1.48 7.63 28.52
C GLN D 424 -0.78 7.30 29.83
N ALA D 425 -1.41 7.69 30.94
CA ALA D 425 -0.94 7.31 32.26
C ALA D 425 -0.94 5.79 32.37
N GLY D 426 -2.08 5.18 32.03
CA GLY D 426 -2.19 3.73 32.02
C GLY D 426 -1.08 3.07 31.21
N LEU D 427 -0.82 3.61 30.03
CA LEU D 427 0.25 3.11 29.16
C LEU D 427 1.62 3.22 29.82
N ASN D 428 1.87 4.35 30.47
CA ASN D 428 3.13 4.58 31.18
C ASN D 428 3.34 3.53 32.26
N GLY D 429 2.23 3.08 32.86
CA GLY D 429 2.29 2.02 33.86
C GLY D 429 2.63 0.67 33.28
N TRP D 430 2.21 0.44 32.03
CA TRP D 430 2.58 -0.76 31.29
C TRP D 430 4.09 -0.85 31.15
N TYR D 431 4.71 0.28 30.79
CA TYR D 431 6.14 0.32 30.53
C TYR D 431 6.99 0.31 31.80
N LEU D 432 6.38 0.67 32.94
CA LEU D 432 7.03 0.49 34.23
C LEU D 432 6.95 -0.98 34.63
N SER D 433 5.78 -1.58 34.43
CA SER D 433 5.56 -2.98 34.78
C SER D 433 6.55 -3.91 34.09
N GLN D 434 6.78 -3.68 32.81
CA GLN D 434 7.64 -4.54 32.00
C GLN D 434 9.08 -4.52 32.50
N ILE D 435 9.59 -3.32 32.71
CA ILE D 435 10.97 -3.12 33.15
C ILE D 435 11.16 -3.61 34.60
N LEU D 436 10.04 -3.84 35.30
CA LEU D 436 10.04 -4.50 36.60
C LEU D 436 10.13 -6.02 36.45
N HIS D 437 9.30 -6.58 35.57
CA HIS D 437 9.31 -8.01 35.25
C HIS D 437 10.72 -8.47 34.86
N LYS D 438 11.39 -7.65 34.06
CA LYS D 438 12.75 -7.90 33.60
C LYS D 438 13.70 -8.33 34.72
N GLU D 439 13.87 -7.46 35.70
CA GLU D 439 14.80 -7.69 36.80
C GLU D 439 14.27 -8.71 37.82
N GLY D 440 12.97 -8.99 37.76
CA GLY D 440 12.35 -9.90 38.69
C GLY D 440 12.65 -11.37 38.40
N GLN D 441 12.47 -11.78 37.16
CA GLN D 441 12.66 -13.17 36.76
C GLN D 441 13.94 -13.37 35.96
N GLY D 442 14.67 -12.28 35.71
CA GLY D 442 15.87 -12.34 34.88
C GLY D 442 15.55 -12.62 33.43
N ARG D 443 14.40 -12.13 32.99
CA ARG D 443 13.90 -12.36 31.63
C ARG D 443 12.70 -11.44 31.41
N LEU D 444 12.21 -11.35 30.18
CA LEU D 444 11.01 -10.60 29.90
C LEU D 444 10.09 -11.36 28.95
N GLY D 445 10.53 -11.52 27.70
CA GLY D 445 9.76 -12.30 26.75
C GLY D 445 10.66 -13.02 25.76
N PHE D 446 10.17 -13.20 24.55
CA PHE D 446 11.00 -13.69 23.46
C PHE D 446 12.04 -12.63 23.08
N TYR D 447 12.84 -12.92 22.06
CA TYR D 447 14.01 -12.11 21.71
C TYR D 447 13.72 -10.61 21.55
N GLY D 448 12.80 -10.27 20.65
CA GLY D 448 12.53 -8.88 20.37
C GLY D 448 11.29 -8.34 21.05
N TYR D 449 10.94 -8.96 22.17
CA TYR D 449 9.71 -8.64 22.90
C TYR D 449 9.69 -7.20 23.40
N ALA D 450 10.83 -6.73 23.91
CA ALA D 450 10.88 -5.48 24.64
C ALA D 450 11.40 -4.28 23.84
N LEU D 451 11.35 -4.36 22.51
CA LEU D 451 11.68 -3.21 21.66
C LEU D 451 10.78 -2.04 22.05
N GLN D 452 9.48 -2.27 21.98
CA GLN D 452 8.47 -1.33 22.45
C GLN D 452 8.73 -0.82 23.85
N ASP D 453 8.87 -1.77 24.78
CA ASP D 453 8.83 -1.49 26.20
C ASP D 453 10.06 -0.76 26.69
N GLN D 454 11.15 -0.85 25.94
CA GLN D 454 12.36 -0.11 26.24
C GLN D 454 12.35 1.29 25.60
N CYS D 455 11.70 1.41 24.45
CA CYS D 455 11.37 2.72 23.89
C CYS D 455 10.21 3.34 24.66
N GLY D 456 9.51 2.50 25.43
CA GLY D 456 8.17 2.84 25.89
C GLY D 456 8.07 4.08 26.76
N ALA D 457 8.96 4.18 27.75
CA ALA D 457 8.91 5.26 28.72
C ALA D 457 9.08 6.63 28.07
N ALA D 458 9.98 6.73 27.11
CA ALA D 458 10.32 8.01 26.49
C ALA D 458 9.31 8.46 25.44
N ASN D 459 8.70 7.49 24.77
CA ASN D 459 7.75 7.77 23.69
C ASN D 459 6.32 7.96 24.19
N SER D 460 6.06 7.50 25.42
CA SER D 460 4.72 7.54 26.01
C SER D 460 4.16 8.95 26.12
N LEU D 461 4.98 9.88 26.62
CA LEU D 461 4.55 11.26 26.83
C LEU D 461 5.16 12.23 25.83
N SER D 462 6.13 11.75 25.04
CA SER D 462 6.76 12.54 24.00
C SER D 462 5.73 13.14 23.04
N VAL D 463 6.14 14.19 22.33
CA VAL D 463 5.26 14.93 21.45
C VAL D 463 5.86 15.09 20.05
N ARG D 464 6.97 14.39 19.80
CA ARG D 464 7.71 14.55 18.54
C ARG D 464 7.11 13.76 17.39
N SER D 465 7.50 14.16 16.17
CA SER D 465 7.09 13.55 14.91
C SER D 465 6.40 12.18 14.96
N ASP D 466 7.20 11.12 14.85
CA ASP D 466 6.67 9.75 14.89
C ASP D 466 6.87 9.14 16.28
N GLU D 467 6.62 9.94 17.31
CA GLU D 467 6.78 9.52 18.70
C GLU D 467 5.53 9.81 19.52
N GLY D 468 5.01 11.03 19.40
CA GLY D 468 3.89 11.44 20.24
C GLY D 468 2.52 11.16 19.64
N LEU D 469 1.62 10.65 20.48
CA LEU D 469 0.24 10.36 20.07
C LEU D 469 -0.45 9.67 21.24
N PRO D 470 -1.66 10.14 21.63
CA PRO D 470 -2.44 9.43 22.65
C PRO D 470 -2.70 7.98 22.26
N LEU D 471 -2.82 7.11 23.26
CA LEU D 471 -2.90 5.68 23.02
C LEU D 471 -4.15 5.30 22.23
N GLU D 472 -5.25 6.01 22.47
CA GLU D 472 -6.49 5.85 21.73
C GLU D 472 -6.22 5.85 20.23
N LEU D 473 -5.34 6.74 19.80
CA LEU D 473 -5.07 7.01 18.40
C LEU D 473 -3.98 6.11 17.84
N ARG D 474 -3.33 5.34 18.70
CA ARG D 474 -2.24 4.46 18.28
C ARG D 474 -2.75 3.13 17.75
N GLY D 475 -1.88 2.41 17.06
CA GLY D 475 -2.24 1.12 16.49
C GLY D 475 -1.04 0.33 16.02
N PRO D 476 -1.25 -0.74 15.22
CA PRO D 476 -0.17 -1.59 14.72
C PRO D 476 0.76 -0.90 13.71
N ASN D 477 0.49 0.37 13.42
CA ASN D 477 1.32 1.15 12.50
C ASN D 477 2.16 2.19 13.24
N TYR D 478 1.88 2.39 14.52
CA TYR D 478 2.77 3.17 15.38
C TYR D 478 4.10 2.43 15.44
N PRO D 479 5.20 3.12 15.07
CA PRO D 479 6.46 2.48 14.69
C PRO D 479 6.95 1.39 15.64
N ASN D 480 6.90 1.67 16.94
CA ASN D 480 7.33 0.70 17.94
C ASN D 480 6.46 -0.56 17.95
N TYR D 481 5.19 -0.39 17.59
CA TYR D 481 4.17 -1.41 17.81
C TYR D 481 3.94 -2.38 16.65
N ALA D 482 4.67 -2.17 15.55
CA ALA D 482 4.33 -2.82 14.28
C ALA D 482 4.78 -4.27 14.10
N MET D 483 5.52 -4.81 15.08
CA MET D 483 6.22 -6.07 14.88
C MET D 483 5.84 -7.22 15.81
N ASN D 484 5.68 -6.93 17.10
CA ASN D 484 5.79 -7.95 18.12
C ASN D 484 4.50 -8.26 18.88
N VAL D 485 4.37 -9.52 19.31
CA VAL D 485 3.17 -10.01 19.98
C VAL D 485 3.14 -9.62 21.47
N GLY D 486 1.96 -9.78 22.08
CA GLY D 486 1.82 -9.57 23.51
C GLY D 486 1.79 -8.11 23.91
N HIS D 487 1.25 -7.26 23.05
CA HIS D 487 1.21 -5.82 23.29
C HIS D 487 -0.10 -5.19 22.80
N LEU D 488 -0.42 -5.43 21.53
CA LEU D 488 -1.42 -4.64 20.81
C LEU D 488 -2.82 -4.68 21.42
N GLY D 489 -3.36 -5.87 21.60
CA GLY D 489 -4.70 -6.01 22.14
C GLY D 489 -4.78 -5.54 23.59
N GLU D 490 -3.69 -5.72 24.32
CA GLU D 490 -3.58 -5.30 25.71
C GLU D 490 -3.65 -3.78 25.82
N TYR D 491 -3.12 -3.07 24.82
CA TYR D 491 -3.18 -1.62 24.76
C TYR D 491 -4.62 -1.14 24.59
N ALA D 492 -5.36 -1.83 23.74
CA ALA D 492 -6.78 -1.54 23.55
C ALA D 492 -7.52 -1.71 24.87
N GLY D 493 -7.11 -2.72 25.64
CA GLY D 493 -7.67 -2.92 26.96
C GLY D 493 -7.43 -1.74 27.90
N ILE D 494 -6.27 -1.11 27.77
CA ILE D 494 -5.91 0.06 28.57
C ILE D 494 -6.73 1.28 28.16
N VAL D 495 -7.01 1.39 26.87
CA VAL D 495 -7.86 2.45 26.35
C VAL D 495 -9.28 2.27 26.87
N GLN D 496 -9.77 1.03 26.84
CA GLN D 496 -11.09 0.71 27.34
C GLN D 496 -11.17 0.87 28.87
N ALA D 497 -10.09 0.50 29.55
CA ALA D 497 -10.02 0.57 31.01
C ALA D 497 -10.18 2.01 31.49
N ALA D 498 -9.39 2.90 30.90
CA ALA D 498 -9.46 4.33 31.20
C ALA D 498 -10.88 4.85 31.04
N HIS D 499 -11.49 4.52 29.91
CA HIS D 499 -12.79 5.07 29.55
C HIS D 499 -13.96 4.38 30.23
N ALA D 500 -13.76 3.13 30.63
CA ALA D 500 -14.77 2.39 31.40
C ALA D 500 -14.83 2.89 32.84
N ALA D 501 -13.65 3.18 33.41
CA ALA D 501 -13.54 3.70 34.75
C ALA D 501 -14.28 5.03 34.90
N ARG D 502 -14.31 5.79 33.80
CA ARG D 502 -14.98 7.09 33.77
C ARG D 502 -16.48 6.95 33.48
N GLY D 503 -16.87 5.81 32.93
CA GLY D 503 -18.26 5.60 32.55
C GLY D 503 -18.55 6.04 31.14
N ASP D 504 -17.50 6.29 30.36
CA ASP D 504 -17.64 6.76 28.98
C ASP D 504 -18.36 5.74 28.10
N ALA D 505 -19.18 6.24 27.19
CA ALA D 505 -19.89 5.40 26.23
C ALA D 505 -18.96 4.88 25.14
N PHE D 506 -17.91 5.65 24.86
CA PHE D 506 -16.92 5.29 23.85
C PHE D 506 -15.53 5.81 24.20
N CYS D 507 -14.52 5.37 23.46
CA CYS D 507 -13.14 5.72 23.74
C CYS D 507 -12.59 6.77 22.78
N VAL D 508 -13.05 6.73 21.53
CA VAL D 508 -12.47 7.57 20.49
C VAL D 508 -13.42 7.84 19.32
N HIS D 509 -14.38 6.93 19.10
CA HIS D 509 -15.33 7.12 18.01
C HIS D 509 -16.77 6.80 18.37
N PRO D 510 -17.62 7.84 18.44
CA PRO D 510 -19.07 7.74 18.70
C PRO D 510 -19.79 6.85 17.68
N VAL D 511 -19.52 7.10 16.40
CA VAL D 511 -20.27 6.47 15.32
C VAL D 511 -19.94 4.99 15.15
N ILE D 512 -18.65 4.65 15.16
CA ILE D 512 -18.22 3.25 15.10
C ILE D 512 -18.80 2.46 16.27
N LYS D 513 -18.91 3.11 17.42
CA LYS D 513 -19.49 2.50 18.60
C LYS D 513 -20.95 2.11 18.41
N VAL D 514 -21.77 3.07 18.00
CA VAL D 514 -23.19 2.84 17.73
C VAL D 514 -23.34 1.76 16.65
N ALA D 515 -22.50 1.84 15.63
CA ALA D 515 -22.58 0.94 14.48
C ALA D 515 -22.43 -0.53 14.88
N PHE D 516 -21.51 -0.80 15.80
CA PHE D 516 -21.25 -2.16 16.22
C PHE D 516 -22.18 -2.63 17.33
N ALA D 517 -23.12 -1.76 17.70
CA ALA D 517 -24.18 -2.10 18.65
C ALA D 517 -25.36 -2.80 17.97
N ASP D 518 -25.39 -2.72 16.64
CA ASP D 518 -26.51 -3.23 15.86
C ASP D 518 -26.69 -4.74 15.96
N GLU D 519 -27.93 -5.17 16.17
CA GLU D 519 -28.22 -6.57 16.42
C GLU D 519 -28.30 -7.43 15.16
N ASN D 520 -28.09 -6.82 13.99
CA ASN D 520 -28.07 -7.56 12.73
C ASN D 520 -26.66 -7.97 12.28
N LEU D 521 -25.67 -7.68 13.12
CA LEU D 521 -24.34 -8.24 12.92
C LEU D 521 -24.37 -9.75 13.16
N VAL D 522 -23.35 -10.44 12.68
CA VAL D 522 -23.29 -11.90 12.84
C VAL D 522 -22.61 -12.28 14.15
N PHE D 523 -21.40 -11.76 14.35
CA PHE D 523 -20.71 -11.88 15.64
C PHE D 523 -21.46 -11.06 16.69
N ASP D 524 -21.46 -11.55 17.93
CA ASP D 524 -22.02 -10.81 19.04
C ASP D 524 -20.89 -10.09 19.77
N PHE D 525 -20.83 -8.77 19.58
CA PHE D 525 -19.71 -7.98 20.06
C PHE D 525 -19.81 -7.56 21.52
N THR D 526 -20.92 -7.90 22.17
CA THR D 526 -21.06 -7.66 23.61
C THR D 526 -20.24 -8.67 24.41
N GLU D 527 -20.05 -9.86 23.84
CA GLU D 527 -19.49 -10.97 24.59
C GLU D 527 -18.53 -11.83 23.75
N PRO D 528 -17.35 -11.26 23.38
CA PRO D 528 -16.34 -11.90 22.54
C PRO D 528 -15.81 -13.23 23.05
N ARG D 529 -15.60 -13.33 24.37
CA ARG D 529 -15.05 -14.55 24.96
C ARG D 529 -16.02 -15.73 24.81
N LYS D 530 -17.29 -15.49 25.10
CA LYS D 530 -18.32 -16.52 24.97
C LYS D 530 -18.51 -16.96 23.52
N GLU D 531 -18.28 -16.05 22.59
CA GLU D 531 -18.36 -16.35 21.16
C GLU D 531 -17.22 -17.26 20.73
N PHE D 532 -16.03 -16.99 21.25
CA PHE D 532 -14.84 -17.77 20.93
C PHE D 532 -15.02 -19.24 21.31
N ALA D 533 -15.61 -19.47 22.49
CA ALA D 533 -15.93 -20.82 22.95
C ALA D 533 -17.02 -21.45 22.10
N LYS D 534 -17.93 -20.62 21.59
CA LYS D 534 -18.97 -21.07 20.68
C LYS D 534 -18.33 -21.54 19.37
N GLY D 535 -17.30 -20.83 18.92
CA GLY D 535 -16.55 -21.26 17.76
C GLY D 535 -15.63 -22.43 18.06
N ALA D 536 -15.14 -22.50 19.31
CA ALA D 536 -14.26 -23.57 19.75
C ALA D 536 -15.00 -24.91 19.77
N LEU D 537 -16.28 -24.85 20.15
CA LEU D 537 -17.13 -26.05 20.20
C LEU D 537 -17.81 -26.30 18.86
N ARG D 538 -17.42 -25.55 17.83
CA ARG D 538 -17.98 -25.71 16.48
C ARG D 538 -19.50 -25.52 16.47
N GLU D 539 -19.99 -24.55 17.22
CA GLU D 539 -21.41 -24.27 17.36
C GLU D 539 -21.81 -22.94 16.70
N PHE D 540 -20.81 -22.22 16.19
CA PHE D 540 -21.01 -20.90 15.60
C PHE D 540 -21.31 -21.01 14.10
N GLU D 541 -22.34 -20.31 13.65
CA GLU D 541 -22.73 -20.32 12.24
C GLU D 541 -22.24 -19.07 11.51
N PRO D 542 -21.15 -19.20 10.74
CA PRO D 542 -20.57 -18.08 10.02
C PRO D 542 -21.33 -17.77 8.73
N ALA D 543 -21.12 -16.57 8.20
CA ALA D 543 -21.62 -16.22 6.87
C ALA D 543 -20.59 -16.58 5.82
N GLY D 544 -20.95 -16.36 4.56
CA GLY D 544 -19.98 -16.45 3.47
C GLY D 544 -19.71 -17.85 2.94
N GLU D 545 -20.37 -18.85 3.51
CA GLU D 545 -20.20 -20.23 3.05
C GLU D 545 -20.91 -20.46 1.73
N ARG D 546 -20.27 -21.24 0.86
CA ARG D 546 -20.67 -21.37 -0.54
C ARG D 546 -21.33 -22.70 -0.83
N ASP D 547 -22.10 -23.22 0.13
CA ASP D 547 -22.65 -24.56 0.01
C ASP D 547 -23.85 -24.62 -0.95
N LEU D 548 -24.32 -23.45 -1.37
CA LEU D 548 -25.45 -23.35 -2.32
C LEU D 548 -24.97 -23.52 -3.76
N ILE D 549 -23.76 -23.04 -4.04
CA ILE D 549 -23.25 -23.02 -5.41
C ILE D 549 -22.23 -24.13 -5.68
N VAL D 550 -22.41 -25.24 -4.97
CA VAL D 550 -21.40 -26.29 -4.90
C VAL D 550 -22.10 -27.65 -4.72
N PRO D 551 -21.55 -28.73 -5.30
CA PRO D 551 -22.23 -30.02 -5.31
C PRO D 551 -22.37 -30.68 -3.94
N ALA D 552 -23.39 -31.53 -3.80
CA ALA D 552 -23.84 -32.04 -2.50
C ALA D 552 -22.97 -33.16 -1.93
N ASP E 7 28.93 25.86 23.74
CA ASP E 7 29.42 24.45 23.74
C ASP E 7 30.41 24.23 22.60
N THR E 8 31.61 23.79 22.95
CA THR E 8 32.71 23.70 22.01
C THR E 8 33.42 22.36 22.11
N VAL E 9 33.27 21.54 21.06
CA VAL E 9 33.95 20.26 20.98
C VAL E 9 35.21 20.37 20.14
N ASP E 10 36.25 19.63 20.53
CA ASP E 10 37.42 19.44 19.68
C ASP E 10 37.13 18.33 18.68
N LEU E 11 37.68 18.45 17.48
CA LEU E 11 37.43 17.48 16.42
C LEU E 11 38.73 16.82 15.99
N TYR E 12 38.73 15.48 15.97
CA TYR E 12 39.90 14.71 15.57
C TYR E 12 39.57 13.83 14.37
N ASP E 13 40.60 13.38 13.65
CA ASP E 13 40.41 12.56 12.45
C ASP E 13 40.31 11.07 12.77
N ASP E 14 40.45 10.24 11.72
CA ASP E 14 40.29 8.79 11.87
C ASP E 14 41.50 8.10 12.51
N ARG E 15 42.58 8.87 12.73
CA ARG E 15 43.79 8.34 13.34
C ARG E 15 44.05 8.94 14.72
N GLY E 16 43.12 9.74 15.21
CA GLY E 16 43.19 10.25 16.57
C GLY E 16 43.90 11.57 16.73
N ASN E 17 44.33 12.15 15.62
CA ASN E 17 45.02 13.43 15.62
C ASN E 17 44.01 14.58 15.57
N CYS E 18 44.35 15.71 16.17
CA CYS E 18 43.45 16.87 16.24
C CYS E 18 43.47 17.68 14.95
N VAL E 19 42.29 18.03 14.45
CA VAL E 19 42.16 18.72 13.17
C VAL E 19 41.35 20.02 13.23
N ALA E 20 40.74 20.31 14.39
CA ALA E 20 40.05 21.58 14.60
C ALA E 20 39.88 21.88 16.08
N GLU E 21 40.07 23.15 16.45
CA GLU E 21 40.10 23.57 17.85
C GLU E 21 38.71 23.66 18.49
N GLU E 22 38.39 24.83 19.04
CA GLU E 22 37.09 25.04 19.68
C GLU E 22 36.00 25.22 18.64
N VAL E 23 35.32 24.13 18.31
CA VAL E 23 34.24 24.15 17.34
C VAL E 23 32.92 24.28 18.08
N PRO E 24 32.24 25.42 17.92
CA PRO E 24 30.87 25.54 18.43
C PRO E 24 29.92 24.57 17.72
N ILE E 25 29.18 23.80 18.52
CA ILE E 25 28.33 22.73 18.03
C ILE E 25 27.23 23.23 17.11
N GLU E 26 26.95 24.54 17.19
CA GLU E 26 25.97 25.18 16.32
C GLU E 26 26.44 25.21 14.87
N VAL E 27 27.76 25.10 14.69
CA VAL E 27 28.39 25.09 13.38
C VAL E 27 28.25 23.72 12.69
N LEU E 28 27.81 22.73 13.47
CA LEU E 28 27.74 21.35 13.02
C LEU E 28 26.38 20.92 12.50
N SER E 29 25.41 21.83 12.52
CA SER E 29 24.08 21.54 11.99
C SER E 29 24.12 21.58 10.47
N PRO E 30 23.30 20.75 9.79
CA PRO E 30 23.29 20.70 8.33
C PRO E 30 23.12 22.06 7.65
N MET E 31 22.27 22.90 8.20
CA MET E 31 22.02 24.23 7.63
C MET E 31 23.15 25.22 7.87
N ARG E 32 24.02 24.91 8.82
CA ARG E 32 25.22 25.72 9.02
C ARG E 32 26.45 25.13 8.31
N ASN E 33 26.49 23.80 8.19
CA ASN E 33 27.66 23.12 7.64
C ASN E 33 27.60 22.89 6.13
N GLU E 34 28.58 23.46 5.44
CA GLU E 34 28.65 23.49 3.98
C GLU E 34 28.87 22.12 3.35
N ALA E 35 29.72 21.31 3.98
CA ALA E 35 30.04 19.99 3.46
C ALA E 35 28.82 19.06 3.50
N ILE E 36 28.08 19.12 4.61
CA ILE E 36 26.83 18.38 4.75
C ILE E 36 25.83 18.85 3.70
N GLN E 37 25.72 20.17 3.52
CA GLN E 37 24.87 20.76 2.49
C GLN E 37 25.19 20.19 1.11
N SER E 38 26.48 20.04 0.83
CA SER E 38 26.95 19.58 -0.47
C SER E 38 26.76 18.07 -0.65
N ILE E 39 26.90 17.32 0.45
CA ILE E 39 26.69 15.87 0.41
C ILE E 39 25.23 15.56 0.07
N VAL E 40 24.32 16.36 0.59
CA VAL E 40 22.89 16.25 0.27
C VAL E 40 22.66 16.54 -1.22
N ASN E 41 23.34 17.57 -1.74
CA ASN E 41 23.27 17.90 -3.15
C ASN E 41 23.85 16.77 -4.01
N ASP E 42 25.02 16.29 -3.61
CA ASP E 42 25.71 15.21 -4.31
C ASP E 42 24.96 13.87 -4.24
N ILE E 43 24.02 13.76 -3.31
CA ILE E 43 23.24 12.54 -3.16
C ILE E 43 21.99 12.55 -4.06
N LYS E 44 21.48 13.75 -4.34
CA LYS E 44 20.36 13.91 -5.26
C LYS E 44 20.82 13.90 -6.72
N ARG E 45 22.10 14.19 -6.94
CA ARG E 45 22.62 14.33 -8.29
C ARG E 45 23.46 13.15 -8.78
N THR E 46 23.94 12.33 -7.85
CA THR E 46 24.83 11.23 -8.20
C THR E 46 24.10 9.90 -8.40
N VAL E 47 24.30 9.31 -9.57
CA VAL E 47 23.61 8.08 -9.96
C VAL E 47 24.61 7.08 -10.55
N ALA E 48 24.39 5.80 -10.26
CA ALA E 48 25.18 4.72 -10.86
C ALA E 48 24.38 3.96 -11.90
N VAL E 49 24.97 3.75 -13.06
CA VAL E 49 24.35 2.98 -14.13
C VAL E 49 25.25 1.81 -14.54
N ASP E 50 24.66 0.62 -14.58
CA ASP E 50 25.37 -0.59 -15.00
C ASP E 50 25.16 -0.82 -16.49
N LEU E 51 26.17 -0.48 -17.28
CA LEU E 51 26.09 -0.63 -18.73
C LEU E 51 26.23 -2.09 -19.16
N GLU E 52 27.08 -2.83 -18.46
CA GLU E 52 27.23 -4.26 -18.68
C GLU E 52 25.92 -4.99 -18.37
N GLY E 53 25.27 -4.60 -17.28
CA GLY E 53 24.01 -5.20 -16.88
C GLY E 53 22.89 -4.94 -17.86
N ILE E 54 22.85 -3.73 -18.42
CA ILE E 54 21.89 -3.39 -19.46
C ILE E 54 22.18 -4.16 -20.74
N GLU E 55 23.46 -4.39 -21.02
CA GLU E 55 23.86 -5.14 -22.21
C GLU E 55 23.45 -6.60 -22.10
N ASN E 56 23.69 -7.21 -20.94
CA ASN E 56 23.29 -8.59 -20.69
C ASN E 56 21.79 -8.75 -20.78
N ALA E 57 21.06 -7.86 -20.11
CA ALA E 57 19.60 -7.89 -20.11
C ALA E 57 19.05 -7.83 -21.52
N LEU E 58 19.59 -6.92 -22.32
CA LEU E 58 19.16 -6.75 -23.71
C LEU E 58 19.65 -7.87 -24.62
N GLN E 59 20.80 -8.44 -24.28
CA GLN E 59 21.39 -9.53 -25.06
C GLN E 59 20.56 -10.81 -24.95
N ASN E 60 19.86 -10.96 -23.84
CA ASN E 60 19.15 -12.20 -23.55
C ASN E 60 17.65 -11.99 -23.28
N ALA E 61 17.19 -10.77 -23.51
CA ALA E 61 15.79 -10.39 -23.28
C ALA E 61 15.32 -10.74 -21.87
N THR E 62 16.24 -10.74 -20.92
CA THR E 62 15.91 -10.95 -19.51
C THR E 62 15.70 -9.60 -18.83
N VAL E 63 14.52 -9.01 -19.06
CA VAL E 63 14.19 -7.71 -18.50
C VAL E 63 13.06 -7.81 -17.48
N GLY E 64 12.95 -6.80 -16.62
CA GLY E 64 11.95 -6.84 -15.56
C GLY E 64 12.48 -7.52 -14.31
N GLY E 65 13.53 -8.32 -14.46
CA GLY E 65 14.23 -8.89 -13.33
C GLY E 65 13.58 -10.12 -12.73
N LYS E 66 14.33 -10.78 -11.84
CA LYS E 66 13.80 -11.87 -11.01
C LYS E 66 13.40 -13.11 -11.81
N GLY E 67 14.23 -13.49 -12.78
CA GLY E 67 14.02 -14.73 -13.50
C GLY E 67 13.28 -14.58 -14.82
N MET E 68 12.78 -13.37 -15.09
CA MET E 68 11.98 -13.12 -16.28
C MET E 68 12.78 -13.12 -17.58
N LYS E 69 12.13 -13.54 -18.65
CA LYS E 69 12.70 -13.49 -20.00
C LYS E 69 11.58 -13.40 -21.02
N ILE E 70 11.64 -12.39 -21.88
CA ILE E 70 10.68 -12.22 -22.96
C ILE E 70 11.22 -12.90 -24.22
N PRO E 71 10.80 -14.16 -24.48
CA PRO E 71 11.41 -14.95 -25.56
C PRO E 71 11.19 -14.31 -26.93
N GLY E 72 12.16 -14.49 -27.82
CA GLY E 72 12.04 -13.97 -29.17
C GLY E 72 12.26 -12.48 -29.31
N ARG E 73 12.63 -11.82 -28.22
CA ARG E 73 12.84 -10.39 -28.23
C ARG E 73 14.28 -10.03 -27.87
N GLU E 74 15.14 -11.03 -27.87
CA GLU E 74 16.58 -10.83 -27.70
C GLU E 74 17.10 -9.82 -28.72
N MET E 75 18.25 -9.22 -28.43
CA MET E 75 18.72 -8.06 -29.16
C MET E 75 20.20 -7.81 -28.89
N ASP E 76 21.04 -8.10 -29.88
CA ASP E 76 22.48 -7.94 -29.71
C ASP E 76 22.96 -6.53 -30.04
N VAL E 77 23.04 -5.70 -29.00
CA VAL E 77 23.70 -4.40 -29.08
C VAL E 77 24.95 -4.39 -28.22
N ASP E 78 25.92 -3.55 -28.59
CA ASP E 78 27.13 -3.39 -27.80
C ASP E 78 27.10 -2.07 -27.05
N ILE E 79 26.83 -2.15 -25.75
CA ILE E 79 26.73 -0.98 -24.90
C ILE E 79 28.10 -0.59 -24.35
N VAL E 80 28.76 -1.56 -23.70
CA VAL E 80 30.05 -1.34 -23.03
C VAL E 80 31.09 -0.72 -23.97
N ASP E 81 31.22 -1.29 -25.16
CA ASP E 81 32.22 -0.82 -26.12
C ASP E 81 32.02 0.64 -26.53
N ASN E 82 30.77 1.09 -26.53
CA ASN E 82 30.44 2.47 -26.86
C ASN E 82 30.16 3.34 -25.63
N ALA E 83 30.61 2.89 -24.46
CA ALA E 83 30.36 3.60 -23.21
C ALA E 83 30.79 5.05 -23.32
N GLU E 84 31.93 5.29 -23.97
CA GLU E 84 32.48 6.63 -24.14
C GLU E 84 31.51 7.51 -24.95
N ALA E 85 31.06 6.97 -26.08
CA ALA E 85 30.10 7.67 -26.94
C ALA E 85 28.76 7.90 -26.24
N ILE E 86 28.34 6.94 -25.42
CA ILE E 86 27.10 7.05 -24.66
C ILE E 86 27.19 8.15 -23.60
N ALA E 87 28.32 8.18 -22.90
CA ALA E 87 28.60 9.23 -21.91
C ALA E 87 28.48 10.62 -22.52
N ASP E 88 29.12 10.81 -23.67
CA ASP E 88 29.14 12.10 -24.36
C ASP E 88 27.75 12.62 -24.71
N GLU E 89 26.89 11.73 -25.20
CA GLU E 89 25.51 12.10 -25.48
C GLU E 89 24.76 12.46 -24.20
N ILE E 90 25.11 11.78 -23.10
CA ILE E 90 24.46 12.01 -21.82
C ILE E 90 24.75 13.38 -21.23
N GLU E 91 26.01 13.81 -21.25
CA GLU E 91 26.36 15.13 -20.73
C GLU E 91 25.85 16.24 -21.65
N LYS E 92 25.53 15.89 -22.88
CA LYS E 92 24.88 16.80 -23.81
C LYS E 92 23.43 17.06 -23.40
N MET E 93 22.72 15.99 -23.05
CA MET E 93 21.32 16.07 -22.67
C MET E 93 21.12 16.66 -21.28
N ILE E 94 22.17 16.62 -20.47
CA ILE E 94 22.07 16.83 -19.03
C ILE E 94 22.62 18.19 -18.56
N ARG E 95 23.57 18.73 -19.31
CA ARG E 95 24.23 20.00 -18.94
C ARG E 95 23.29 21.20 -19.04
N VAL E 96 23.47 22.16 -18.14
CA VAL E 96 22.66 23.39 -18.09
C VAL E 96 23.48 24.59 -18.57
N TYR E 97 24.74 24.64 -18.14
CA TYR E 97 25.68 25.70 -18.49
C TYR E 97 27.00 25.04 -18.88
N GLN E 98 27.79 25.73 -19.69
CA GLN E 98 29.11 25.22 -20.08
C GLN E 98 30.05 25.10 -18.88
N ASP E 99 29.88 25.99 -17.90
CA ASP E 99 30.74 26.03 -16.74
C ASP E 99 30.09 25.52 -15.46
N ASP E 100 29.32 24.43 -15.55
CA ASP E 100 28.76 23.82 -14.36
C ASP E 100 29.36 22.45 -14.01
N ASP E 101 28.82 21.82 -12.97
CA ASP E 101 29.42 20.61 -12.39
C ASP E 101 28.80 19.30 -12.86
N THR E 102 28.24 19.31 -14.07
CA THR E 102 27.93 18.09 -14.81
C THR E 102 29.20 17.22 -14.85
N ASN E 103 29.05 15.95 -14.54
CA ASN E 103 30.15 15.00 -14.63
C ASN E 103 29.61 13.62 -15.00
N VAL E 104 29.98 13.15 -16.18
CA VAL E 104 29.50 11.87 -16.70
C VAL E 104 30.68 11.04 -17.21
N GLU E 105 31.29 10.27 -16.31
CA GLU E 105 32.47 9.49 -16.69
C GLU E 105 32.26 7.98 -16.60
N PRO E 106 32.58 7.26 -17.70
CA PRO E 106 32.68 5.79 -17.74
C PRO E 106 33.65 5.23 -16.71
N MET E 107 33.25 4.12 -16.09
CA MET E 107 34.07 3.46 -15.09
C MET E 107 34.21 1.97 -15.38
N TYR E 108 35.31 1.38 -14.91
CA TYR E 108 35.60 -0.04 -15.03
C TYR E 108 35.46 -0.57 -16.46
N ASP E 109 36.24 0.01 -17.36
CA ASP E 109 36.32 -0.44 -18.75
C ASP E 109 34.98 -0.35 -19.47
N GLY E 110 34.11 0.53 -19.00
CA GLY E 110 32.83 0.77 -19.67
C GLY E 110 31.69 -0.08 -19.15
N LYS E 111 31.95 -0.88 -18.13
CA LYS E 111 30.92 -1.73 -17.51
C LYS E 111 29.97 -0.89 -16.66
N ARG E 112 30.52 0.15 -16.05
CA ARG E 112 29.77 1.02 -15.15
C ARG E 112 29.76 2.46 -15.69
N LEU E 113 28.90 3.30 -15.11
CA LEU E 113 28.79 4.69 -15.52
C LEU E 113 28.27 5.57 -14.39
N LEU E 114 29.10 6.52 -13.95
CA LEU E 114 28.68 7.53 -12.98
C LEU E 114 28.08 8.73 -13.71
N VAL E 115 26.83 9.05 -13.38
CA VAL E 115 26.21 10.26 -13.92
C VAL E 115 25.87 11.23 -12.80
N GLN E 116 26.60 12.34 -12.76
CA GLN E 116 26.33 13.42 -11.82
C GLN E 116 25.67 14.58 -12.53
N LEU E 117 24.43 14.86 -12.16
CA LEU E 117 23.68 15.96 -12.74
C LEU E 117 24.20 17.30 -12.22
N PRO E 118 24.18 18.34 -13.08
CA PRO E 118 24.36 19.72 -12.65
C PRO E 118 23.47 20.11 -11.47
N SER E 119 24.09 20.73 -10.47
CA SER E 119 23.38 21.27 -9.31
C SER E 119 22.20 22.15 -9.71
N GLU E 120 22.26 22.70 -10.93
CA GLU E 120 21.14 23.44 -11.50
C GLU E 120 19.89 22.57 -11.65
N ARG E 121 20.08 21.29 -11.94
CA ARG E 121 18.98 20.34 -12.02
C ARG E 121 18.48 19.93 -10.63
N VAL E 122 19.39 19.80 -9.68
CA VAL E 122 18.99 19.50 -8.31
C VAL E 122 18.05 20.62 -7.81
N LYS E 123 18.64 21.75 -7.37
CA LYS E 123 17.95 23.03 -7.16
C LYS E 123 16.41 23.13 -7.33
N VAL E 124 15.92 22.60 -8.44
CA VAL E 124 14.50 22.68 -8.80
C VAL E 124 13.85 21.27 -8.81
N MET E 125 14.26 20.44 -7.86
CA MET E 125 13.89 19.03 -7.79
C MET E 125 13.24 18.77 -6.43
N ALA E 126 12.01 18.29 -6.43
CA ALA E 126 11.30 18.01 -5.18
C ALA E 126 11.63 16.60 -4.68
N ASP E 127 11.43 15.62 -5.56
CA ASP E 127 11.77 14.23 -5.32
C ASP E 127 13.28 14.02 -5.31
N PRO E 128 13.84 13.50 -4.20
CA PRO E 128 15.30 13.37 -4.04
C PRO E 128 15.90 12.25 -4.90
N TYR E 129 15.07 11.28 -5.26
CA TYR E 129 15.52 10.13 -6.04
C TYR E 129 15.47 10.47 -7.53
N SER E 130 14.59 11.41 -7.87
CA SER E 130 14.34 11.87 -9.24
C SER E 130 15.54 11.95 -10.19
N GLY E 131 16.71 12.31 -9.66
CA GLY E 131 17.91 12.35 -10.47
C GLY E 131 18.11 11.06 -11.28
N THR E 132 17.63 9.95 -10.73
CA THR E 132 17.68 8.67 -11.41
C THR E 132 16.84 8.61 -12.67
N LEU E 133 15.64 9.20 -12.61
CA LEU E 133 14.79 9.33 -13.79
C LEU E 133 15.50 10.12 -14.87
N GLN E 134 16.03 11.28 -14.50
CA GLN E 134 16.71 12.17 -15.44
C GLN E 134 17.96 11.51 -16.02
N ALA E 135 18.86 11.08 -15.15
CA ALA E 135 20.10 10.42 -15.57
C ALA E 135 19.82 9.12 -16.34
N GLY E 136 18.82 8.37 -15.87
CA GLY E 136 18.47 7.12 -16.52
C GLY E 136 17.85 7.30 -17.89
N MET E 137 16.93 8.25 -18.02
CA MET E 137 16.28 8.54 -19.30
C MET E 137 17.30 9.00 -20.35
N ALA E 138 18.41 9.59 -19.89
CA ALA E 138 19.52 9.93 -20.77
C ALA E 138 20.17 8.66 -21.31
N VAL E 139 20.56 7.76 -20.42
CA VAL E 139 21.11 6.46 -20.80
C VAL E 139 20.20 5.75 -21.81
N VAL E 140 18.90 5.78 -21.55
CA VAL E 140 17.92 5.19 -22.45
C VAL E 140 18.04 5.77 -23.86
N HIS E 141 17.94 7.10 -23.96
CA HIS E 141 17.99 7.78 -25.25
C HIS E 141 19.35 7.62 -25.94
N ALA E 142 20.41 7.69 -25.15
CA ALA E 142 21.77 7.61 -25.66
C ALA E 142 22.09 6.24 -26.26
N ILE E 143 21.46 5.20 -25.71
CA ILE E 143 21.63 3.84 -26.23
C ILE E 143 20.85 3.68 -27.54
N ILE E 144 19.65 4.23 -27.59
CA ILE E 144 18.78 4.11 -28.76
C ILE E 144 19.43 4.65 -30.04
N ASP E 145 20.00 5.85 -29.96
CA ASP E 145 20.55 6.50 -31.14
C ASP E 145 22.08 6.60 -31.16
N VAL E 146 22.72 5.68 -30.44
CA VAL E 146 24.13 5.36 -30.67
C VAL E 146 24.20 3.91 -31.15
N CYS E 147 23.39 3.06 -30.52
CA CYS E 147 23.34 1.65 -30.87
C CYS E 147 22.30 1.37 -31.96
N GLU E 148 21.66 2.43 -32.45
CA GLU E 148 20.75 2.34 -33.59
C GLU E 148 19.62 1.34 -33.34
N VAL E 149 18.92 1.51 -32.22
CA VAL E 149 17.87 0.59 -31.83
C VAL E 149 16.58 0.80 -32.64
N ASP E 150 15.97 -0.31 -33.06
CA ASP E 150 14.72 -0.27 -33.83
C ASP E 150 13.59 0.30 -33.00
N MET E 151 12.75 1.12 -33.64
CA MET E 151 11.62 1.78 -32.99
C MET E 151 10.71 0.81 -32.23
N TRP E 152 10.51 -0.37 -32.80
CA TRP E 152 9.58 -1.34 -32.23
C TRP E 152 10.18 -2.12 -31.07
N ASP E 153 11.50 -2.07 -30.93
CA ASP E 153 12.20 -2.80 -29.88
C ASP E 153 12.85 -1.85 -28.89
N ALA E 154 12.57 -0.56 -29.03
CA ALA E 154 13.14 0.47 -28.16
C ALA E 154 12.65 0.32 -26.72
N ASN E 155 11.40 -0.11 -26.57
CA ASN E 155 10.79 -0.32 -25.25
C ASN E 155 11.54 -1.36 -24.42
N MET E 156 12.35 -2.17 -25.09
CA MET E 156 13.21 -3.14 -24.42
C MET E 156 14.40 -2.46 -23.72
N VAL E 157 14.84 -1.33 -24.26
CA VAL E 157 15.92 -0.55 -23.66
C VAL E 157 15.41 0.18 -22.42
N LYS E 158 14.18 0.69 -22.51
CA LYS E 158 13.52 1.30 -21.36
C LYS E 158 13.43 0.32 -20.20
N ALA E 159 13.18 -0.94 -20.53
CA ALA E 159 12.99 -1.98 -19.52
C ALA E 159 14.32 -2.48 -18.94
N ALA E 160 15.35 -2.53 -19.77
CA ALA E 160 16.68 -2.94 -19.32
C ALA E 160 17.23 -1.92 -18.32
N VAL E 161 16.87 -0.65 -18.55
CA VAL E 161 17.31 0.43 -17.68
C VAL E 161 16.44 0.54 -16.42
N PHE E 162 15.13 0.68 -16.60
CA PHE E 162 14.24 0.98 -15.48
C PHE E 162 13.37 -0.19 -15.01
N GLY E 163 13.59 -1.37 -15.57
CA GLY E 163 12.88 -2.56 -15.11
C GLY E 163 11.41 -2.60 -15.45
N ARG E 164 10.57 -2.85 -14.44
CA ARG E 164 9.13 -3.01 -14.63
C ARG E 164 8.35 -1.71 -14.43
N TYR E 165 9.06 -0.65 -14.05
CA TYR E 165 8.47 0.68 -13.94
C TYR E 165 7.82 1.07 -15.28
N PRO E 166 6.53 1.45 -15.25
CA PRO E 166 5.78 1.92 -14.08
C PRO E 166 4.87 0.90 -13.41
N GLN E 167 4.82 -0.33 -13.96
CA GLN E 167 3.95 -1.37 -13.42
C GLN E 167 4.29 -1.71 -11.97
N THR E 168 5.58 -1.76 -11.65
CA THR E 168 6.01 -1.84 -10.27
C THR E 168 6.24 -0.44 -9.71
N ILE E 169 6.27 -0.34 -8.39
CA ILE E 169 6.43 0.93 -7.71
C ILE E 169 7.84 1.49 -7.95
N ASP E 170 8.79 0.59 -8.13
CA ASP E 170 10.20 0.94 -8.28
C ASP E 170 10.78 0.53 -9.64
N TYR E 171 12.10 0.60 -9.77
CA TYR E 171 12.79 0.18 -10.99
C TYR E 171 13.15 -1.30 -10.91
N PHE E 172 12.12 -2.13 -10.73
CA PHE E 172 12.32 -3.55 -10.42
C PHE E 172 13.00 -4.30 -11.58
N GLY E 173 14.14 -4.89 -11.27
CA GLY E 173 14.92 -5.57 -12.30
C GLY E 173 15.67 -4.59 -13.19
N GLY E 174 15.79 -3.35 -12.74
CA GLY E 174 16.47 -2.33 -13.51
C GLY E 174 17.97 -2.38 -13.32
N ASN E 175 18.67 -1.44 -13.96
CA ASN E 175 20.12 -1.33 -13.84
C ASN E 175 20.52 0.09 -13.47
N VAL E 176 19.65 0.76 -12.73
CA VAL E 176 19.90 2.12 -12.25
C VAL E 176 19.85 2.10 -10.73
N ALA E 177 20.77 2.83 -10.09
CA ALA E 177 20.86 2.86 -8.64
C ALA E 177 21.37 4.19 -8.12
N SER E 178 20.86 4.60 -6.96
CA SER E 178 21.46 5.65 -6.16
C SER E 178 21.44 5.23 -4.69
N MET E 179 21.91 6.11 -3.81
CA MET E 179 21.87 5.87 -2.38
C MET E 179 20.41 5.95 -1.89
N LEU E 180 19.64 6.80 -2.56
CA LEU E 180 18.22 6.93 -2.28
C LEU E 180 17.43 6.00 -3.17
N ASP E 181 16.22 5.67 -2.75
CA ASP E 181 15.35 4.81 -3.55
C ASP E 181 13.90 5.21 -3.29
N VAL E 182 13.27 5.73 -4.34
CA VAL E 182 11.82 5.94 -4.45
C VAL E 182 11.09 6.44 -3.19
N PRO E 183 10.27 7.48 -3.34
CA PRO E 183 9.65 8.16 -2.19
C PRO E 183 8.56 7.38 -1.48
N MET E 184 7.86 6.49 -2.19
CA MET E 184 6.75 5.75 -1.60
C MET E 184 7.18 4.53 -0.79
N LYS E 185 8.50 4.32 -0.70
CA LYS E 185 9.05 3.29 0.18
C LYS E 185 9.41 3.84 1.54
N GLN E 186 9.15 5.13 1.76
CA GLN E 186 9.49 5.79 3.01
C GLN E 186 8.52 5.43 4.12
N GLU E 187 9.06 5.24 5.32
CA GLU E 187 8.25 4.92 6.49
C GLU E 187 7.54 6.13 7.06
N GLY E 188 8.05 7.32 6.71
CA GLY E 188 7.41 8.55 7.14
C GLY E 188 7.94 9.76 6.40
N VAL E 189 7.33 10.92 6.66
CA VAL E 189 7.82 12.18 6.11
C VAL E 189 9.26 12.41 6.53
N GLY E 190 10.09 12.75 5.55
CA GLY E 190 11.49 13.08 5.83
C GLY E 190 12.38 11.88 6.06
N TYR E 191 11.91 10.68 5.71
CA TYR E 191 12.69 9.47 5.92
C TYR E 191 13.60 9.14 4.74
N ALA E 192 13.64 10.03 3.75
CA ALA E 192 14.43 9.84 2.54
C ALA E 192 15.88 9.49 2.82
N LEU E 193 16.58 10.34 3.57
CA LEU E 193 17.99 10.15 3.89
C LEU E 193 18.20 9.02 4.92
N ARG E 194 17.10 8.47 5.41
CA ARG E 194 17.15 7.31 6.31
C ARG E 194 17.12 6.00 5.54
N ASN E 195 16.57 6.02 4.33
CA ASN E 195 16.40 4.80 3.54
C ASN E 195 17.64 4.50 2.70
N ILE E 196 18.77 4.41 3.38
CA ILE E 196 20.05 4.09 2.76
C ILE E 196 20.67 2.96 3.56
N MET E 197 20.90 1.82 2.91
CA MET E 197 21.40 0.62 3.58
C MET E 197 22.72 0.87 4.30
N VAL E 198 22.92 0.20 5.43
CA VAL E 198 24.20 0.21 6.11
C VAL E 198 25.30 -0.34 5.20
N ASN E 199 24.94 -1.34 4.39
CA ASN E 199 25.86 -1.92 3.44
C ASN E 199 26.26 -0.94 2.33
N HIS E 200 25.30 -0.13 1.88
CA HIS E 200 25.59 1.00 0.99
C HIS E 200 26.58 1.95 1.66
N ILE E 201 26.29 2.29 2.92
CA ILE E 201 27.14 3.16 3.73
C ILE E 201 28.56 2.61 3.81
N VAL E 202 28.67 1.31 4.05
CA VAL E 202 29.96 0.67 4.26
C VAL E 202 30.70 0.44 2.94
N ALA E 203 29.96 0.16 1.88
CA ALA E 203 30.55 -0.04 0.56
C ALA E 203 31.20 1.24 0.03
N ALA E 204 30.51 2.36 0.25
CA ALA E 204 30.96 3.66 -0.27
C ALA E 204 32.12 4.25 0.52
N THR E 205 32.24 3.84 1.79
CA THR E 205 33.38 4.24 2.61
C THR E 205 34.45 3.14 2.61
N ARG E 206 34.30 2.20 1.68
CA ARG E 206 35.29 1.16 1.40
C ARG E 206 35.84 0.48 2.66
N LYS E 207 34.94 0.07 3.55
CA LYS E 207 35.26 -0.71 4.75
C LYS E 207 36.12 0.02 5.78
N ASN E 208 36.29 1.33 5.61
CA ASN E 208 36.92 2.17 6.63
C ASN E 208 35.91 2.42 7.74
N THR E 209 36.20 1.91 8.93
CA THR E 209 35.24 1.91 10.03
C THR E 209 34.85 3.31 10.51
N MET E 210 35.84 4.16 10.80
CA MET E 210 35.57 5.51 11.27
C MET E 210 34.75 6.32 10.26
N GLN E 211 35.06 6.14 8.98
CA GLN E 211 34.41 6.89 7.91
C GLN E 211 33.00 6.37 7.62
N ALA E 212 32.76 5.09 7.90
CA ALA E 212 31.42 4.51 7.82
C ALA E 212 30.54 5.09 8.93
N VAL E 213 31.02 4.99 10.17
CA VAL E 213 30.37 5.60 11.32
C VAL E 213 29.97 7.04 11.01
N CYS E 214 30.93 7.80 10.49
CA CYS E 214 30.70 9.20 10.12
C CYS E 214 29.55 9.32 9.13
N LEU E 215 29.67 8.67 7.98
CA LEU E 215 28.68 8.76 6.92
C LEU E 215 27.27 8.37 7.37
N ALA E 216 27.19 7.34 8.21
CA ALA E 216 25.92 6.91 8.78
C ALA E 216 25.36 7.98 9.72
N ALA E 217 26.22 8.50 10.59
CA ALA E 217 25.83 9.50 11.57
C ALA E 217 25.33 10.80 10.95
N THR E 218 26.05 11.32 9.96
CA THR E 218 25.68 12.60 9.35
C THR E 218 24.41 12.48 8.51
N LEU E 219 24.20 11.33 7.91
CA LEU E 219 22.96 11.06 7.17
C LEU E 219 21.79 10.91 8.13
N GLN E 220 22.02 10.18 9.22
CA GLN E 220 21.03 10.02 10.29
C GLN E 220 20.64 11.35 10.91
N GLN E 221 21.63 12.08 11.41
CA GLN E 221 21.38 13.33 12.12
C GLN E 221 20.87 14.45 11.23
N THR E 222 21.06 14.32 9.92
CA THR E 222 20.50 15.27 8.96
C THR E 222 19.02 15.00 8.73
N ALA E 223 18.61 13.74 8.85
CA ALA E 223 17.20 13.37 8.83
C ALA E 223 16.54 13.77 10.15
N MET E 224 17.31 13.72 11.24
CA MET E 224 16.83 14.16 12.54
C MET E 224 16.46 15.63 12.53
N PHE E 225 17.19 16.42 11.75
CA PHE E 225 16.92 17.84 11.59
C PHE E 225 15.76 18.07 10.64
N GLU E 226 15.69 17.26 9.58
CA GLU E 226 14.64 17.38 8.57
C GLU E 226 13.27 17.01 9.11
N MET E 227 13.24 16.06 10.04
CA MET E 227 11.99 15.58 10.62
C MET E 227 11.53 16.43 11.80
N GLY E 228 12.26 17.51 12.09
CA GLY E 228 11.91 18.37 13.21
C GLY E 228 12.15 17.72 14.56
N ASP E 229 13.01 16.70 14.58
CA ASP E 229 13.41 16.04 15.82
C ASP E 229 14.54 16.81 16.49
N ALA E 230 15.54 17.18 15.69
CA ALA E 230 16.61 18.06 16.14
C ALA E 230 16.14 19.50 15.98
N LEU E 231 15.42 19.97 17.00
CA LEU E 231 14.68 21.22 16.94
C LEU E 231 14.29 21.57 18.36
N GLY E 232 14.01 22.85 18.60
CA GLY E 232 13.47 23.29 19.88
C GLY E 232 14.31 22.85 21.07
N PRO E 233 13.68 22.28 22.10
CA PRO E 233 14.41 21.76 23.28
C PRO E 233 15.17 20.45 23.03
N PHE E 234 15.36 20.10 21.76
CA PHE E 234 16.06 18.87 21.38
C PHE E 234 17.28 19.09 20.49
N GLU E 235 17.42 20.31 19.94
CA GLU E 235 18.48 20.59 18.97
C GLU E 235 19.85 20.22 19.52
N ARG E 236 20.09 20.56 20.78
CA ARG E 236 21.37 20.34 21.45
C ARG E 236 21.64 18.85 21.65
N LEU E 237 20.60 18.09 21.96
CA LEU E 237 20.68 16.64 22.13
C LEU E 237 21.32 15.97 20.90
N HIS E 238 20.97 16.46 19.72
CA HIS E 238 21.43 15.86 18.47
C HIS E 238 22.73 16.46 17.96
N LEU E 239 22.98 17.72 18.28
CA LEU E 239 24.23 18.37 17.90
C LEU E 239 25.42 17.74 18.63
N LEU E 240 25.29 17.59 19.95
CA LEU E 240 26.32 16.96 20.77
C LEU E 240 26.35 15.45 20.54
N GLY E 241 25.17 14.85 20.40
CA GLY E 241 25.09 13.45 20.07
C GLY E 241 25.84 13.12 18.79
N TYR E 242 25.78 14.05 17.85
CA TYR E 242 26.37 13.89 16.53
C TYR E 242 27.89 14.10 16.52
N ALA E 243 28.35 15.08 17.30
CA ALA E 243 29.77 15.38 17.39
C ALA E 243 30.54 14.18 17.93
N TYR E 244 30.03 13.58 19.01
CA TYR E 244 30.72 12.49 19.68
C TYR E 244 30.61 11.16 18.94
N GLN E 245 29.44 10.89 18.36
CA GLN E 245 29.21 9.64 17.64
C GLN E 245 29.94 9.58 16.31
N GLY E 246 29.81 10.62 15.50
CA GLY E 246 30.22 10.53 14.11
C GLY E 246 31.45 11.33 13.72
N LEU E 247 31.76 12.39 14.47
CA LEU E 247 32.91 13.23 14.17
C LEU E 247 34.02 13.09 15.21
N ASN E 248 34.01 11.97 15.93
CA ASN E 248 35.06 11.62 16.90
C ASN E 248 35.40 12.80 17.83
N ALA E 249 34.38 13.46 18.34
CA ALA E 249 34.57 14.61 19.22
C ALA E 249 35.42 14.25 20.43
N ASP E 250 36.27 15.18 20.83
CA ASP E 250 37.17 14.99 21.97
C ASP E 250 38.05 13.75 21.85
N ASN E 251 38.08 13.16 20.66
CA ASN E 251 38.84 11.94 20.40
C ASN E 251 38.35 10.79 21.29
N MET E 252 37.11 10.90 21.78
CA MET E 252 36.62 10.01 22.82
C MET E 252 36.39 8.58 22.33
N VAL E 253 35.78 8.46 21.15
CA VAL E 253 35.58 7.14 20.55
C VAL E 253 36.94 6.52 20.23
N TYR E 254 37.88 7.33 19.73
CA TYR E 254 39.18 6.84 19.33
C TYR E 254 40.07 6.45 20.52
N ASP E 255 40.01 7.24 21.59
CA ASP E 255 40.83 6.97 22.78
C ASP E 255 40.35 5.74 23.56
N ILE E 256 39.04 5.60 23.69
CA ILE E 256 38.45 4.45 24.36
C ILE E 256 38.87 3.15 23.67
N VAL E 257 38.88 3.17 22.35
CA VAL E 257 39.19 1.99 21.55
C VAL E 257 40.70 1.71 21.50
N LYS E 258 41.50 2.76 21.63
CA LYS E 258 42.95 2.60 21.68
C LYS E 258 43.38 1.82 22.93
N LYS E 259 42.72 2.09 24.05
CA LYS E 259 43.11 1.49 25.31
C LYS E 259 42.35 0.20 25.64
N HIS E 260 41.11 0.11 25.16
CA HIS E 260 40.28 -1.07 25.40
C HIS E 260 40.36 -2.11 24.28
N GLY E 261 41.13 -1.80 23.24
CA GLY E 261 41.13 -2.60 22.03
C GLY E 261 41.82 -3.95 22.10
N LYS E 262 42.75 -4.11 23.05
CA LYS E 262 43.55 -5.33 23.14
C LYS E 262 42.99 -6.34 24.15
N GLU E 263 42.31 -5.84 25.18
CA GLU E 263 41.88 -6.68 26.29
C GLU E 263 40.46 -6.39 26.77
N GLY E 264 39.83 -5.37 26.18
CA GLY E 264 38.57 -4.87 26.68
C GLY E 264 37.34 -5.61 26.19
N THR E 265 36.23 -5.39 26.89
CA THR E 265 34.92 -5.93 26.51
C THR E 265 33.92 -4.78 26.45
N VAL E 266 32.63 -5.11 26.32
CA VAL E 266 31.57 -4.11 26.36
C VAL E 266 31.37 -3.58 27.78
N GLY E 267 31.70 -4.40 28.77
CA GLY E 267 31.58 -3.98 30.16
C GLY E 267 32.63 -2.97 30.56
N THR E 268 33.86 -3.21 30.13
CA THR E 268 34.97 -2.32 30.43
C THR E 268 34.80 -0.97 29.72
N VAL E 269 34.19 -0.98 28.55
CA VAL E 269 33.89 0.24 27.82
C VAL E 269 32.80 1.03 28.55
N VAL E 270 31.78 0.32 29.02
CA VAL E 270 30.73 0.91 29.85
C VAL E 270 31.36 1.63 31.03
N ARG E 271 32.24 0.94 31.75
CA ARG E 271 32.91 1.53 32.91
C ARG E 271 33.80 2.70 32.52
N GLU E 272 34.35 2.66 31.31
CA GLU E 272 35.17 3.75 30.79
C GLU E 272 34.33 5.01 30.59
N VAL E 273 33.07 4.83 30.22
CA VAL E 273 32.15 5.95 30.01
C VAL E 273 31.77 6.61 31.33
N VAL E 274 31.49 5.79 32.35
CA VAL E 274 31.06 6.29 33.64
C VAL E 274 32.18 7.05 34.35
N GLU E 275 33.42 6.59 34.19
CA GLU E 275 34.57 7.26 34.80
C GLU E 275 34.80 8.64 34.18
N ARG E 276 34.74 8.70 32.84
CA ARG E 276 35.07 9.92 32.12
C ARG E 276 34.02 11.02 32.30
N ALA E 277 32.76 10.63 32.41
CA ALA E 277 31.69 11.58 32.73
C ALA E 277 31.83 12.04 34.19
N LEU E 278 32.31 11.13 35.03
CA LEU E 278 32.56 11.42 36.44
C LEU E 278 33.70 12.44 36.58
N GLU E 279 34.78 12.21 35.83
CA GLU E 279 35.96 13.07 35.89
C GLU E 279 35.73 14.45 35.27
N ASP E 280 34.73 14.55 34.40
CA ASP E 280 34.47 15.80 33.70
C ASP E 280 33.28 16.57 34.26
N GLY E 281 32.69 16.05 35.33
CA GLY E 281 31.58 16.74 35.97
C GLY E 281 30.32 16.74 35.13
N VAL E 282 30.23 15.80 34.20
CA VAL E 282 29.02 15.58 33.43
C VAL E 282 27.98 14.95 34.36
N ILE E 283 28.44 14.02 35.18
CA ILE E 283 27.59 13.37 36.18
C ILE E 283 28.24 13.38 37.56
N GLU E 284 27.42 13.24 38.60
CA GLU E 284 27.91 13.13 39.96
C GLU E 284 27.19 12.00 40.71
N VAL E 285 27.26 12.04 42.03
CA VAL E 285 26.51 11.14 42.90
C VAL E 285 25.27 11.87 43.43
N LYS E 286 24.08 11.39 43.06
CA LYS E 286 22.83 11.95 43.56
C LYS E 286 22.67 11.57 45.04
N GLU E 287 22.44 10.28 45.28
CA GLU E 287 22.39 9.75 46.64
C GLU E 287 23.08 8.39 46.68
N GLU E 288 23.45 7.96 47.88
CA GLU E 288 24.13 6.67 48.05
C GLU E 288 23.24 5.67 48.76
N LEU E 289 22.74 4.71 48.00
CA LEU E 289 21.93 3.61 48.51
C LEU E 289 22.77 2.73 49.44
N PRO E 290 22.15 1.73 50.11
CA PRO E 290 22.90 0.76 50.91
C PRO E 290 23.95 -0.04 50.13
N SER E 291 24.95 0.69 49.62
CA SER E 291 26.24 0.18 49.10
C SER E 291 26.67 0.76 47.74
N PHE E 292 25.71 1.23 46.94
CA PHE E 292 25.94 1.54 45.52
C PHE E 292 25.46 2.97 45.17
N LYS E 293 26.17 3.66 44.29
CA LYS E 293 25.83 5.06 43.95
C LYS E 293 24.83 5.24 42.81
N VAL E 294 23.79 6.03 43.10
CA VAL E 294 22.89 6.56 42.08
C VAL E 294 23.47 7.88 41.57
N TYR E 295 23.85 7.90 40.30
CA TYR E 295 24.44 9.09 39.69
C TYR E 295 23.37 9.95 39.02
N LYS E 296 23.49 11.27 39.17
CA LYS E 296 22.63 12.20 38.43
C LYS E 296 23.39 12.82 37.26
N ALA E 297 22.64 13.40 36.33
CA ALA E 297 23.24 14.09 35.19
C ALA E 297 23.24 15.60 35.42
N ASN E 298 24.43 16.20 35.40
CA ASN E 298 24.55 17.65 35.43
C ASN E 298 24.19 18.23 34.07
N ASP E 299 24.48 17.48 33.01
CA ASP E 299 24.10 17.87 31.65
C ASP E 299 23.54 16.67 30.88
N MET E 300 22.22 16.65 30.71
CA MET E 300 21.53 15.50 30.13
C MET E 300 21.94 15.23 28.67
N ASP E 301 22.14 16.29 27.90
CA ASP E 301 22.48 16.17 26.48
C ASP E 301 23.91 15.67 26.29
N LEU E 302 24.83 16.19 27.10
CA LEU E 302 26.23 15.83 27.02
C LEU E 302 26.50 14.47 27.63
N TRP E 303 25.65 14.07 28.57
CA TRP E 303 25.69 12.72 29.13
C TRP E 303 25.26 11.71 28.07
N ASN E 304 24.16 12.01 27.38
CA ASN E 304 23.71 11.18 26.27
C ASN E 304 24.79 11.09 25.21
N ALA E 305 25.33 12.25 24.83
CA ALA E 305 26.41 12.34 23.86
C ALA E 305 27.61 11.46 24.27
N TYR E 306 27.95 11.50 25.55
CA TYR E 306 29.06 10.70 26.08
C TYR E 306 28.78 9.21 25.99
N ALA E 307 27.61 8.80 26.45
CA ALA E 307 27.19 7.40 26.39
C ALA E 307 27.11 6.93 24.94
N ALA E 308 26.65 7.82 24.05
CA ALA E 308 26.48 7.51 22.64
C ALA E 308 27.81 7.20 21.96
N ALA E 309 28.83 8.00 22.28
CA ALA E 309 30.18 7.79 21.76
C ALA E 309 30.73 6.44 22.20
N GLY E 310 30.52 6.12 23.47
CA GLY E 310 30.94 4.84 24.01
C GLY E 310 30.22 3.66 23.38
N LEU E 311 29.04 3.90 22.82
CA LEU E 311 28.28 2.86 22.13
C LEU E 311 29.00 2.44 20.85
N VAL E 312 29.49 3.43 20.10
CA VAL E 312 30.24 3.17 18.88
C VAL E 312 31.55 2.46 19.21
N ALA E 313 32.21 2.90 20.28
CA ALA E 313 33.43 2.27 20.76
C ALA E 313 33.15 0.85 21.24
N ALA E 314 32.01 0.67 21.90
CA ALA E 314 31.59 -0.64 22.39
C ALA E 314 31.49 -1.65 21.26
N VAL E 315 30.94 -1.21 20.12
CA VAL E 315 30.78 -2.05 18.95
C VAL E 315 32.14 -2.35 18.31
N MET E 316 32.95 -1.30 18.17
CA MET E 316 34.26 -1.41 17.54
C MET E 316 35.19 -2.37 18.28
N VAL E 317 35.21 -2.29 19.61
CA VAL E 317 36.00 -3.20 20.42
C VAL E 317 35.43 -4.62 20.38
N ASN E 318 34.12 -4.74 20.58
CA ASN E 318 33.48 -6.05 20.69
C ASN E 318 33.45 -6.81 19.37
N GLN E 319 32.79 -6.24 18.37
CA GLN E 319 32.67 -6.88 17.06
C GLN E 319 34.01 -6.95 16.34
N GLY E 320 34.85 -5.94 16.57
CA GLY E 320 36.18 -5.94 16.01
C GLY E 320 37.04 -7.10 16.50
N ALA E 321 36.80 -7.52 17.74
CA ALA E 321 37.51 -8.66 18.30
C ALA E 321 37.10 -9.97 17.64
N ALA E 322 35.81 -10.09 17.32
CA ALA E 322 35.28 -11.27 16.64
C ALA E 322 35.51 -11.21 15.14
N ARG E 323 35.69 -9.99 14.62
CA ARG E 323 35.68 -9.74 13.17
C ARG E 323 34.40 -10.28 12.54
N ALA E 324 33.30 -10.13 13.27
CA ALA E 324 32.00 -10.60 12.85
C ALA E 324 30.94 -9.58 13.27
N ALA E 325 30.03 -9.27 12.36
CA ALA E 325 29.08 -8.18 12.56
C ALA E 325 27.98 -8.56 13.53
N GLN E 326 27.12 -9.48 13.10
CA GLN E 326 26.29 -10.30 13.98
C GLN E 326 25.89 -9.65 15.31
N GLY E 327 26.79 -9.73 16.29
CA GLY E 327 26.48 -9.33 17.66
C GLY E 327 26.59 -7.85 17.94
N VAL E 328 26.61 -7.04 16.89
CA VAL E 328 26.42 -5.60 17.03
C VAL E 328 25.06 -5.34 17.69
N SER E 329 24.09 -6.20 17.35
CA SER E 329 22.75 -6.10 17.92
C SER E 329 22.71 -6.39 19.42
N ALA E 330 23.55 -7.34 19.85
CA ALA E 330 23.70 -7.65 21.26
C ALA E 330 24.47 -6.54 21.98
N THR E 331 25.51 -6.03 21.33
CA THR E 331 26.33 -4.96 21.89
C THR E 331 25.50 -3.71 22.18
N ILE E 332 24.71 -3.27 21.19
CA ILE E 332 23.86 -2.10 21.37
C ILE E 332 22.84 -2.34 22.49
N LEU E 333 22.25 -3.53 22.48
CA LEU E 333 21.29 -3.94 23.52
C LEU E 333 21.94 -3.84 24.89
N TYR E 334 23.07 -4.54 25.05
CA TYR E 334 23.66 -4.73 26.37
C TYR E 334 24.61 -3.63 26.82
N TYR E 335 25.11 -2.83 25.88
CA TYR E 335 25.87 -1.66 26.26
C TYR E 335 24.95 -0.72 27.05
N ASN E 336 23.74 -0.54 26.54
CA ASN E 336 22.76 0.36 27.16
C ASN E 336 22.11 -0.26 28.40
N ASP E 337 21.98 -1.58 28.39
CA ASP E 337 21.47 -2.32 29.54
C ASP E 337 22.41 -2.15 30.72
N LEU E 338 23.69 -2.52 30.52
CA LEU E 338 24.72 -2.35 31.53
C LEU E 338 24.85 -0.91 31.99
N LEU E 339 25.05 -0.01 31.03
CA LEU E 339 25.29 1.41 31.30
C LEU E 339 24.23 2.04 32.20
N GLU E 340 23.01 1.52 32.15
CA GLU E 340 21.93 2.03 32.99
C GLU E 340 22.00 1.51 34.41
N TYR E 341 22.22 0.21 34.56
CA TYR E 341 22.26 -0.42 35.88
C TYR E 341 23.63 -0.33 36.53
N GLU E 342 24.54 0.38 35.86
CA GLU E 342 25.80 0.77 36.44
C GLU E 342 25.67 2.17 37.04
N THR E 343 24.62 2.89 36.66
CA THR E 343 24.53 4.33 36.93
C THR E 343 23.23 4.81 37.58
N GLY E 344 22.11 4.22 37.18
CA GLY E 344 20.82 4.74 37.57
C GLY E 344 20.37 5.88 36.66
N LEU E 345 20.92 5.91 35.45
CA LEU E 345 20.56 6.90 34.44
C LEU E 345 20.13 6.21 33.15
N PRO E 346 19.36 6.92 32.30
CA PRO E 346 18.95 6.37 31.01
C PRO E 346 20.12 6.12 30.06
N GLY E 347 20.00 5.06 29.26
CA GLY E 347 21.00 4.78 28.24
C GLY E 347 20.87 5.76 27.09
N VAL E 348 21.66 5.54 26.05
CA VAL E 348 21.63 6.40 24.88
C VAL E 348 20.20 6.44 24.33
N ASP E 349 19.74 7.66 24.03
CA ASP E 349 18.43 7.88 23.41
C ASP E 349 17.28 7.54 24.34
N PHE E 350 17.56 7.52 25.65
CA PHE E 350 16.53 7.40 26.69
C PHE E 350 15.71 6.13 26.58
N GLY E 351 16.38 5.03 26.22
CA GLY E 351 15.70 3.76 26.08
C GLY E 351 15.61 3.27 24.66
N ARG E 352 15.37 4.19 23.73
CA ARG E 352 15.13 3.83 22.33
C ARG E 352 16.30 3.13 21.66
N ALA E 353 17.52 3.48 22.07
CA ALA E 353 18.72 2.85 21.50
C ALA E 353 18.79 1.37 21.85
N GLU E 354 18.63 1.04 23.13
CA GLU E 354 18.49 -0.35 23.55
C GLU E 354 17.22 -0.95 22.95
N GLY E 355 16.20 -0.12 22.81
CA GLY E 355 14.94 -0.57 22.24
C GLY E 355 15.10 -1.10 20.83
N THR E 356 15.82 -0.36 19.99
CA THR E 356 16.08 -0.76 18.61
C THR E 356 16.84 -2.09 18.56
N ALA E 357 17.78 -2.25 19.48
CA ALA E 357 18.68 -3.41 19.48
C ALA E 357 17.99 -4.70 19.90
N VAL E 358 16.89 -4.58 20.63
CA VAL E 358 16.09 -5.74 21.03
C VAL E 358 15.38 -6.33 19.80
N GLY E 359 14.71 -5.47 19.04
CA GLY E 359 14.08 -5.90 17.82
C GLY E 359 15.08 -6.27 16.75
N PHE E 360 16.19 -5.53 16.70
CA PHE E 360 17.30 -5.80 15.79
C PHE E 360 17.88 -7.20 16.07
N SER E 361 18.18 -7.48 17.33
CA SER E 361 18.68 -8.80 17.75
C SER E 361 17.73 -9.89 17.30
N PHE E 362 16.45 -9.72 17.63
CA PHE E 362 15.39 -10.62 17.21
C PHE E 362 15.38 -10.83 15.70
N PHE E 363 15.25 -9.74 14.96
CA PHE E 363 15.12 -9.81 13.50
C PHE E 363 16.44 -10.03 12.76
N SER E 364 17.48 -10.41 13.50
CA SER E 364 18.71 -10.88 12.88
C SER E 364 19.08 -12.27 13.39
N HIS E 365 18.14 -12.91 14.09
CA HIS E 365 18.38 -14.23 14.68
C HIS E 365 17.11 -15.10 14.73
N SER E 366 16.18 -14.85 13.81
CA SER E 366 14.91 -15.58 13.81
C SER E 366 14.32 -15.77 12.40
N ILE E 367 13.17 -16.45 12.35
CA ILE E 367 12.53 -16.83 11.09
C ILE E 367 11.69 -15.71 10.45
N TYR E 368 11.24 -14.77 11.27
CA TYR E 368 10.12 -13.89 10.90
C TYR E 368 10.44 -12.75 9.92
N GLY E 369 11.71 -12.35 9.85
CA GLY E 369 12.08 -11.30 8.92
C GLY E 369 13.51 -10.79 9.12
N GLY E 370 13.70 -9.50 8.86
CA GLY E 370 15.00 -8.89 9.05
C GLY E 370 16.06 -9.36 8.09
N GLY E 371 17.12 -9.95 8.64
CA GLY E 371 18.28 -10.32 7.84
C GLY E 371 19.57 -10.06 8.62
N GLY E 372 20.70 -10.11 7.92
CA GLY E 372 21.97 -9.77 8.55
C GLY E 372 22.16 -8.28 8.67
N PRO E 373 23.16 -7.81 9.46
CA PRO E 373 23.25 -6.41 9.89
C PRO E 373 23.25 -5.39 8.76
N GLY E 374 23.90 -5.73 7.65
CA GLY E 374 24.12 -4.76 6.59
C GLY E 374 22.90 -4.31 5.81
N ILE E 375 21.81 -5.07 5.89
CA ILE E 375 20.63 -4.77 5.08
C ILE E 375 19.62 -3.87 5.78
N PHE E 376 19.88 -3.55 7.05
CA PHE E 376 19.09 -2.57 7.77
C PHE E 376 19.53 -1.15 7.44
N HIS E 377 18.75 -0.20 7.89
CA HIS E 377 18.99 1.22 7.63
C HIS E 377 18.07 2.04 8.54
N GLY E 378 18.20 3.36 8.48
CA GLY E 378 17.37 4.23 9.30
C GLY E 378 15.89 4.17 8.97
N ASN E 379 15.53 3.50 7.88
CA ASN E 379 14.16 3.46 7.40
C ASN E 379 13.52 2.07 7.55
N HIS E 380 14.31 1.09 7.98
CA HIS E 380 13.79 -0.24 8.25
C HIS E 380 12.92 -0.19 9.50
N ILE E 381 11.72 -0.75 9.43
CA ILE E 381 10.78 -0.70 10.56
C ILE E 381 11.38 -1.33 11.82
N VAL E 382 12.37 -2.21 11.64
CA VAL E 382 13.06 -2.86 12.74
C VAL E 382 14.08 -1.93 13.41
N THR E 383 14.60 -0.96 12.66
CA THR E 383 15.68 -0.10 13.14
C THR E 383 15.41 1.40 12.94
N ARG E 384 14.14 1.76 12.82
CA ARG E 384 13.75 3.15 12.60
C ARG E 384 13.51 3.92 13.90
N HIS E 385 13.52 3.20 15.02
CA HIS E 385 12.99 3.73 16.28
C HIS E 385 13.92 4.71 16.96
N SER E 386 15.21 4.39 17.00
CA SER E 386 16.21 5.27 17.60
C SER E 386 16.55 6.42 16.66
N LYS E 387 16.67 7.63 17.23
CA LYS E 387 16.81 8.84 16.45
C LYS E 387 18.27 9.16 16.09
N GLY E 388 18.92 8.22 15.42
CA GLY E 388 20.22 8.47 14.82
C GLY E 388 21.39 7.84 15.55
N PHE E 389 21.12 7.14 16.65
CA PHE E 389 22.18 6.70 17.55
C PHE E 389 22.49 5.20 17.46
N ALA E 390 21.79 4.48 16.59
CA ALA E 390 21.95 3.04 16.49
C ALA E 390 22.54 2.60 15.15
N ILE E 391 22.17 3.28 14.08
CA ILE E 391 22.63 2.92 12.74
C ILE E 391 24.14 3.11 12.56
N PRO E 392 24.72 4.21 13.11
CA PRO E 392 26.18 4.36 12.99
C PRO E 392 27.03 3.30 13.70
N PRO E 393 26.58 2.81 14.88
CA PRO E 393 27.15 1.57 15.40
C PRO E 393 27.10 0.39 14.44
N VAL E 394 25.94 0.17 13.83
CA VAL E 394 25.75 -0.97 12.93
C VAL E 394 26.67 -0.91 11.71
N ALA E 395 27.09 0.31 11.35
CA ALA E 395 27.99 0.52 10.21
C ALA E 395 29.45 0.21 10.56
N ALA E 396 29.80 0.41 11.82
CA ALA E 396 31.13 0.06 12.31
C ALA E 396 31.31 -1.46 12.25
N ALA E 397 30.33 -2.17 12.77
CA ALA E 397 30.34 -3.63 12.82
C ALA E 397 30.46 -4.26 11.44
N MET E 398 29.65 -3.80 10.50
CA MET E 398 29.65 -4.34 9.15
C MET E 398 30.92 -4.01 8.37
N ALA E 399 31.65 -3.00 8.84
CA ALA E 399 32.94 -2.66 8.26
C ALA E 399 34.07 -3.52 8.84
N LEU E 400 33.92 -3.93 10.09
CA LEU E 400 34.93 -4.73 10.79
C LEU E 400 34.80 -6.23 10.46
N ASP E 401 33.93 -6.55 9.52
CA ASP E 401 33.65 -7.94 9.16
C ASP E 401 34.68 -8.45 8.14
N ALA E 402 35.38 -9.51 8.52
CA ALA E 402 36.40 -10.11 7.66
C ALA E 402 35.81 -11.07 6.63
N GLY E 403 34.50 -11.29 6.70
CA GLY E 403 33.82 -12.07 5.68
C GLY E 403 32.94 -13.18 6.22
N THR E 404 32.08 -12.85 7.19
CA THR E 404 31.20 -13.84 7.80
C THR E 404 29.75 -13.71 7.34
N GLN E 405 29.46 -12.67 6.57
CA GLN E 405 28.10 -12.38 6.13
C GLN E 405 27.85 -12.88 4.72
N MET E 406 26.69 -13.48 4.51
CA MET E 406 26.26 -13.87 3.17
C MET E 406 25.83 -12.63 2.39
N PHE E 407 24.96 -11.82 3.00
CA PHE E 407 24.52 -10.59 2.38
C PHE E 407 25.38 -9.42 2.83
N SER E 408 26.59 -9.40 2.27
CA SER E 408 27.63 -8.44 2.57
C SER E 408 27.53 -7.23 1.63
N PRO E 409 28.38 -6.21 1.82
CA PRO E 409 28.41 -5.06 0.91
C PRO E 409 28.78 -5.43 -0.53
N GLU E 410 29.34 -6.62 -0.72
CA GLU E 410 29.77 -7.06 -2.04
C GLU E 410 28.64 -7.77 -2.79
N VAL E 411 27.59 -8.15 -2.06
CA VAL E 411 26.44 -8.82 -2.65
C VAL E 411 25.27 -7.86 -2.88
N THR E 412 25.01 -7.00 -1.89
CA THR E 412 23.88 -6.09 -1.94
C THR E 412 24.25 -4.72 -2.52
N SER E 413 25.49 -4.30 -2.30
CA SER E 413 25.88 -2.91 -2.49
C SER E 413 27.11 -2.76 -3.39
N LYS E 414 27.18 -3.59 -4.41
CA LYS E 414 28.34 -3.65 -5.30
C LYS E 414 28.50 -2.39 -6.15
N LEU E 415 27.45 -2.04 -6.90
CA LEU E 415 27.45 -0.86 -7.76
C LEU E 415 27.84 0.39 -6.98
N ILE E 416 27.15 0.61 -5.86
CA ILE E 416 27.39 1.74 -4.99
C ILE E 416 28.85 1.78 -4.52
N GLY E 417 29.35 0.63 -4.09
CA GLY E 417 30.72 0.55 -3.60
C GLY E 417 31.76 0.86 -4.66
N ASP E 418 31.47 0.50 -5.91
CA ASP E 418 32.42 0.64 -7.00
C ASP E 418 32.49 2.06 -7.55
N VAL E 419 31.33 2.70 -7.68
CA VAL E 419 31.22 3.98 -8.35
C VAL E 419 31.24 5.13 -7.34
N PHE E 420 30.42 5.03 -6.30
CA PHE E 420 30.40 6.01 -5.22
C PHE E 420 31.69 5.97 -4.40
N GLY E 421 32.29 4.78 -4.31
CA GLY E 421 33.58 4.65 -3.66
C GLY E 421 34.64 5.55 -4.26
N GLU E 422 34.51 5.84 -5.55
CA GLU E 422 35.46 6.68 -6.26
C GLU E 422 35.34 8.17 -5.91
N ILE E 423 34.15 8.58 -5.45
CA ILE E 423 33.94 9.96 -5.03
C ILE E 423 34.45 10.20 -3.62
N ASP E 424 35.12 11.34 -3.43
CA ASP E 424 35.92 11.60 -2.23
C ASP E 424 35.12 11.96 -0.98
N GLU E 425 34.16 12.88 -1.13
CA GLU E 425 33.34 13.30 0.01
C GLU E 425 32.39 12.20 0.48
N PHE E 426 32.10 11.26 -0.41
CA PHE E 426 31.38 10.04 -0.04
C PHE E 426 32.29 9.10 0.73
N ARG E 427 33.49 8.88 0.19
CA ARG E 427 34.43 7.91 0.75
C ARG E 427 35.05 8.38 2.05
N GLU E 428 35.23 9.70 2.19
CA GLU E 428 36.00 10.24 3.30
C GLU E 428 35.41 11.55 3.87
N PRO E 429 34.16 11.50 4.35
CA PRO E 429 33.41 12.73 4.63
C PRO E 429 33.89 13.52 5.85
N MET E 430 34.73 12.91 6.68
CA MET E 430 35.19 13.53 7.92
C MET E 430 36.02 14.80 7.68
N LYS E 431 37.09 14.66 6.90
CA LYS E 431 37.96 15.77 6.54
C LYS E 431 37.15 16.96 6.00
N TYR E 432 36.13 16.67 5.19
CA TYR E 432 35.32 17.69 4.55
C TYR E 432 34.36 18.41 5.50
N ILE E 433 33.72 17.64 6.39
CA ILE E 433 32.78 18.23 7.37
C ILE E 433 33.51 19.05 8.42
N THR E 434 34.63 18.54 8.92
CA THR E 434 35.42 19.23 9.94
C THR E 434 36.10 20.49 9.38
N GLU E 435 36.61 20.39 8.16
CA GLU E 435 37.15 21.54 7.45
C GLU E 435 36.06 22.59 7.25
N ALA E 436 34.91 22.15 6.76
CA ALA E 436 33.75 23.02 6.57
C ALA E 436 33.34 23.68 7.89
N ALA E 437 33.45 22.93 8.98
CA ALA E 437 33.08 23.41 10.31
C ALA E 437 34.06 24.46 10.86
N ALA E 438 35.32 24.34 10.48
CA ALA E 438 36.33 25.33 10.87
C ALA E 438 36.04 26.68 10.24
N GLU E 439 35.97 26.69 8.90
CA GLU E 439 35.70 27.92 8.15
C GLU E 439 34.36 28.53 8.51
N GLU E 440 33.37 27.68 8.74
CA GLU E 440 32.02 28.10 9.13
C GLU E 440 32.00 28.82 10.47
N ALA E 441 33.01 28.58 11.29
CA ALA E 441 33.12 29.17 12.62
C ALA E 441 33.87 30.51 12.61
N LYS E 442 33.80 31.23 11.50
CA LYS E 442 34.33 32.58 11.40
C LYS E 442 33.31 33.49 10.73
N PHE F 7 30.43 -1.04 39.66
CA PHE F 7 29.08 -1.25 40.27
C PHE F 7 28.45 -2.55 39.84
N TYR F 8 28.27 -2.66 38.52
CA TYR F 8 27.59 -3.78 37.88
C TYR F 8 26.06 -3.64 37.95
N TYR F 9 25.53 -3.60 39.16
CA TYR F 9 24.10 -3.82 39.38
C TYR F 9 23.71 -3.42 40.81
N PRO F 10 22.65 -2.60 40.97
CA PRO F 10 22.10 -2.22 42.28
C PRO F 10 21.31 -3.36 42.94
N GLY F 11 21.24 -3.36 44.27
CA GLY F 11 20.50 -4.40 44.96
C GLY F 11 21.05 -4.64 46.36
N GLU F 12 20.16 -4.80 47.34
CA GLU F 12 20.59 -4.95 48.72
C GLU F 12 20.38 -6.37 49.25
N THR F 13 20.00 -7.28 48.36
CA THR F 13 19.71 -8.65 48.75
C THR F 13 20.70 -9.65 48.18
N ASP F 14 20.59 -10.90 48.66
CA ASP F 14 21.48 -11.98 48.27
C ASP F 14 21.54 -12.24 46.77
N VAL F 15 20.37 -12.33 46.14
CA VAL F 15 20.29 -12.57 44.71
C VAL F 15 20.97 -11.47 43.91
N ALA F 16 20.83 -10.23 44.37
CA ALA F 16 21.51 -9.11 43.74
C ALA F 16 23.02 -9.24 43.85
N GLU F 17 23.50 -9.91 44.90
CA GLU F 17 24.92 -10.02 45.10
C GLU F 17 25.56 -11.09 44.22
N ASN F 18 24.90 -12.25 44.12
CA ASN F 18 25.25 -13.26 43.12
C ASN F 18 25.23 -12.70 41.68
N ARG F 19 24.59 -11.56 41.52
CA ARG F 19 24.47 -10.90 40.23
C ARG F 19 25.60 -9.92 39.91
N ARG F 20 26.23 -9.38 40.93
CA ARG F 20 27.50 -8.66 40.76
C ARG F 20 28.66 -9.64 40.70
N LYS F 21 28.50 -10.79 41.36
CA LYS F 21 29.55 -11.81 41.41
C LYS F 21 29.79 -12.45 40.05
N TYR F 22 28.72 -12.94 39.43
CA TYR F 22 28.83 -13.60 38.12
C TYR F 22 29.17 -12.61 37.02
N MET F 23 28.77 -11.35 37.21
CA MET F 23 29.12 -10.28 36.27
C MET F 23 30.57 -9.84 36.41
N ASN F 24 31.10 -9.94 37.63
CA ASN F 24 32.47 -9.50 37.93
C ASN F 24 33.50 -10.48 37.39
N PRO F 25 34.38 -10.02 36.49
CA PRO F 25 35.49 -10.84 36.00
C PRO F 25 36.63 -11.05 37.00
N ASN F 26 36.50 -10.44 38.18
CA ASN F 26 37.46 -10.64 39.27
C ASN F 26 37.04 -11.81 40.14
N TYR F 27 35.73 -11.96 40.33
CA TYR F 27 35.17 -13.06 41.11
C TYR F 27 35.37 -14.39 40.38
N GLU F 28 36.21 -15.24 40.97
CA GLU F 28 36.45 -16.58 40.43
C GLU F 28 35.22 -17.47 40.60
N LEU F 29 34.80 -18.10 39.52
CA LEU F 29 33.61 -18.95 39.51
C LEU F 29 33.94 -20.32 40.10
N LYS F 30 33.28 -20.66 41.19
CA LYS F 30 33.59 -21.88 41.94
C LYS F 30 33.28 -23.13 41.13
N LYS F 31 34.30 -23.96 40.91
CA LYS F 31 34.19 -25.15 40.09
C LYS F 31 33.49 -26.29 40.82
N LEU F 32 32.52 -26.91 40.16
CA LEU F 32 31.77 -28.03 40.73
C LEU F 32 32.01 -29.33 39.95
N ARG F 33 32.46 -29.20 38.71
CA ARG F 33 32.65 -30.34 37.82
C ARG F 33 34.02 -30.30 37.13
N GLU F 34 34.29 -31.32 36.31
CA GLU F 34 35.49 -31.36 35.49
C GLU F 34 35.22 -32.17 34.22
N ILE F 35 34.89 -31.46 33.15
CA ILE F 35 34.55 -32.09 31.88
C ILE F 35 35.68 -31.90 30.86
N PRO F 36 36.17 -33.00 30.27
CA PRO F 36 37.26 -32.93 29.29
C PRO F 36 36.85 -32.24 27.99
N ASP F 37 37.81 -31.65 27.31
CA ASP F 37 37.56 -30.84 26.12
C ASP F 37 36.84 -31.62 25.02
N GLU F 38 37.12 -32.92 24.95
CA GLU F 38 36.49 -33.80 23.97
C GLU F 38 34.99 -33.95 24.16
N ASP F 39 34.54 -33.84 25.41
CA ASP F 39 33.14 -34.02 25.75
C ASP F 39 32.34 -32.72 25.65
N ILE F 40 33.04 -31.60 25.59
CA ILE F 40 32.42 -30.31 25.32
C ILE F 40 32.16 -30.17 23.82
N VAL F 41 33.10 -30.65 23.02
CA VAL F 41 32.97 -30.68 21.56
C VAL F 41 31.84 -31.61 21.13
N ARG F 42 31.63 -32.68 21.89
CA ARG F 42 30.59 -33.66 21.58
C ARG F 42 29.20 -33.16 21.98
N LEU F 43 29.12 -32.47 23.11
CA LEU F 43 27.86 -31.90 23.58
C LEU F 43 27.34 -30.84 22.61
N MET F 44 28.21 -29.90 22.26
CA MET F 44 27.94 -29.00 21.15
C MET F 44 28.32 -29.73 19.87
N GLY F 45 27.40 -30.55 19.37
CA GLY F 45 27.70 -31.42 18.24
C GLY F 45 27.88 -30.69 16.94
N HIS F 46 28.88 -29.82 16.88
CA HIS F 46 29.20 -29.05 15.68
C HIS F 46 30.22 -29.81 14.82
N ARG F 47 31.27 -30.30 15.47
CA ARG F 47 32.31 -31.07 14.79
C ARG F 47 32.75 -32.27 15.63
N GLU F 48 33.48 -33.18 14.99
CA GLU F 48 34.09 -34.30 15.70
C GLU F 48 35.46 -33.90 16.21
N PRO F 49 35.74 -34.17 17.51
CA PRO F 49 36.84 -33.53 18.25
C PRO F 49 38.23 -33.78 17.66
N GLY F 50 38.38 -34.90 16.95
CA GLY F 50 39.64 -35.20 16.29
C GLY F 50 39.90 -34.33 15.08
N GLU F 51 38.86 -34.12 14.26
CA GLU F 51 38.97 -33.33 13.04
C GLU F 51 39.28 -31.86 13.33
N GLU F 52 39.87 -31.17 12.35
CA GLU F 52 40.28 -29.79 12.52
C GLU F 52 39.10 -28.82 12.49
N TYR F 53 39.38 -27.54 12.68
CA TYR F 53 38.35 -26.51 12.66
C TYR F 53 37.95 -26.13 11.23
N PRO F 54 36.66 -26.28 10.90
CA PRO F 54 36.08 -25.69 9.69
C PRO F 54 36.08 -24.16 9.77
N SER F 55 36.37 -23.53 8.63
CA SER F 55 36.46 -22.07 8.56
C SER F 55 35.41 -21.49 7.61
N VAL F 56 34.84 -20.36 8.00
CA VAL F 56 33.85 -19.66 7.18
C VAL F 56 34.53 -18.71 6.19
N HIS F 57 35.71 -18.23 6.56
CA HIS F 57 36.54 -17.43 5.66
C HIS F 57 38.03 -17.67 5.96
N PRO F 58 38.91 -17.42 4.97
CA PRO F 58 40.35 -17.62 5.14
C PRO F 58 40.97 -16.70 6.20
N PRO F 59 42.05 -17.16 6.86
CA PRO F 59 42.66 -16.47 8.01
C PRO F 59 43.10 -15.04 7.70
N LEU F 60 43.03 -14.17 8.71
CA LEU F 60 43.38 -12.76 8.56
C LEU F 60 44.86 -12.55 8.23
N GLU F 61 45.70 -13.49 8.66
CA GLU F 61 47.14 -13.42 8.46
C GLU F 61 47.53 -13.56 6.99
N GLU F 62 46.53 -13.82 6.13
CA GLU F 62 46.76 -13.99 4.71
C GLU F 62 45.62 -13.39 3.87
N MET F 63 45.08 -12.27 4.34
CA MET F 63 43.91 -11.67 3.72
C MET F 63 44.14 -10.20 3.35
N GLU F 64 43.37 -9.73 2.37
CA GLU F 64 43.40 -8.32 1.95
C GLU F 64 42.76 -7.44 3.03
N GLU F 65 43.50 -7.18 4.09
CA GLU F 65 42.98 -6.43 5.22
C GLU F 65 42.86 -4.94 4.91
N PRO F 66 41.63 -4.39 4.98
CA PRO F 66 41.31 -3.03 4.53
C PRO F 66 42.04 -1.96 5.33
N GLU F 67 42.42 -0.88 4.63
CA GLU F 67 43.07 0.26 5.26
C GLU F 67 42.14 0.90 6.29
N CYS F 68 42.28 0.47 7.54
CA CYS F 68 41.40 0.91 8.62
C CYS F 68 42.20 1.08 9.91
N PRO F 69 42.31 2.32 10.41
CA PRO F 69 43.06 2.65 11.62
C PRO F 69 42.41 2.12 12.91
N ILE F 70 41.16 1.68 12.79
CA ILE F 70 40.44 1.10 13.91
C ILE F 70 40.79 -0.37 14.06
N ARG F 71 40.93 -1.06 12.94
CA ARG F 71 41.35 -2.46 12.92
C ARG F 71 42.68 -2.64 13.64
N GLU F 72 43.57 -1.66 13.48
CA GLU F 72 44.90 -1.70 14.08
C GLU F 72 44.86 -1.59 15.60
N LEU F 73 43.82 -0.96 16.12
CA LEU F 73 43.67 -0.74 17.55
C LEU F 73 43.07 -1.96 18.25
N VAL F 74 42.18 -2.67 17.56
CA VAL F 74 41.46 -3.79 18.15
C VAL F 74 42.09 -5.13 17.79
N GLU F 75 42.55 -5.85 18.82
CA GLU F 75 43.12 -7.19 18.64
C GLU F 75 42.02 -8.23 18.40
N PRO F 76 42.15 -9.02 17.33
CA PRO F 76 41.26 -10.16 17.08
C PRO F 76 41.41 -11.28 18.11
N THR F 77 40.38 -12.10 18.24
CA THR F 77 40.44 -13.30 19.09
C THR F 77 41.09 -14.43 18.30
N GLU F 78 41.41 -15.52 19.01
CA GLU F 78 42.04 -16.69 18.40
C GLU F 78 41.31 -17.16 17.15
N GLY F 79 40.00 -17.38 17.28
CA GLY F 79 39.20 -17.88 16.18
C GLY F 79 39.04 -16.89 15.04
N ALA F 80 39.16 -15.61 15.36
CA ALA F 80 39.07 -14.55 14.34
C ALA F 80 40.30 -14.59 13.43
N LYS F 81 41.47 -14.80 14.03
CA LYS F 81 42.72 -14.86 13.29
C LYS F 81 42.81 -16.09 12.39
N ALA F 82 42.12 -17.16 12.78
CA ALA F 82 42.10 -18.40 12.02
C ALA F 82 40.95 -18.42 11.02
N GLY F 83 39.97 -17.55 11.23
CA GLY F 83 38.81 -17.48 10.35
C GLY F 83 37.76 -18.53 10.66
N ASP F 84 37.62 -18.86 11.94
CA ASP F 84 36.69 -19.90 12.40
C ASP F 84 35.24 -19.56 12.12
N ARG F 85 34.42 -20.59 11.93
CA ARG F 85 32.98 -20.41 11.79
C ARG F 85 32.35 -20.13 13.16
N ILE F 86 31.32 -19.30 13.17
CA ILE F 86 30.63 -18.93 14.41
C ILE F 86 29.60 -19.98 14.78
N ARG F 87 29.83 -20.65 15.91
CA ARG F 87 28.91 -21.66 16.44
C ARG F 87 28.38 -21.24 17.80
N TYR F 88 27.44 -22.01 18.34
CA TYR F 88 26.65 -21.58 19.49
C TYR F 88 26.62 -22.60 20.62
N ILE F 89 26.16 -22.15 21.79
CA ILE F 89 25.69 -23.04 22.84
C ILE F 89 24.52 -22.38 23.57
N GLN F 90 23.47 -23.16 23.82
CA GLN F 90 22.22 -22.62 24.33
C GLN F 90 21.82 -23.25 25.66
N PHE F 91 21.46 -22.41 26.62
CA PHE F 91 21.07 -22.85 27.96
C PHE F 91 19.62 -22.51 28.26
N THR F 92 18.96 -23.42 28.98
CA THR F 92 17.63 -23.15 29.53
C THR F 92 17.69 -23.30 31.04
N ASP F 93 17.35 -22.22 31.74
CA ASP F 93 17.46 -22.19 33.20
C ASP F 93 16.08 -22.19 33.86
N SER F 94 15.87 -23.14 34.77
CA SER F 94 14.58 -23.30 35.43
C SER F 94 14.26 -22.15 36.37
N VAL F 95 12.99 -21.81 36.46
CA VAL F 95 12.50 -20.76 37.36
C VAL F 95 12.67 -21.19 38.82
N TYR F 96 12.73 -22.50 39.04
CA TYR F 96 12.91 -23.05 40.38
C TYR F 96 14.37 -23.06 40.81
N PHE F 97 14.90 -21.86 41.06
CA PHE F 97 16.19 -21.66 41.72
C PHE F 97 17.40 -22.16 40.92
N ALA F 98 17.36 -21.95 39.60
CA ALA F 98 18.54 -22.17 38.77
C ALA F 98 19.55 -21.06 39.04
N PRO F 99 20.84 -21.41 39.16
CA PRO F 99 21.86 -20.47 39.65
C PRO F 99 21.99 -19.21 38.80
N ILE F 100 21.81 -19.37 37.49
CA ILE F 100 21.97 -18.27 36.55
C ILE F 100 20.75 -18.17 35.63
N HIS F 101 20.47 -16.96 35.15
CA HIS F 101 19.24 -16.67 34.42
C HIS F 101 19.51 -15.76 33.21
N PRO F 102 18.65 -15.83 32.17
CA PRO F 102 18.97 -15.38 30.81
C PRO F 102 19.63 -14.01 30.68
N TYR F 103 18.94 -12.97 31.14
CA TYR F 103 19.46 -11.60 31.02
C TYR F 103 20.73 -11.40 31.85
N ILE F 104 20.84 -12.15 32.95
CA ILE F 104 22.03 -12.10 33.78
C ILE F 104 23.20 -12.85 33.13
N ARG F 105 22.87 -13.89 32.37
CA ARG F 105 23.87 -14.61 31.57
C ARG F 105 24.56 -13.67 30.59
N ALA F 106 23.76 -12.90 29.86
CA ALA F 106 24.25 -12.01 28.81
C ALA F 106 25.07 -10.87 29.37
N ARG F 107 24.67 -10.36 30.53
CA ARG F 107 25.41 -9.30 31.22
C ARG F 107 26.79 -9.79 31.65
N MET F 108 26.84 -11.04 32.11
CA MET F 108 28.10 -11.69 32.46
C MET F 108 29.00 -11.84 31.24
N TYR F 109 28.41 -12.22 30.10
CA TYR F 109 29.15 -12.44 28.87
C TYR F 109 29.80 -11.15 28.36
N MET F 110 29.03 -10.06 28.40
CA MET F 110 29.48 -8.77 27.90
C MET F 110 30.55 -8.14 28.80
N TRP F 111 30.71 -8.70 29.99
CA TRP F 111 31.75 -8.27 30.92
C TRP F 111 32.97 -9.20 30.87
N ARG F 112 32.70 -10.50 30.74
CA ARG F 112 33.72 -11.54 30.87
C ARG F 112 34.48 -11.79 29.57
N TYR F 113 33.76 -11.86 28.45
CA TYR F 113 34.32 -12.38 27.22
C TYR F 113 34.42 -11.35 26.09
N ARG F 114 35.28 -11.63 25.12
CA ARG F 114 35.48 -10.75 23.97
C ARG F 114 34.77 -11.29 22.73
N GLY F 115 34.28 -10.36 21.89
CA GLY F 115 33.66 -10.74 20.63
C GLY F 115 32.36 -11.51 20.78
N VAL F 116 31.51 -11.05 21.70
CA VAL F 116 30.33 -11.81 22.11
C VAL F 116 29.06 -11.38 21.37
N ASP F 117 28.40 -12.35 20.76
CA ASP F 117 27.00 -12.20 20.34
C ASP F 117 26.17 -13.14 21.21
N THR F 118 25.14 -12.59 21.83
CA THR F 118 24.29 -13.38 22.73
C THR F 118 22.84 -12.91 22.73
N GLY F 119 21.94 -13.83 23.02
CA GLY F 119 20.52 -13.51 23.03
C GLY F 119 19.82 -14.02 24.26
N SER F 120 19.22 -13.12 25.03
CA SER F 120 18.49 -13.49 26.23
C SER F 120 16.99 -13.54 25.95
N LEU F 121 16.45 -14.76 25.95
CA LEU F 121 15.01 -14.98 25.79
C LEU F 121 14.47 -15.58 27.08
N SER F 122 13.15 -15.71 27.16
CA SER F 122 12.49 -16.26 28.35
C SER F 122 12.93 -17.70 28.64
N GLY F 123 12.80 -18.57 27.65
CA GLY F 123 13.08 -19.98 27.87
C GLY F 123 14.37 -20.48 27.25
N ARG F 124 15.22 -19.55 26.80
CA ARG F 124 16.49 -19.92 26.19
C ARG F 124 17.49 -18.78 26.24
N GLN F 125 18.77 -19.13 26.28
CA GLN F 125 19.86 -18.16 26.24
C GLN F 125 20.99 -18.72 25.40
N ILE F 126 21.39 -17.98 24.38
CA ILE F 126 22.35 -18.47 23.39
C ILE F 126 23.54 -17.52 23.25
N ILE F 127 24.73 -18.09 23.14
CA ILE F 127 25.94 -17.31 22.82
C ILE F 127 26.56 -17.79 21.50
N GLU F 128 26.98 -16.83 20.69
CA GLU F 128 27.47 -17.11 19.35
C GLU F 128 28.79 -16.38 19.08
N VAL F 129 29.88 -17.16 18.98
CA VAL F 129 31.21 -16.62 18.73
C VAL F 129 32.03 -17.63 17.94
N ARG F 130 33.27 -17.26 17.61
CA ARG F 130 34.19 -18.14 16.88
C ARG F 130 34.30 -19.52 17.54
N GLU F 131 34.49 -20.55 16.72
CA GLU F 131 34.34 -21.94 17.16
C GLU F 131 35.29 -22.36 18.27
N ARG F 132 36.59 -22.07 18.12
CA ARG F 132 37.57 -22.49 19.11
C ARG F 132 37.44 -21.74 20.43
N ASP F 133 37.03 -20.47 20.35
CA ASP F 133 36.81 -19.66 21.53
C ASP F 133 35.52 -20.05 22.25
N LEU F 134 34.56 -20.56 21.48
CA LEU F 134 33.29 -21.04 22.02
C LEU F 134 33.47 -22.26 22.93
N GLU F 135 34.39 -23.14 22.54
CA GLU F 135 34.66 -24.36 23.30
C GLU F 135 35.38 -24.06 24.61
N LYS F 136 36.15 -22.98 24.64
CA LYS F 136 36.83 -22.52 25.85
C LYS F 136 35.87 -21.82 26.79
N ILE F 137 34.95 -21.04 26.21
CA ILE F 137 33.92 -20.35 26.99
C ILE F 137 32.93 -21.36 27.57
N ALA F 138 32.59 -22.36 26.78
CA ALA F 138 31.61 -23.37 27.17
C ALA F 138 32.05 -24.17 28.38
N LYS F 139 33.35 -24.41 28.50
CA LYS F 139 33.91 -25.17 29.62
C LYS F 139 33.64 -24.49 30.95
N GLU F 140 33.90 -23.19 31.01
CA GLU F 140 33.67 -22.40 32.22
C GLU F 140 32.19 -22.37 32.58
N LEU F 141 31.34 -22.26 31.56
CA LEU F 141 29.89 -22.20 31.75
C LEU F 141 29.32 -23.52 32.25
N LEU F 142 29.99 -24.62 31.94
CA LEU F 142 29.46 -25.96 32.21
C LEU F 142 29.91 -26.57 33.54
N GLU F 143 31.14 -26.29 33.94
CA GLU F 143 31.71 -26.95 35.11
C GLU F 143 31.73 -26.11 36.38
N THR F 144 31.37 -24.84 36.28
CA THR F 144 31.34 -23.96 37.45
C THR F 144 29.97 -23.94 38.12
N GLU F 145 29.85 -23.12 39.17
CA GLU F 145 28.63 -23.04 39.96
C GLU F 145 27.48 -22.39 39.20
N ILE F 146 27.76 -21.93 37.98
CA ILE F 146 26.76 -21.29 37.14
C ILE F 146 25.88 -22.34 36.45
N PHE F 147 26.40 -23.55 36.33
CA PHE F 147 25.62 -24.67 35.76
C PHE F 147 25.18 -25.63 36.86
N ASP F 148 24.01 -26.23 36.66
CA ASP F 148 23.51 -27.30 37.52
C ASP F 148 22.65 -28.25 36.69
N PRO F 149 23.01 -29.54 36.64
CA PRO F 149 22.54 -30.47 35.60
C PRO F 149 21.07 -30.85 35.75
N ALA F 150 20.43 -30.37 36.81
CA ALA F 150 19.02 -30.64 37.04
C ALA F 150 18.16 -29.41 36.71
N ARG F 151 18.61 -28.25 37.17
CA ARG F 151 17.84 -27.01 37.02
C ARG F 151 18.30 -26.18 35.82
N SER F 152 19.29 -26.69 35.09
CA SER F 152 19.80 -26.03 33.90
C SER F 152 20.15 -27.06 32.84
N GLY F 153 19.62 -26.87 31.63
CA GLY F 153 19.83 -27.84 30.56
C GLY F 153 20.47 -27.25 29.32
N VAL F 154 21.28 -28.07 28.65
CA VAL F 154 21.90 -27.68 27.38
C VAL F 154 20.99 -28.11 26.22
N ARG F 155 20.50 -27.14 25.47
CA ARG F 155 19.53 -27.40 24.40
C ARG F 155 19.45 -26.29 23.36
N GLY F 156 19.62 -26.67 22.09
CA GLY F 156 19.52 -25.71 21.00
C GLY F 156 18.20 -25.79 20.25
N ALA F 157 17.39 -26.78 20.58
CA ALA F 157 16.06 -26.95 19.98
C ALA F 157 15.09 -27.49 21.02
N THR F 158 13.79 -27.33 20.77
CA THR F 158 12.72 -27.75 21.67
C THR F 158 13.02 -27.41 23.14
N VAL F 159 13.24 -26.13 23.39
CA VAL F 159 13.76 -25.64 24.66
C VAL F 159 12.73 -25.62 25.79
N HIS F 160 11.49 -25.98 25.48
CA HIS F 160 10.38 -25.97 26.43
C HIS F 160 10.73 -26.66 27.74
N GLY F 161 10.68 -25.90 28.84
CA GLY F 161 10.90 -26.50 30.14
C GLY F 161 11.22 -25.57 31.31
N HIS F 162 11.62 -24.33 31.03
CA HIS F 162 12.13 -23.44 32.07
C HIS F 162 11.08 -23.10 33.13
N ALA F 163 9.86 -22.84 32.68
CA ALA F 163 8.77 -22.46 33.56
C ALA F 163 7.92 -23.67 33.96
N LEU F 164 8.45 -24.85 33.68
CA LEU F 164 7.74 -26.09 33.97
C LEU F 164 8.16 -26.70 35.30
N ARG F 165 7.22 -27.37 35.96
CA ARG F 165 7.49 -28.12 37.17
C ARG F 165 8.49 -29.23 36.91
N LEU F 166 9.09 -29.74 37.98
CA LEU F 166 10.20 -30.67 37.87
C LEU F 166 9.77 -32.13 37.78
N ASP F 167 10.58 -32.93 37.10
CA ASP F 167 10.39 -34.37 37.00
C ASP F 167 10.39 -35.01 38.39
N GLU F 168 9.92 -36.24 38.50
CA GLU F 168 9.92 -36.98 39.76
C GLU F 168 11.33 -37.06 40.35
N ASN F 169 12.31 -37.12 39.46
CA ASN F 169 13.70 -37.24 39.85
C ASN F 169 14.30 -35.89 40.19
N GLY F 170 13.48 -34.83 40.09
CA GLY F 170 13.95 -33.49 40.41
C GLY F 170 14.62 -32.78 39.25
N LEU F 171 14.39 -33.29 38.04
CA LEU F 171 14.99 -32.73 36.84
C LEU F 171 14.01 -31.84 36.07
N MET F 172 14.54 -30.96 35.25
CA MET F 172 13.72 -30.14 34.36
C MET F 172 13.20 -31.00 33.20
N LEU F 173 12.03 -30.66 32.66
CA LEU F 173 11.49 -31.38 31.53
C LEU F 173 12.42 -31.30 30.31
N HIS F 174 12.60 -32.43 29.65
CA HIS F 174 13.26 -32.47 28.36
C HIS F 174 12.44 -33.33 27.40
N ALA F 175 11.76 -32.68 26.46
CA ALA F 175 10.92 -33.37 25.49
C ALA F 175 11.76 -34.31 24.63
N LEU F 176 13.01 -33.95 24.40
CA LEU F 176 13.92 -34.76 23.59
C LEU F 176 14.76 -35.71 24.42
N ARG F 177 14.67 -35.59 25.74
CA ARG F 177 15.35 -36.50 26.68
C ARG F 177 16.86 -36.57 26.43
N ARG F 178 17.52 -35.40 26.45
CA ARG F 178 18.95 -35.32 26.17
C ARG F 178 19.80 -35.88 27.30
N TYR F 179 19.42 -35.58 28.54
CA TYR F 179 20.12 -36.12 29.70
C TYR F 179 19.27 -37.14 30.46
N ARG F 180 19.96 -38.05 31.15
CA ARG F 180 19.31 -39.05 31.99
C ARG F 180 19.94 -39.04 33.38
N LEU F 181 19.20 -39.55 34.36
CA LEU F 181 19.73 -39.67 35.72
C LEU F 181 20.23 -41.08 36.00
N ASN F 182 21.54 -41.24 36.01
CA ASN F 182 22.17 -42.52 36.39
C ASN F 182 22.31 -42.58 37.89
N GLU F 183 21.32 -43.19 38.56
CA GLU F 183 21.30 -43.28 40.01
C GLU F 183 22.25 -44.34 40.55
N GLU F 184 22.91 -45.06 39.65
CA GLU F 184 23.99 -45.97 40.04
C GLU F 184 25.21 -45.18 40.47
N THR F 185 25.43 -44.04 39.83
CA THR F 185 26.52 -43.13 40.20
C THR F 185 25.98 -41.88 40.91
N GLY F 186 24.66 -41.68 40.83
CA GLY F 186 24.04 -40.50 41.41
C GLY F 186 24.25 -39.24 40.58
N GLU F 187 24.71 -39.43 39.35
CA GLU F 187 25.08 -38.32 38.48
C GLU F 187 24.14 -38.20 37.28
N VAL F 188 23.92 -36.96 36.84
CA VAL F 188 23.20 -36.69 35.60
C VAL F 188 24.17 -36.75 34.42
N GLU F 189 23.83 -37.54 33.41
CA GLU F 189 24.67 -37.70 32.24
C GLU F 189 23.88 -37.55 30.94
N TYR F 190 24.48 -36.86 29.97
CA TYR F 190 23.85 -36.64 28.67
C TYR F 190 24.01 -37.85 27.76
N VAL F 191 22.91 -38.28 27.15
CA VAL F 191 22.94 -39.37 26.18
C VAL F 191 22.76 -38.86 24.75
N LYS F 192 22.47 -37.58 24.62
CA LYS F 192 22.34 -36.92 23.32
C LYS F 192 23.04 -35.56 23.36
N ASP F 193 23.34 -35.01 22.19
CA ASP F 193 23.88 -33.65 22.11
C ASP F 193 22.77 -32.61 22.28
N GLN F 194 23.12 -31.33 22.21
CA GLN F 194 22.18 -30.26 22.51
C GLN F 194 21.05 -30.10 21.48
N VAL F 195 21.12 -30.87 20.39
CA VAL F 195 20.08 -30.83 19.37
C VAL F 195 19.24 -32.12 19.38
N GLY F 196 19.73 -33.15 20.06
CA GLY F 196 18.93 -34.34 20.29
C GLY F 196 19.41 -35.61 19.61
N ILE F 197 20.55 -35.54 18.95
CA ILE F 197 21.16 -36.71 18.29
C ILE F 197 21.87 -37.58 19.32
N GLU F 198 21.55 -38.87 19.31
CA GLU F 198 22.12 -39.81 20.28
C GLU F 198 23.65 -39.85 20.25
N LEU F 199 24.25 -39.77 21.43
CA LEU F 199 25.70 -39.86 21.59
C LEU F 199 26.15 -41.30 21.61
N ASP F 200 27.44 -41.52 21.39
CA ASP F 200 28.02 -42.87 21.40
C ASP F 200 28.16 -43.40 22.83
N GLU F 201 28.58 -42.52 23.74
CA GLU F 201 28.63 -42.86 25.16
C GLU F 201 28.25 -41.66 26.02
N PRO F 202 27.57 -41.91 27.16
CA PRO F 202 27.07 -40.86 28.06
C PRO F 202 28.18 -39.98 28.63
N ILE F 203 27.91 -38.68 28.69
CA ILE F 203 28.85 -37.72 29.26
C ILE F 203 28.37 -37.28 30.64
N PRO F 204 29.04 -37.76 31.71
CA PRO F 204 28.67 -37.41 33.08
C PRO F 204 29.01 -35.98 33.46
N VAL F 205 27.99 -35.13 33.50
CA VAL F 205 28.12 -33.76 33.99
C VAL F 205 27.41 -33.65 35.34
N GLY F 206 27.35 -34.78 36.05
CA GLY F 206 26.33 -34.98 37.07
C GLY F 206 26.53 -34.30 38.40
N ALA F 207 26.02 -34.97 39.44
CA ALA F 207 25.92 -34.41 40.79
C ALA F 207 25.03 -33.16 40.80
N PRO F 208 23.70 -33.35 40.72
CA PRO F 208 22.72 -32.28 40.96
C PRO F 208 22.66 -31.83 42.42
N ALA F 209 22.73 -30.52 42.62
CA ALA F 209 22.74 -29.95 43.96
C ALA F 209 21.37 -30.01 44.63
N ASP F 210 21.37 -30.05 45.96
CA ASP F 210 20.13 -29.98 46.72
C ASP F 210 19.59 -28.55 46.73
N GLU F 211 18.33 -28.40 47.15
CA GLU F 211 17.63 -27.12 47.10
C GLU F 211 18.34 -26.00 47.86
N ASP F 212 19.15 -26.37 48.86
CA ASP F 212 19.82 -25.40 49.72
C ASP F 212 20.98 -24.69 49.04
N ASP F 213 21.82 -25.46 48.34
CA ASP F 213 23.00 -24.90 47.68
C ASP F 213 22.60 -24.03 46.48
N LEU F 214 21.49 -24.38 45.85
CA LEU F 214 20.96 -23.64 44.71
C LEU F 214 20.51 -22.24 45.11
N LYS F 215 19.77 -22.16 46.22
CA LYS F 215 19.25 -20.88 46.73
C LYS F 215 20.36 -19.94 47.16
N GLU F 216 21.44 -20.51 47.70
CA GLU F 216 22.59 -19.73 48.14
C GLU F 216 23.36 -19.15 46.96
N ARG F 217 23.06 -19.63 45.76
CA ARG F 217 23.71 -19.14 44.55
C ARG F 217 22.73 -18.96 43.39
N THR F 218 21.49 -18.62 43.72
CA THR F 218 20.49 -18.36 42.69
C THR F 218 20.44 -16.88 42.34
N THR F 219 20.01 -16.58 41.12
CA THR F 219 19.88 -15.21 40.67
C THR F 219 18.43 -14.79 40.39
N ILE F 220 17.47 -15.66 40.73
CA ILE F 220 16.07 -15.32 40.49
C ILE F 220 15.35 -14.87 41.77
N TYR F 221 14.56 -13.81 41.65
CA TYR F 221 13.71 -13.38 42.74
C TYR F 221 12.45 -14.25 42.78
N ARG F 222 12.21 -14.86 43.95
CA ARG F 222 11.10 -15.79 44.11
C ARG F 222 10.42 -15.56 45.46
N ILE F 223 9.09 -15.73 45.49
CA ILE F 223 8.34 -15.58 46.73
C ILE F 223 8.75 -16.64 47.76
N ASP F 224 9.09 -17.83 47.26
CA ASP F 224 9.56 -18.93 48.11
C ASP F 224 11.08 -18.93 48.26
N GLY F 225 11.69 -17.79 47.96
CA GLY F 225 13.10 -17.59 48.23
C GLY F 225 13.33 -16.19 48.75
N THR F 226 13.90 -15.34 47.90
CA THR F 226 14.02 -13.91 48.19
C THR F 226 13.04 -13.13 47.33
N PRO F 227 11.89 -12.74 47.91
CA PRO F 227 10.84 -12.01 47.18
C PRO F 227 11.36 -10.73 46.53
N TYR F 228 10.95 -10.51 45.29
CA TYR F 228 11.27 -9.29 44.56
C TYR F 228 10.83 -8.08 45.37
N ARG F 229 9.68 -8.22 46.04
CA ARG F 229 9.12 -7.17 46.88
C ARG F 229 10.06 -6.71 47.99
N GLU F 230 10.99 -7.57 48.38
CA GLU F 230 11.92 -7.29 49.47
C GLU F 230 13.02 -6.30 49.09
N ASP F 231 13.59 -6.47 47.90
CA ASP F 231 14.66 -5.60 47.45
C ASP F 231 14.12 -4.22 47.03
N GLU F 232 14.13 -3.29 47.98
CA GLU F 232 13.58 -1.96 47.76
C GLU F 232 14.54 -1.03 47.02
N GLU F 233 15.83 -1.29 47.16
CA GLU F 233 16.87 -0.47 46.52
C GLU F 233 16.96 -0.75 45.02
N LEU F 234 16.66 -1.98 44.63
CA LEU F 234 16.57 -2.36 43.22
C LEU F 234 15.31 -1.76 42.64
N LEU F 235 14.20 -1.90 43.37
CA LEU F 235 12.91 -1.37 42.96
C LEU F 235 12.90 0.17 42.89
N GLN F 236 13.88 0.80 43.52
CA GLN F 236 14.00 2.25 43.49
C GLN F 236 14.79 2.72 42.27
N VAL F 237 15.77 1.91 41.84
CA VAL F 237 16.61 2.25 40.70
C VAL F 237 15.87 2.02 39.38
N VAL F 238 15.11 0.92 39.33
CA VAL F 238 14.32 0.58 38.15
C VAL F 238 13.16 1.56 37.94
N GLN F 239 12.68 2.12 39.04
CA GLN F 239 11.67 3.19 38.99
C GLN F 239 12.32 4.53 38.63
N ARG F 240 13.60 4.66 38.92
CA ARG F 240 14.36 5.85 38.58
C ARG F 240 14.66 5.91 37.09
N ILE F 241 15.01 4.77 36.51
CA ILE F 241 15.23 4.67 35.06
C ILE F 241 13.94 5.00 34.31
N HIS F 242 12.82 4.50 34.83
CA HIS F 242 11.50 4.78 34.25
C HIS F 242 11.18 6.27 34.27
N GLU F 243 11.39 6.92 35.41
CA GLU F 243 11.11 8.35 35.56
C GLU F 243 11.96 9.21 34.64
N LEU F 244 13.27 9.01 34.70
CA LEU F 244 14.22 9.82 33.93
C LEU F 244 14.08 9.58 32.42
N ARG F 245 13.63 8.38 32.05
CA ARG F 245 13.34 8.06 30.65
C ARG F 245 12.12 8.84 30.16
N THR F 246 11.02 8.74 30.91
CA THR F 246 9.78 9.41 30.55
C THR F 246 9.95 10.93 30.51
N LEU F 247 10.77 11.44 31.42
CA LEU F 247 11.03 12.87 31.53
C LEU F 247 11.95 13.38 30.43
N ALA F 248 13.03 12.65 30.16
CA ALA F 248 13.99 13.05 29.14
C ALA F 248 13.40 12.92 27.73
N GLY F 249 12.57 11.90 27.54
CA GLY F 249 11.90 11.72 26.26
C GLY F 249 10.91 12.83 25.96
N TYR F 250 10.35 13.40 27.02
CA TYR F 250 9.48 14.58 26.89
C TYR F 250 10.33 15.82 26.67
N ARG F 251 11.33 15.99 27.53
CA ARG F 251 12.23 17.14 27.49
C ARG F 251 13.56 16.71 28.10
N PRO F 252 14.65 16.75 27.31
CA PRO F 252 16.00 16.41 27.80
C PRO F 252 16.25 16.99 29.18
N GLU F 253 16.26 18.32 29.27
CA GLU F 253 15.87 19.06 30.48
C GLU F 253 16.25 20.53 30.43
N GLU F 254 15.35 21.37 30.91
CA GLU F 254 15.55 22.81 31.04
C GLU F 254 15.90 23.49 29.71
#